data_6KUV
#
_entry.id   6KUV
#
_cell.length_a   1.00
_cell.length_b   1.00
_cell.length_c   1.00
_cell.angle_alpha   90.00
_cell.angle_beta   90.00
_cell.angle_gamma   90.00
#
_symmetry.space_group_name_H-M   'P 1'
#
loop_
_entity.id
_entity.type
_entity.pdbx_description
1 polymer 'Polymerase 3'
2 polymer 'RNA-directed RNA polymerase catalytic subunit'
3 polymer 'Polymerase PB2'
4 polymer "3'-cRNA"
5 polymer "5'-cRNA"
#
loop_
_entity_poly.entity_id
_entity_poly.type
_entity_poly.pdbx_seq_one_letter_code
_entity_poly.pdbx_strand_id
1 'polypeptide(L)'
;MSSVIREIAKRFLEQATINIAEEVVREYGDHERTMISVGVHFQACCLISDEYTLEDETTPRYVLLEGLKRQEAISKQNNI
CSTLGLEPLRNLADIFDRKTRRFLEVGITKRESDEYYQEKFNKIGNDMDIHVFTYEGKYFSNNPNGLEDIQKTRIFTFLS
FVSDELRKENMFTEMYVTEEGAPELEMYKSKLFIAMRDESVPLPYINYEHLRTRCETFKRNQAECEAKVADVASRLKIKL
EHLEENKLRPLEIPKEKEAPYTHKFLMKDAWFFAKPHDSERAQPQQILYDFFEAANMGFMTTSPKPIFGKQGLMYHSLWG
QTKRAIKDKRNELEPSEQRDFLCGIGRASKKIQEDKWQESREEEFKQEETKGAAKRGFPTWFNEEWLWAMRDSGDGDNKI
GDWIPMAEMPPCKNEMEDYAKKMCEELESKIQGTNCAREMSKLIHTIGSLHTECRNFPGKVKIVPIYCRGTLRGESTDCL
FGIAIKGKSHLNKDDGMYTVVTFEFSTEEPNPSKHEKYTVFEAGTVPVEAVVLTPKRERVLKEKKLFLYCRTTGMSKLKN
DWFSKCRRCLIPTMETVEQIVLKECALKEENRVSEMLENKRAWIAHENGENLTRLVSTKLKDLCRMLIVTQFYYCIYNDN
QLEGFCNEQKKFLMFLQADKDSKSAFTFNQKGLYEKIEECIVSNPLCIFLADRLNKLFLVAKSNGAKYFE
;
A
2 'polypeptide(L)'
;MEINPYLLMLNNDITSMISLTYPYTGAPPMSHGTSTKYSMETVSRTYSYSRTKKEVPSGIFPIERRKFCNTIEDKENLEK
PNGNVDINFMLSLAEMLEEKMGKGFFKFCANEAEAEILKMHFSKLTEGRQTYDWTSERNMPAATALQLTVDAIQETQGTF
KGTTMVEYCNKILEMMDWPEVKFKKVRMIVQRHWDPKTKKEIKMKSPTLMITKIGREEFIKRICTINTMAKDGERGKYKR
RAIATPGMGIRPFSKIVETLAQKICERLAESGLPVGGNEKKAKLKTTVSSTNSKLQEGQFMVNITGDNSKWNECQQPEAY
LAMLAYITKDSSNLMKDLCSVAPTLFCNKYVKMGQGFRAKNKRKTKEIVIPAKKMKERKELMNAEWRDLFETIEPYMDGE
CCFLGGGMLMGMFNMLSTVFGVMTLNYREEALARRNCYWTGLQSSDDFVLFCISRTWPEMEMTILKFIAVCKLMGINMSL
EKSYGCLPELFEFTSMFFSGDFVSNIALELPAFTTAGMNEGTDFTAAMSVIRTNMINNGLSPGTALMALRICLQEFRATY
RVHPYDSGVKNHRMKIIRKFIETIENKDGLLISDGGKLMNNISSLHIPEEILKEDLMDPSYRNRVFNPRNPFTQFEKTVD
IFKASGPIRVEENEAVVSTHSFRTRSNRTLLNTDMRAMALEEKRYQVVCNMYRSVFESADVNTPIGSMSMGEAIEAKILD
RARTQFENGIIGGEEYSEIKRLIEDAKRQRLSV
;
B
3 'polypeptide(L)'
;MSLLLTLAKEYANLTKDKKSCKLLSQGTVSSYTTFKKWTTSRKEKNPSLRMRWAMGSKFPIMANREILEEAGIPEQWEGI
DLWSKKDDVSKLGMVLASPAAITYWNFCGPGVDNSSVIKDVYKAKFMKKERWRETLWGPMNFELVGKQRRVVETQPVEIK
LNQKEIKELTMWVLFEDEANLASKFIQENFSLVLSLRELYKGKAVNKDVAAFMIAHQFSPEKRFLPTFGPIRPERMELLH
CLGGDFWKIEAVTAGSLNEEQKKRDVRAVARKICLRASVDLFTPAEKIRDYIASVTMRFGTVERTFEDVIRNSDDISAEV
TLCKAALGCELGKSMSFGNLNLRKVSGEAETMEKTVYWGLKPIKYKCWRGEETFYCELRKVTCMFRRSEGLDWANIGPGS
PEERRELLAMVMIFCRDGRFFESAPVNIDESFFRTRLNKEIPYQYVLLKWVRQSRDNLDALLSTRGLIPAHIGQFGKGMG
IDGSSSSSMVYKGVMLSKTPIDIVESKEKHRLFLNDNIEAVTERGAMVASIMDLSEDNRETFNDVTFNHVDLAVLKDEKT
AIIKIYRSLVERINTDDDGLPALIMGKRYLELYQLDEVKDAVGLIPKRMLGAYSYQARQLIQSQIKNDSYSLPEIIKLLP
FCYSPPKKMLFDGTFHFKNQMYVRPGINTNLFSFSKTDKSKIYVNGSAVKIKLVLGDDEMDTSLAFVEGFQVCEYDPRAP
LIPRRDLRLIGFGKKVRVFVGQGQEKTLVRTSSKRAASHDVSKNIRRMRLEV
;
C
4 'polyribonucleotide' UCCUUGCUACUGCU R
5 'polyribonucleotide' AGCAUAAGCAGGAGA V
#
loop_
_chem_comp.id
_chem_comp.type
_chem_comp.name
_chem_comp.formula
A RNA linking ADENOSINE-5'-MONOPHOSPHATE 'C10 H14 N5 O7 P'
C RNA linking CYTIDINE-5'-MONOPHOSPHATE 'C9 H14 N3 O8 P'
G RNA linking GUANOSINE-5'-MONOPHOSPHATE 'C10 H14 N5 O8 P'
U RNA linking URIDINE-5'-MONOPHOSPHATE 'C9 H13 N2 O9 P'
#
# COMPACT_ATOMS: atom_id res chain seq x y z
N VAL A 4 -29.52 -52.14 1.05
CA VAL A 4 -29.31 -50.93 0.28
C VAL A 4 -30.59 -50.11 0.23
N ILE A 5 -30.49 -48.85 0.68
CA ILE A 5 -31.65 -47.97 0.74
C ILE A 5 -32.13 -47.59 -0.66
N ARG A 6 -31.22 -47.61 -1.64
CA ARG A 6 -31.57 -47.30 -3.02
C ARG A 6 -32.51 -48.36 -3.61
N GLU A 7 -32.25 -49.63 -3.31
CA GLU A 7 -33.11 -50.70 -3.82
C GLU A 7 -34.45 -50.73 -3.08
N ILE A 8 -34.44 -50.35 -1.79
CA ILE A 8 -35.68 -50.18 -1.04
C ILE A 8 -36.52 -49.05 -1.64
N ALA A 9 -35.85 -47.99 -2.09
CA ALA A 9 -36.55 -46.88 -2.72
C ALA A 9 -37.13 -47.29 -4.08
N LYS A 10 -36.31 -47.92 -4.93
CA LYS A 10 -36.69 -48.24 -6.31
C LYS A 10 -37.82 -49.27 -6.42
N ARG A 11 -38.22 -49.91 -5.32
CA ARG A 11 -39.44 -50.71 -5.32
C ARG A 11 -40.67 -49.84 -5.53
N PHE A 12 -40.64 -48.60 -5.05
CA PHE A 12 -41.76 -47.69 -5.22
C PHE A 12 -41.39 -46.30 -5.74
N LEU A 13 -40.11 -45.94 -5.78
CA LEU A 13 -39.69 -44.65 -6.32
C LEU A 13 -39.46 -44.77 -7.83
N GLU A 14 -39.70 -43.67 -8.53
CA GLU A 14 -39.62 -43.65 -9.98
C GLU A 14 -38.18 -43.72 -10.45
N GLN A 15 -38.02 -43.97 -11.76
CA GLN A 15 -36.69 -44.21 -12.33
C GLN A 15 -35.96 -42.91 -12.64
N ALA A 16 -36.68 -41.92 -13.17
CA ALA A 16 -36.04 -40.63 -13.48
C ALA A 16 -35.72 -39.86 -12.21
N THR A 17 -36.51 -40.04 -11.15
CA THR A 17 -36.27 -39.36 -9.89
C THR A 17 -35.00 -39.85 -9.19
N ILE A 18 -34.48 -41.01 -9.58
CA ILE A 18 -33.17 -41.45 -9.12
C ILE A 18 -32.09 -40.51 -9.62
N ASN A 19 -32.08 -40.23 -10.94
CA ASN A 19 -31.04 -39.41 -11.53
C ASN A 19 -31.24 -37.93 -11.22
N ILE A 20 -32.47 -37.43 -11.34
CA ILE A 20 -32.72 -36.02 -11.06
C ILE A 20 -32.64 -35.73 -9.57
N ALA A 21 -33.31 -36.56 -8.75
CA ALA A 21 -33.31 -36.32 -7.30
C ALA A 21 -31.94 -36.59 -6.69
N GLU A 22 -31.25 -37.63 -7.15
CA GLU A 22 -29.87 -37.87 -6.73
C GLU A 22 -28.95 -36.74 -7.17
N GLU A 23 -29.24 -36.15 -8.34
CA GLU A 23 -28.47 -34.99 -8.79
C GLU A 23 -28.72 -33.78 -7.89
N VAL A 24 -29.94 -33.60 -7.41
CA VAL A 24 -30.26 -32.50 -6.49
C VAL A 24 -29.58 -32.73 -5.14
N VAL A 25 -29.49 -33.99 -4.69
CA VAL A 25 -28.74 -34.29 -3.48
C VAL A 25 -27.25 -34.04 -3.69
N ARG A 26 -26.74 -34.29 -4.90
CA ARG A 26 -25.36 -33.91 -5.21
C ARG A 26 -25.18 -32.40 -5.26
N GLU A 27 -26.24 -31.65 -5.56
CA GLU A 27 -26.17 -30.19 -5.49
C GLU A 27 -26.14 -29.71 -4.04
N TYR A 28 -26.91 -30.38 -3.17
CA TYR A 28 -27.01 -29.93 -1.79
C TYR A 28 -25.76 -30.29 -0.99
N GLY A 29 -25.31 -31.53 -1.08
CA GLY A 29 -24.14 -31.96 -0.34
C GLY A 29 -23.94 -33.47 -0.34
N ASP A 30 -23.63 -34.03 0.82
CA ASP A 30 -23.44 -35.48 0.97
C ASP A 30 -24.41 -35.98 2.03
N HIS A 31 -25.62 -36.34 1.60
CA HIS A 31 -26.65 -36.85 2.50
C HIS A 31 -27.36 -38.02 1.82
N GLU A 32 -28.16 -38.74 2.60
CA GLU A 32 -28.84 -39.92 2.11
C GLU A 32 -30.35 -39.89 2.29
N ARG A 33 -30.83 -39.30 3.39
CA ARG A 33 -32.27 -39.19 3.59
C ARG A 33 -32.91 -38.12 2.71
N THR A 34 -32.11 -37.18 2.22
CA THR A 34 -32.63 -36.17 1.30
C THR A 34 -32.93 -36.73 -0.07
N MET A 35 -32.36 -37.89 -0.42
CA MET A 35 -32.80 -38.62 -1.61
C MET A 35 -34.25 -39.04 -1.49
N ILE A 36 -34.63 -39.55 -0.31
CA ILE A 36 -36.01 -39.95 -0.07
C ILE A 36 -36.90 -38.73 0.10
N SER A 37 -36.36 -37.64 0.66
CA SER A 37 -37.15 -36.41 0.84
C SER A 37 -37.49 -35.75 -0.49
N VAL A 38 -36.50 -35.60 -1.37
CA VAL A 38 -36.75 -35.06 -2.70
C VAL A 38 -37.54 -36.08 -3.53
N GLY A 39 -37.43 -37.37 -3.21
CA GLY A 39 -38.27 -38.36 -3.86
C GLY A 39 -39.74 -38.21 -3.51
N VAL A 40 -40.05 -37.96 -2.24
CA VAL A 40 -41.44 -37.82 -1.82
C VAL A 40 -42.02 -36.49 -2.29
N HIS A 41 -41.25 -35.40 -2.12
CA HIS A 41 -41.76 -34.09 -2.49
C HIS A 41 -41.85 -33.94 -4.01
N PHE A 42 -40.78 -34.32 -4.72
CA PHE A 42 -40.77 -34.20 -6.17
C PHE A 42 -41.69 -35.20 -6.84
N GLN A 43 -41.79 -36.42 -6.28
CA GLN A 43 -42.71 -37.41 -6.84
C GLN A 43 -44.15 -37.02 -6.58
N ALA A 44 -44.43 -36.39 -5.43
CA ALA A 44 -45.77 -35.89 -5.15
C ALA A 44 -46.13 -34.73 -6.08
N CYS A 45 -45.15 -33.86 -6.39
CA CYS A 45 -45.38 -32.80 -7.36
C CYS A 45 -45.56 -33.35 -8.76
N CYS A 46 -44.93 -34.50 -9.08
CA CYS A 46 -45.24 -35.18 -10.33
C CYS A 46 -46.64 -35.77 -10.31
N LEU A 47 -47.14 -36.17 -9.12
CA LEU A 47 -48.50 -36.66 -9.02
C LEU A 47 -49.52 -35.54 -9.14
N ILE A 48 -49.14 -34.31 -8.78
CA ILE A 48 -50.04 -33.18 -8.97
C ILE A 48 -50.16 -32.82 -10.46
N SER A 49 -49.06 -32.94 -11.20
CA SER A 49 -49.01 -32.59 -12.62
C SER A 49 -49.03 -33.83 -13.51
N ASP A 50 -49.84 -34.84 -13.15
CA ASP A 50 -49.80 -36.12 -13.85
C ASP A 50 -50.80 -36.19 -15.02
N GLU A 51 -52.09 -35.99 -14.75
CA GLU A 51 -53.12 -36.20 -15.75
C GLU A 51 -53.90 -34.94 -16.11
N TYR A 52 -53.59 -33.79 -15.50
CA TYR A 52 -54.38 -32.58 -15.71
C TYR A 52 -53.98 -31.90 -17.01
N THR A 53 -54.45 -30.66 -17.19
CA THR A 53 -54.25 -29.81 -18.37
C THR A 53 -54.72 -30.51 -19.65
N LEU A 54 -56.03 -30.76 -19.70
CA LEU A 54 -56.65 -31.33 -20.90
C LEU A 54 -56.55 -30.35 -22.07
N GLU A 55 -57.19 -29.19 -21.95
CA GLU A 55 -57.02 -28.09 -22.87
C GLU A 55 -56.55 -26.86 -22.10
N ASP A 56 -55.59 -26.15 -22.68
CA ASP A 56 -54.94 -25.04 -22.01
C ASP A 56 -54.32 -24.15 -23.09
N GLU A 57 -53.42 -23.25 -22.70
CA GLU A 57 -52.70 -22.39 -23.61
C GLU A 57 -51.51 -23.17 -24.21
N THR A 58 -50.59 -22.43 -24.83
CA THR A 58 -49.36 -23.05 -25.36
C THR A 58 -48.54 -23.67 -24.24
N THR A 59 -48.41 -22.97 -23.12
CA THR A 59 -47.87 -23.49 -21.87
C THR A 59 -49.00 -23.99 -20.98
N PRO A 60 -48.82 -25.13 -20.29
CA PRO A 60 -49.93 -25.70 -19.50
C PRO A 60 -50.23 -24.94 -18.21
N ARG A 61 -51.19 -25.46 -17.45
CA ARG A 61 -51.63 -24.80 -16.23
C ARG A 61 -50.62 -24.99 -15.10
N TYR A 62 -49.99 -26.16 -15.02
CA TYR A 62 -48.98 -26.44 -14.02
C TYR A 62 -47.59 -26.37 -14.63
N VAL A 63 -46.66 -25.77 -13.90
CA VAL A 63 -45.25 -25.69 -14.32
C VAL A 63 -44.41 -26.26 -13.19
N LEU A 64 -43.66 -27.32 -13.50
CA LEU A 64 -42.87 -28.06 -12.52
C LEU A 64 -41.43 -27.57 -12.59
N LEU A 65 -41.03 -26.76 -11.61
CA LEU A 65 -39.66 -26.25 -11.54
C LEU A 65 -39.04 -26.34 -10.15
N GLU A 66 -39.69 -27.01 -9.20
CA GLU A 66 -39.08 -27.17 -7.88
C GLU A 66 -37.94 -28.19 -7.92
N GLY A 67 -38.18 -29.33 -8.54
CA GLY A 67 -37.11 -30.30 -8.71
C GLY A 67 -36.39 -30.09 -10.01
N LEU A 68 -35.26 -29.38 -9.96
CA LEU A 68 -34.54 -28.95 -11.14
C LEU A 68 -33.14 -28.56 -10.70
N LYS A 69 -32.25 -28.39 -11.68
CA LYS A 69 -30.91 -27.86 -11.46
C LYS A 69 -30.97 -26.51 -10.77
N ARG A 70 -30.39 -26.43 -9.57
CA ARG A 70 -30.62 -25.29 -8.67
C ARG A 70 -29.78 -24.08 -9.12
N GLN A 71 -30.15 -23.56 -10.28
CA GLN A 71 -29.80 -22.23 -10.76
C GLN A 71 -30.94 -21.50 -11.44
N GLU A 72 -32.02 -22.17 -11.83
CA GLU A 72 -32.85 -21.74 -12.94
C GLU A 72 -34.32 -21.58 -12.63
N ALA A 73 -34.79 -21.94 -11.44
CA ALA A 73 -36.18 -21.63 -11.08
C ALA A 73 -36.38 -20.14 -10.91
N ILE A 74 -35.33 -19.42 -10.49
CA ILE A 74 -35.40 -17.98 -10.34
C ILE A 74 -35.45 -17.31 -11.71
N SER A 75 -34.70 -17.84 -12.69
CA SER A 75 -34.63 -17.23 -14.01
C SER A 75 -35.94 -17.41 -14.78
N LYS A 76 -36.48 -18.63 -14.80
CA LYS A 76 -37.78 -18.86 -15.44
C LYS A 76 -38.90 -18.21 -14.65
N GLN A 77 -38.73 -18.10 -13.33
CA GLN A 77 -39.64 -17.30 -12.50
C GLN A 77 -39.62 -15.84 -12.91
N ASN A 78 -38.46 -15.35 -13.37
CA ASN A 78 -38.37 -14.00 -13.91
C ASN A 78 -38.86 -13.90 -15.35
N ASN A 79 -38.87 -15.00 -16.11
CA ASN A 79 -39.43 -14.95 -17.45
C ASN A 79 -40.96 -14.92 -17.43
N ILE A 80 -41.56 -15.62 -16.48
CA ILE A 80 -43.02 -15.60 -16.35
C ILE A 80 -43.48 -14.37 -15.57
N CYS A 81 -42.87 -14.12 -14.41
CA CYS A 81 -43.21 -12.96 -13.61
C CYS A 81 -42.75 -11.65 -14.24
N SER A 82 -41.84 -11.69 -15.22
CA SER A 82 -41.56 -10.53 -16.04
C SER A 82 -42.39 -10.47 -17.31
N THR A 83 -42.93 -11.61 -17.76
CA THR A 83 -43.88 -11.59 -18.87
C THR A 83 -45.21 -10.97 -18.46
N LEU A 84 -45.85 -11.53 -17.43
CA LEU A 84 -47.15 -11.02 -17.02
C LEU A 84 -47.05 -9.82 -16.10
N GLY A 85 -46.04 -9.81 -15.23
CA GLY A 85 -45.89 -8.79 -14.20
C GLY A 85 -46.32 -9.30 -12.84
N LEU A 86 -45.36 -9.87 -12.09
CA LEU A 86 -45.57 -10.32 -10.73
C LEU A 86 -44.27 -10.09 -9.95
N GLU A 87 -44.32 -10.34 -8.64
CA GLU A 87 -43.13 -10.16 -7.79
C GLU A 87 -43.17 -11.10 -6.58
N PRO A 88 -42.14 -11.93 -6.40
CA PRO A 88 -42.07 -12.79 -5.21
C PRO A 88 -41.69 -12.01 -3.97
N LEU A 89 -41.79 -12.70 -2.83
CA LEU A 89 -41.71 -12.12 -1.49
C LEU A 89 -40.65 -12.83 -0.66
N ARG A 90 -39.40 -12.82 -1.16
CA ARG A 90 -38.24 -13.51 -0.55
C ARG A 90 -38.46 -15.01 -0.41
N ASN A 91 -39.16 -15.61 -1.36
CA ASN A 91 -39.46 -17.04 -1.25
C ASN A 91 -39.59 -17.61 -2.65
N LEU A 92 -39.28 -18.89 -2.78
CA LEU A 92 -39.37 -19.60 -4.04
C LEU A 92 -40.53 -20.58 -3.97
N ALA A 93 -41.22 -20.74 -5.09
CA ALA A 93 -42.45 -21.52 -5.15
C ALA A 93 -42.21 -22.91 -5.71
N ASP A 94 -43.10 -23.83 -5.38
CA ASP A 94 -42.94 -25.22 -5.79
C ASP A 94 -43.41 -25.41 -7.24
N ILE A 95 -44.69 -25.17 -7.49
CA ILE A 95 -45.28 -25.36 -8.82
C ILE A 95 -45.88 -24.03 -9.26
N PHE A 96 -45.48 -23.58 -10.44
CA PHE A 96 -45.93 -22.30 -10.97
C PHE A 96 -47.28 -22.47 -11.67
N ASP A 97 -48.28 -21.76 -11.17
CA ASP A 97 -49.62 -21.76 -11.75
C ASP A 97 -49.86 -20.44 -12.48
N ARG A 98 -50.50 -20.51 -13.64
CA ARG A 98 -50.88 -19.34 -14.41
C ARG A 98 -52.38 -19.18 -14.59
N LYS A 99 -53.18 -20.19 -14.22
CA LYS A 99 -54.63 -20.03 -14.26
C LYS A 99 -55.12 -19.09 -13.18
N THR A 100 -54.50 -19.14 -12.00
CA THR A 100 -54.88 -18.30 -10.87
C THR A 100 -53.98 -17.08 -10.71
N ARG A 101 -52.92 -16.96 -11.54
CA ARG A 101 -51.94 -15.87 -11.51
C ARG A 101 -51.26 -15.73 -10.16
N ARG A 102 -51.08 -16.85 -9.45
CA ARG A 102 -50.40 -16.86 -8.16
C ARG A 102 -49.45 -18.05 -8.12
N PHE A 103 -48.81 -18.23 -6.96
CA PHE A 103 -47.88 -19.33 -6.75
C PHE A 103 -48.57 -20.49 -6.05
N LEU A 104 -47.80 -21.55 -5.80
CA LEU A 104 -48.32 -22.74 -5.13
C LEU A 104 -47.15 -23.42 -4.45
N GLU A 105 -47.22 -23.55 -3.13
CA GLU A 105 -46.13 -24.13 -2.36
C GLU A 105 -46.68 -25.22 -1.45
N VAL A 106 -46.01 -26.37 -1.45
CA VAL A 106 -46.48 -27.58 -0.79
C VAL A 106 -45.49 -27.95 0.31
N GLY A 107 -46.00 -28.19 1.51
CA GLY A 107 -45.20 -28.70 2.61
C GLY A 107 -45.73 -30.06 3.03
N ILE A 108 -44.82 -30.93 3.47
CA ILE A 108 -45.16 -32.28 3.90
C ILE A 108 -44.55 -32.50 5.28
N THR A 109 -45.37 -32.91 6.25
CA THR A 109 -44.88 -33.11 7.60
C THR A 109 -45.46 -34.39 8.19
N LYS A 110 -44.92 -34.78 9.35
CA LYS A 110 -45.45 -35.89 10.15
C LYS A 110 -46.22 -35.42 11.37
N ARG A 111 -46.09 -34.14 11.73
CA ARG A 111 -46.76 -33.60 12.90
C ARG A 111 -48.16 -33.12 12.52
N GLU A 112 -48.78 -32.34 13.41
CA GLU A 112 -50.08 -31.75 13.10
C GLU A 112 -49.92 -30.67 12.04
N SER A 113 -50.91 -30.58 11.14
CA SER A 113 -50.88 -29.61 10.05
C SER A 113 -51.23 -28.20 10.49
N ASP A 114 -51.45 -27.97 11.79
CA ASP A 114 -51.72 -26.63 12.28
C ASP A 114 -50.43 -25.85 12.54
N GLU A 115 -49.44 -26.50 13.15
CA GLU A 115 -48.25 -25.80 13.61
C GLU A 115 -47.34 -25.40 12.45
N TYR A 116 -47.21 -26.26 11.44
CA TYR A 116 -46.34 -25.96 10.30
C TYR A 116 -46.88 -24.82 9.47
N TYR A 117 -48.21 -24.75 9.33
CA TYR A 117 -48.83 -23.61 8.66
C TYR A 117 -48.70 -22.34 9.49
N GLN A 118 -48.61 -22.46 10.82
CA GLN A 118 -48.27 -21.29 11.63
C GLN A 118 -46.80 -20.92 11.51
N GLU A 119 -45.94 -21.86 11.15
CA GLU A 119 -44.54 -21.54 10.91
C GLU A 119 -44.37 -20.77 9.61
N LYS A 120 -44.79 -21.37 8.49
CA LYS A 120 -44.60 -20.72 7.20
C LYS A 120 -45.53 -19.53 7.01
N PHE A 121 -46.74 -19.61 7.58
CA PHE A 121 -47.63 -18.45 7.62
C PHE A 121 -47.13 -17.39 8.58
N ASN A 122 -46.38 -17.79 9.61
CA ASN A 122 -45.72 -16.80 10.46
C ASN A 122 -44.57 -16.14 9.70
N LYS A 123 -43.98 -16.85 8.73
CA LYS A 123 -42.90 -16.27 7.93
C LYS A 123 -43.44 -15.30 6.88
N ILE A 124 -44.28 -15.77 5.96
CA ILE A 124 -44.65 -14.99 4.78
C ILE A 124 -46.09 -14.50 4.80
N GLY A 125 -46.95 -15.04 5.67
CA GLY A 125 -48.31 -14.53 5.76
C GLY A 125 -49.21 -14.96 4.62
N ASN A 126 -50.11 -14.06 4.21
CA ASN A 126 -51.06 -14.30 3.13
C ASN A 126 -50.54 -13.81 1.78
N ASP A 127 -49.23 -13.82 1.59
CA ASP A 127 -48.65 -13.35 0.33
C ASP A 127 -48.74 -14.42 -0.75
N MET A 128 -48.10 -15.57 -0.51
CA MET A 128 -48.16 -16.69 -1.42
C MET A 128 -49.22 -17.68 -0.97
N ASP A 129 -49.35 -18.80 -1.69
CA ASP A 129 -50.34 -19.82 -1.41
C ASP A 129 -49.63 -21.03 -0.81
N ILE A 130 -50.09 -21.46 0.37
CA ILE A 130 -49.44 -22.50 1.15
C ILE A 130 -50.42 -23.65 1.35
N HIS A 131 -49.97 -24.87 1.04
CA HIS A 131 -50.76 -26.07 1.28
C HIS A 131 -49.92 -27.07 2.05
N VAL A 132 -50.44 -27.52 3.20
CA VAL A 132 -49.71 -28.39 4.13
C VAL A 132 -50.36 -29.76 4.13
N PHE A 133 -49.55 -30.80 3.89
CA PHE A 133 -49.98 -32.18 3.89
C PHE A 133 -49.27 -32.98 4.98
N THR A 134 -49.86 -34.13 5.29
CA THR A 134 -49.43 -34.94 6.42
C THR A 134 -49.55 -36.41 6.02
N TYR A 135 -48.56 -37.22 6.42
CA TYR A 135 -48.64 -38.66 6.23
C TYR A 135 -49.80 -39.27 6.99
N GLU A 136 -50.14 -38.72 8.15
CA GLU A 136 -51.22 -39.26 8.97
C GLU A 136 -52.60 -38.94 8.41
N GLY A 137 -52.72 -37.91 7.57
CA GLY A 137 -53.99 -37.58 6.96
C GLY A 137 -54.57 -36.27 7.44
N LYS A 138 -53.74 -35.36 7.91
CA LYS A 138 -54.18 -34.05 8.35
C LYS A 138 -53.97 -33.03 7.24
N TYR A 139 -54.83 -32.00 7.22
CA TYR A 139 -54.81 -31.01 6.15
C TYR A 139 -55.37 -29.70 6.68
N PHE A 140 -54.48 -28.73 6.91
CA PHE A 140 -54.85 -27.37 7.30
C PHE A 140 -54.06 -26.42 6.42
N SER A 141 -54.75 -25.73 5.51
CA SER A 141 -54.07 -24.97 4.47
C SER A 141 -54.77 -23.62 4.30
N ASN A 142 -54.45 -22.96 3.20
CA ASN A 142 -54.97 -21.63 2.91
C ASN A 142 -56.44 -21.71 2.48
N ASN A 143 -57.15 -20.60 2.65
CA ASN A 143 -58.58 -20.48 2.38
C ASN A 143 -59.01 -20.67 0.92
N PRO A 144 -58.34 -20.12 -0.12
CA PRO A 144 -58.76 -20.45 -1.48
C PRO A 144 -58.41 -21.88 -1.87
N ASN A 145 -59.18 -22.41 -2.82
CA ASN A 145 -59.07 -23.81 -3.23
C ASN A 145 -59.09 -23.87 -4.75
N GLY A 146 -59.23 -25.08 -5.28
CA GLY A 146 -59.18 -25.29 -6.72
C GLY A 146 -60.08 -26.42 -7.19
N LEU A 147 -59.52 -27.33 -7.97
CA LEU A 147 -60.23 -28.48 -8.53
C LEU A 147 -59.93 -29.77 -7.77
N GLU A 148 -59.88 -29.69 -6.43
CA GLU A 148 -59.40 -30.80 -5.60
C GLU A 148 -60.47 -31.90 -5.48
N ASP A 149 -60.20 -32.84 -4.55
CA ASP A 149 -60.90 -34.12 -4.35
C ASP A 149 -60.71 -35.09 -5.51
N ILE A 150 -59.71 -34.84 -6.35
CA ILE A 150 -59.24 -35.80 -7.34
C ILE A 150 -57.76 -36.02 -7.08
N GLN A 151 -56.99 -34.94 -7.10
CA GLN A 151 -55.57 -35.02 -6.79
C GLN A 151 -55.32 -35.27 -5.31
N LYS A 152 -56.23 -34.81 -4.43
CA LYS A 152 -56.06 -35.04 -3.00
C LYS A 152 -56.27 -36.50 -2.64
N THR A 153 -57.22 -37.17 -3.31
CA THR A 153 -57.47 -38.58 -3.05
C THR A 153 -56.26 -39.43 -3.43
N ARG A 154 -55.63 -39.13 -4.57
CA ARG A 154 -54.47 -39.90 -4.98
C ARG A 154 -53.22 -39.51 -4.19
N ILE A 155 -53.14 -38.26 -3.70
CA ILE A 155 -51.92 -37.91 -2.97
C ILE A 155 -52.00 -38.40 -1.52
N PHE A 156 -53.18 -38.47 -0.91
CA PHE A 156 -53.30 -39.14 0.38
C PHE A 156 -53.29 -40.65 0.24
N THR A 157 -53.67 -41.16 -0.94
CA THR A 157 -53.47 -42.58 -1.23
C THR A 157 -51.98 -42.90 -1.32
N PHE A 158 -51.20 -41.99 -1.91
CA PHE A 158 -49.76 -42.20 -2.04
C PHE A 158 -49.05 -42.03 -0.70
N LEU A 159 -49.49 -41.06 0.12
CA LEU A 159 -48.94 -40.93 1.46
C LEU A 159 -49.32 -42.09 2.36
N SER A 160 -50.50 -42.67 2.13
CA SER A 160 -50.85 -43.91 2.83
C SER A 160 -50.02 -45.09 2.31
N PHE A 161 -49.64 -45.06 1.03
CA PHE A 161 -48.85 -46.14 0.45
C PHE A 161 -47.43 -46.13 1.01
N VAL A 162 -46.73 -45.00 0.87
CA VAL A 162 -45.36 -44.89 1.35
C VAL A 162 -45.33 -44.88 2.88
N SER A 163 -46.41 -44.38 3.51
CA SER A 163 -46.50 -44.44 4.97
C SER A 163 -46.65 -45.88 5.46
N ASP A 164 -47.41 -46.70 4.73
CA ASP A 164 -47.49 -48.12 5.08
C ASP A 164 -46.21 -48.86 4.74
N GLU A 165 -45.46 -48.39 3.74
CA GLU A 165 -44.13 -48.94 3.49
C GLU A 165 -43.18 -48.63 4.63
N LEU A 166 -43.26 -47.43 5.19
CA LEU A 166 -42.44 -47.08 6.35
C LEU A 166 -42.92 -47.80 7.60
N ARG A 167 -44.21 -48.16 7.66
CA ARG A 167 -44.68 -49.01 8.75
C ARG A 167 -44.20 -50.46 8.58
N LYS A 168 -44.01 -50.90 7.34
CA LYS A 168 -43.49 -52.23 7.08
C LYS A 168 -41.96 -52.31 7.06
N GLU A 169 -41.28 -51.16 7.14
CA GLU A 169 -39.82 -51.14 7.14
C GLU A 169 -39.22 -50.47 8.36
N ASN A 170 -40.04 -49.81 9.19
CA ASN A 170 -39.64 -49.15 10.45
C ASN A 170 -38.55 -48.08 10.21
N MET A 171 -38.94 -47.06 9.45
CA MET A 171 -38.07 -45.91 9.16
C MET A 171 -38.90 -44.65 9.42
N PHE A 172 -38.87 -44.17 10.66
CA PHE A 172 -39.61 -42.98 11.07
C PHE A 172 -38.72 -41.83 11.50
N THR A 173 -37.65 -42.11 12.25
CA THR A 173 -36.70 -41.09 12.65
C THR A 173 -35.71 -40.74 11.54
N GLU A 174 -35.62 -41.57 10.50
CA GLU A 174 -34.77 -41.31 9.35
C GLU A 174 -35.42 -40.38 8.34
N MET A 175 -36.73 -40.12 8.49
CA MET A 175 -37.51 -39.35 7.53
C MET A 175 -37.66 -37.90 7.93
N TYR A 176 -36.63 -37.30 8.54
CA TYR A 176 -36.69 -35.93 9.02
C TYR A 176 -36.26 -34.96 7.93
N VAL A 177 -37.01 -33.86 7.80
CA VAL A 177 -36.73 -32.82 6.82
C VAL A 177 -35.99 -31.69 7.50
N THR A 178 -34.86 -31.28 6.92
CA THR A 178 -33.95 -30.23 7.42
C THR A 178 -33.53 -30.43 8.87
N GLU A 184 -23.13 -26.82 11.31
CA GLU A 184 -22.66 -25.45 11.20
C GLU A 184 -21.58 -25.15 12.23
N LEU A 185 -21.84 -25.54 13.49
CA LEU A 185 -20.96 -25.21 14.60
C LEU A 185 -19.93 -26.29 14.88
N GLU A 186 -19.51 -27.03 13.86
CA GLU A 186 -18.53 -28.09 14.01
C GLU A 186 -17.25 -27.72 13.28
N MET A 187 -16.15 -27.64 14.02
CA MET A 187 -14.83 -27.52 13.43
C MET A 187 -14.28 -28.93 13.21
N TYR A 188 -13.48 -29.08 12.15
CA TYR A 188 -12.86 -30.36 11.84
C TYR A 188 -11.80 -30.69 12.87
N LYS A 189 -12.15 -31.56 13.82
CA LYS A 189 -11.22 -31.98 14.88
C LYS A 189 -10.22 -32.96 14.28
N SER A 190 -9.05 -32.46 13.92
CA SER A 190 -8.02 -33.29 13.33
C SER A 190 -7.17 -33.92 14.44
N LYS A 191 -6.14 -34.66 14.04
CA LYS A 191 -5.35 -35.46 14.97
C LYS A 191 -4.01 -34.81 15.33
N LEU A 192 -3.27 -34.31 14.34
CA LEU A 192 -1.98 -33.71 14.63
C LEU A 192 -2.11 -32.32 15.27
N PHE A 193 -3.20 -31.62 14.99
CA PHE A 193 -3.41 -30.31 15.58
C PHE A 193 -3.81 -30.40 17.05
N ILE A 194 -4.54 -31.44 17.45
CA ILE A 194 -4.86 -31.57 18.87
C ILE A 194 -3.63 -32.09 19.63
N ALA A 195 -2.75 -32.83 18.97
CA ALA A 195 -1.47 -33.19 19.56
C ALA A 195 -0.49 -32.02 19.56
N MET A 196 -0.74 -30.99 18.76
CA MET A 196 0.10 -29.80 18.74
C MET A 196 -0.36 -28.74 19.73
N ARG A 197 -1.68 -28.57 19.88
CA ARG A 197 -2.21 -27.55 20.78
C ARG A 197 -1.96 -27.90 22.24
N ASP A 198 -2.03 -29.18 22.60
CA ASP A 198 -1.71 -29.59 23.96
C ASP A 198 -0.21 -29.52 24.24
N GLU A 199 0.62 -29.50 23.20
CA GLU A 199 2.07 -29.38 23.39
C GLU A 199 2.50 -27.93 23.62
N SER A 200 1.72 -26.97 23.15
CA SER A 200 2.08 -25.56 23.22
C SER A 200 1.18 -24.81 24.20
N VAL A 201 0.94 -25.42 25.36
CA VAL A 201 0.24 -24.77 26.47
C VAL A 201 1.31 -24.20 27.39
N PRO A 202 0.98 -23.28 28.31
CA PRO A 202 1.95 -22.88 29.32
C PRO A 202 2.31 -24.02 30.26
N LEU A 203 3.43 -23.82 30.98
CA LEU A 203 4.02 -24.89 31.77
C LEU A 203 3.19 -25.39 32.97
N PRO A 204 2.43 -24.59 33.72
CA PRO A 204 1.57 -25.18 34.76
C PRO A 204 0.31 -25.87 34.26
N TYR A 205 0.21 -26.22 32.98
CA TYR A 205 -0.97 -26.86 32.44
C TYR A 205 -0.56 -28.10 31.65
N ILE A 206 -1.46 -29.08 31.60
CA ILE A 206 -1.20 -30.35 30.92
C ILE A 206 -1.81 -30.37 29.53
N ASN A 207 -3.12 -30.13 29.44
CA ASN A 207 -3.82 -30.11 28.17
C ASN A 207 -4.55 -28.79 28.00
N TYR A 208 -5.11 -28.58 26.81
CA TYR A 208 -5.90 -27.38 26.55
C TYR A 208 -7.24 -27.40 27.27
N GLU A 209 -7.73 -28.59 27.65
CA GLU A 209 -9.01 -28.70 28.35
C GLU A 209 -8.93 -28.10 29.75
N HIS A 210 -7.85 -28.39 30.48
CA HIS A 210 -7.69 -27.87 31.83
C HIS A 210 -7.45 -26.37 31.83
N LEU A 211 -6.70 -25.87 30.83
CA LEU A 211 -6.52 -24.44 30.68
C LEU A 211 -7.83 -23.75 30.32
N ARG A 212 -8.66 -24.41 29.51
CA ARG A 212 -9.93 -23.81 29.13
C ARG A 212 -10.91 -23.78 30.31
N THR A 213 -10.91 -24.84 31.13
CA THR A 213 -11.77 -24.85 32.30
C THR A 213 -11.30 -23.89 33.38
N ARG A 214 -9.98 -23.71 33.53
CA ARG A 214 -9.50 -22.77 34.54
C ARG A 214 -9.66 -21.32 34.07
N CYS A 215 -9.54 -21.07 32.77
CA CYS A 215 -9.90 -19.75 32.26
C CYS A 215 -11.40 -19.50 32.28
N GLU A 216 -12.22 -20.54 32.21
CA GLU A 216 -13.67 -20.36 32.35
C GLU A 216 -14.12 -20.26 33.79
N THR A 217 -13.27 -20.64 34.76
CA THR A 217 -13.63 -20.56 36.17
C THR A 217 -12.65 -19.69 36.94
N PHE A 218 -12.32 -18.51 36.41
CA PHE A 218 -11.31 -17.64 37.00
C PHE A 218 -11.96 -16.50 37.76
N LYS A 219 -11.48 -16.27 38.98
CA LYS A 219 -11.78 -15.08 39.76
C LYS A 219 -10.48 -14.51 40.32
N ARG A 220 -10.36 -13.18 40.32
CA ARG A 220 -9.12 -12.57 40.76
C ARG A 220 -9.06 -12.50 42.29
N ASN A 221 -7.93 -12.05 42.80
CA ASN A 221 -7.65 -12.08 44.23
C ASN A 221 -6.90 -10.80 44.59
N GLN A 222 -6.35 -10.72 45.80
CA GLN A 222 -5.55 -9.59 46.23
C GLN A 222 -4.11 -9.99 46.50
N ALA A 223 -3.67 -11.10 45.92
CA ALA A 223 -2.25 -11.41 45.80
C ALA A 223 -1.61 -10.70 44.61
N GLU A 224 -2.43 -10.03 43.79
CA GLU A 224 -1.95 -9.23 42.68
C GLU A 224 -1.08 -8.08 43.17
N CYS A 225 -1.56 -7.34 44.19
CA CYS A 225 -0.83 -6.19 44.70
C CYS A 225 0.43 -6.59 45.44
N GLU A 226 0.45 -7.80 46.03
CA GLU A 226 1.66 -8.26 46.71
C GLU A 226 2.77 -8.57 45.71
N ALA A 227 2.41 -9.18 44.57
CA ALA A 227 3.39 -9.38 43.51
C ALA A 227 3.78 -8.06 42.84
N LYS A 228 2.84 -7.10 42.81
CA LYS A 228 3.14 -5.81 42.22
C LYS A 228 4.16 -5.03 43.06
N VAL A 229 3.92 -4.92 44.37
CA VAL A 229 4.86 -4.23 45.25
C VAL A 229 6.15 -5.03 45.39
N ALA A 230 6.06 -6.36 45.33
CA ALA A 230 7.26 -7.20 45.23
C ALA A 230 8.03 -6.99 43.94
N ASP A 231 7.39 -6.45 42.90
CA ASP A 231 8.11 -5.99 41.72
C ASP A 231 8.59 -4.54 41.88
N VAL A 232 7.93 -3.76 42.74
CA VAL A 232 8.37 -2.38 42.99
C VAL A 232 9.68 -2.37 43.77
N ALA A 233 9.82 -3.27 44.74
CA ALA A 233 10.93 -3.19 45.69
C ALA A 233 12.28 -3.52 45.04
N SER A 234 12.30 -4.50 44.15
CA SER A 234 13.55 -4.90 43.50
C SER A 234 13.77 -4.19 42.17
N ARG A 235 13.70 -2.87 42.17
CA ARG A 235 13.75 -2.09 40.94
C ARG A 235 15.00 -1.22 40.82
N LEU A 236 15.25 -0.35 41.80
CA LEU A 236 16.36 0.59 41.86
C LEU A 236 16.39 1.51 40.62
N LYS A 237 15.32 2.31 40.53
CA LYS A 237 15.13 3.23 39.41
C LYS A 237 14.63 4.55 39.94
N ILE A 238 15.39 5.61 39.70
CA ILE A 238 15.04 6.95 40.15
C ILE A 238 14.92 7.85 38.92
N LYS A 239 14.03 8.84 39.00
CA LYS A 239 13.88 9.81 37.93
C LYS A 239 14.87 10.95 38.12
N LEU A 240 15.25 11.56 37.00
CA LEU A 240 16.24 12.63 36.98
C LEU A 240 15.55 13.93 36.60
N GLU A 241 15.53 14.88 37.53
CA GLU A 241 14.96 16.20 37.27
C GLU A 241 15.92 17.04 36.44
N HIS A 242 15.52 18.28 36.15
CA HIS A 242 16.38 19.21 35.43
C HIS A 242 16.69 20.50 36.17
N LEU A 243 15.83 20.94 37.09
CA LEU A 243 16.10 22.20 37.78
C LEU A 243 17.20 22.06 38.84
N GLU A 244 17.54 20.84 39.23
CA GLU A 244 18.58 20.61 40.23
C GLU A 244 19.81 19.90 39.70
N GLU A 245 19.69 19.14 38.62
CA GLU A 245 20.79 18.33 38.09
C GLU A 245 20.85 18.48 36.56
N ASN A 246 20.92 19.72 36.10
CA ASN A 246 20.84 20.06 34.68
C ASN A 246 22.06 19.63 33.88
N LYS A 247 22.20 18.31 33.71
CA LYS A 247 23.38 17.70 33.11
C LYS A 247 23.26 17.59 31.59
N LEU A 248 22.49 18.45 30.94
CA LEU A 248 22.41 18.47 29.48
C LEU A 248 23.70 19.07 28.94
N ARG A 249 24.72 18.22 28.87
CA ARG A 249 26.05 18.58 28.42
C ARG A 249 26.07 18.67 26.89
N PRO A 250 26.99 19.44 26.32
CA PRO A 250 27.13 19.45 24.85
C PRO A 250 27.63 18.12 24.33
N LEU A 251 27.29 17.85 23.08
CA LEU A 251 27.58 16.57 22.46
C LEU A 251 29.07 16.42 22.15
N GLU A 252 29.49 15.18 21.93
CA GLU A 252 30.88 14.87 21.65
C GLU A 252 31.10 14.87 20.14
N ILE A 253 31.56 16.00 19.63
CA ILE A 253 32.02 16.09 18.24
C ILE A 253 33.39 15.44 18.21
N PRO A 254 33.69 14.57 17.24
CA PRO A 254 34.98 13.88 17.22
C PRO A 254 36.13 14.84 16.90
N LYS A 255 37.20 14.73 17.69
CA LYS A 255 38.41 15.53 17.49
C LYS A 255 39.41 14.69 16.72
N GLU A 256 39.18 14.58 15.42
CA GLU A 256 40.03 13.78 14.53
C GLU A 256 40.20 14.56 13.23
N LYS A 257 40.63 13.85 12.18
CA LYS A 257 40.86 14.45 10.87
C LYS A 257 39.56 15.02 10.30
N GLU A 258 39.68 16.14 9.60
CA GLU A 258 38.51 16.88 9.14
C GLU A 258 37.79 16.13 8.03
N ALA A 259 36.45 16.20 8.04
CA ALA A 259 35.64 15.49 7.06
C ALA A 259 35.78 16.15 5.70
N PRO A 260 35.99 15.39 4.63
CA PRO A 260 36.29 15.97 3.32
C PRO A 260 35.01 16.44 2.62
N TYR A 261 35.21 16.97 1.42
CA TYR A 261 34.09 17.37 0.57
C TYR A 261 33.64 16.14 -0.23
N THR A 262 32.40 15.70 0.01
CA THR A 262 31.94 14.41 -0.47
C THR A 262 30.83 14.51 -1.52
N HIS A 263 30.40 15.72 -1.88
CA HIS A 263 29.39 15.87 -2.91
C HIS A 263 29.96 15.49 -4.27
N LYS A 264 29.07 15.02 -5.16
CA LYS A 264 29.51 14.50 -6.44
C LYS A 264 30.03 15.59 -7.36
N PHE A 265 29.46 16.79 -7.27
CA PHE A 265 29.84 17.92 -8.10
C PHE A 265 30.51 18.99 -7.25
N LEU A 266 30.89 20.08 -7.89
CA LEU A 266 31.42 21.25 -7.20
C LEU A 266 30.34 22.32 -7.10
N MET A 267 30.11 22.82 -5.89
CA MET A 267 29.15 23.89 -5.69
C MET A 267 29.81 25.26 -5.71
N LYS A 268 30.69 25.54 -4.75
CA LYS A 268 31.20 26.90 -4.58
C LYS A 268 32.36 27.19 -5.53
N ASP A 269 33.07 26.15 -5.97
CA ASP A 269 34.29 26.33 -6.75
C ASP A 269 34.06 26.06 -8.23
N ALA A 270 32.88 26.39 -8.73
CA ALA A 270 32.52 26.10 -10.11
C ALA A 270 32.89 27.26 -11.04
N TRP A 271 33.10 26.92 -12.31
CA TRP A 271 33.40 27.90 -13.35
C TRP A 271 32.75 27.43 -14.64
N PHE A 272 31.97 28.31 -15.27
CA PHE A 272 31.16 27.97 -16.42
C PHE A 272 31.54 28.81 -17.63
N PHE A 273 31.46 28.20 -18.81
CA PHE A 273 31.59 28.89 -20.09
C PHE A 273 30.20 29.07 -20.68
N ALA A 274 29.96 30.23 -21.30
CA ALA A 274 28.63 30.58 -21.78
C ALA A 274 28.59 30.72 -23.30
N LYS A 275 27.40 30.50 -23.83
CA LYS A 275 27.07 30.75 -25.23
C LYS A 275 25.56 30.92 -25.33
N PRO A 276 25.06 31.59 -26.37
CA PRO A 276 23.60 31.66 -26.55
C PRO A 276 23.03 30.32 -26.96
N HIS A 277 21.84 30.01 -26.44
CA HIS A 277 21.22 28.71 -26.64
C HIS A 277 20.55 28.64 -28.01
N ASP A 278 20.86 27.57 -28.74
CA ASP A 278 20.21 27.27 -30.01
C ASP A 278 19.08 26.29 -29.77
N SER A 279 17.91 26.56 -30.35
CA SER A 279 16.75 25.70 -30.16
C SER A 279 16.85 24.43 -30.99
N GLU A 280 17.45 24.50 -32.18
CA GLU A 280 17.63 23.31 -33.00
C GLU A 280 18.70 22.40 -32.42
N ARG A 281 19.76 22.97 -31.83
CA ARG A 281 20.86 22.21 -31.26
C ARG A 281 20.62 22.12 -29.76
N ALA A 282 19.80 21.14 -29.36
CA ALA A 282 19.35 21.04 -27.98
C ALA A 282 19.65 19.71 -27.30
N GLN A 283 20.06 18.69 -28.04
CA GLN A 283 20.45 17.43 -27.42
C GLN A 283 21.78 17.60 -26.69
N PRO A 284 22.03 16.83 -25.62
CA PRO A 284 23.23 17.06 -24.79
C PRO A 284 24.55 16.82 -25.51
N GLN A 285 24.60 15.89 -26.47
CA GLN A 285 25.83 15.72 -27.24
C GLN A 285 26.05 16.88 -28.19
N GLN A 286 24.97 17.52 -28.66
CA GLN A 286 25.10 18.71 -29.49
C GLN A 286 25.52 19.92 -28.68
N ILE A 287 25.07 20.01 -27.43
CA ILE A 287 25.57 21.03 -26.51
C ILE A 287 27.04 20.79 -26.20
N LEU A 288 27.44 19.51 -26.11
CA LEU A 288 28.85 19.16 -25.92
C LEU A 288 29.69 19.60 -27.11
N TYR A 289 29.16 19.43 -28.33
CA TYR A 289 29.93 19.80 -29.53
C TYR A 289 30.02 21.32 -29.65
N ASP A 290 28.89 22.01 -29.49
CA ASP A 290 28.86 23.46 -29.60
C ASP A 290 29.65 24.15 -28.48
N PHE A 291 29.82 23.48 -27.33
CA PHE A 291 30.82 23.96 -26.39
C PHE A 291 32.24 23.46 -26.68
N PHE A 292 32.42 22.47 -27.56
CA PHE A 292 33.78 22.18 -27.99
C PHE A 292 34.28 23.25 -28.94
N GLU A 293 33.40 23.79 -29.80
CA GLU A 293 33.83 24.94 -30.57
C GLU A 293 33.72 26.25 -29.78
N ALA A 294 32.80 26.32 -28.81
CA ALA A 294 32.65 27.54 -28.03
C ALA A 294 33.76 27.69 -26.99
N ALA A 295 33.86 26.74 -26.07
CA ALA A 295 34.96 26.70 -25.10
C ALA A 295 36.13 25.98 -25.75
N ASN A 296 37.18 26.74 -26.09
CA ASN A 296 38.28 26.21 -26.88
C ASN A 296 39.12 25.23 -26.07
N MET A 297 39.04 23.95 -26.43
CA MET A 297 39.80 22.90 -25.79
C MET A 297 41.19 22.72 -26.40
N GLY A 298 41.50 23.48 -27.45
CA GLY A 298 42.87 23.48 -27.97
C GLY A 298 43.84 24.14 -27.00
N PHE A 299 43.36 25.10 -26.22
CA PHE A 299 44.14 25.72 -25.16
C PHE A 299 44.05 24.95 -23.85
N MET A 300 43.42 23.79 -23.84
CA MET A 300 43.25 23.00 -22.62
C MET A 300 44.37 21.96 -22.50
N THR A 301 45.59 22.48 -22.40
CA THR A 301 46.76 21.63 -22.25
C THR A 301 47.04 21.37 -20.78
N THR A 302 47.30 20.11 -20.45
CA THR A 302 47.55 19.70 -19.08
C THR A 302 48.92 19.05 -18.99
N SER A 303 49.64 19.35 -17.91
CA SER A 303 50.89 18.66 -17.65
C SER A 303 50.61 17.28 -17.06
N PRO A 304 51.46 16.30 -17.35
CA PRO A 304 51.26 14.96 -16.78
C PRO A 304 51.67 14.83 -15.32
N LYS A 305 52.18 15.90 -14.71
CA LYS A 305 52.51 15.90 -13.29
C LYS A 305 51.52 16.77 -12.55
N PRO A 306 50.63 16.21 -11.74
CA PRO A 306 49.61 17.01 -11.06
C PRO A 306 50.20 17.77 -9.88
N ILE A 307 49.37 18.66 -9.32
CA ILE A 307 49.74 19.36 -8.09
C ILE A 307 49.74 18.39 -6.92
N PHE A 308 48.62 17.71 -6.69
CA PHE A 308 48.57 16.59 -5.77
C PHE A 308 47.55 15.59 -6.31
N GLY A 309 47.32 14.53 -5.55
CA GLY A 309 46.41 13.49 -5.98
C GLY A 309 47.02 12.11 -5.94
N LYS A 310 46.43 11.16 -6.66
CA LYS A 310 46.87 9.77 -6.61
C LYS A 310 47.41 9.29 -7.95
N GLN A 311 46.66 9.45 -9.04
CA GLN A 311 46.98 8.86 -10.33
C GLN A 311 47.03 9.96 -11.39
N GLY A 312 48.22 10.20 -11.93
CA GLY A 312 48.41 11.31 -12.85
C GLY A 312 48.35 10.97 -14.33
N LEU A 313 49.01 9.89 -14.74
CA LEU A 313 49.12 9.58 -16.16
C LEU A 313 47.81 9.06 -16.75
N MET A 314 47.04 8.33 -15.95
CA MET A 314 45.78 7.76 -16.44
C MET A 314 44.74 8.84 -16.68
N TYR A 315 44.71 9.87 -15.83
CA TYR A 315 43.82 11.00 -16.07
C TYR A 315 44.28 11.88 -17.22
N HIS A 316 45.60 11.94 -17.47
CA HIS A 316 46.10 12.71 -18.60
C HIS A 316 45.76 12.03 -19.92
N SER A 317 45.98 10.72 -20.00
CA SER A 317 45.64 9.99 -21.21
C SER A 317 44.13 9.86 -21.38
N LEU A 318 43.40 9.82 -20.28
CA LEU A 318 41.94 9.76 -20.37
C LEU A 318 41.35 11.09 -20.82
N TRP A 319 41.94 12.20 -20.35
CA TRP A 319 41.46 13.52 -20.77
C TRP A 319 41.85 13.81 -22.21
N GLY A 320 43.04 13.36 -22.63
CA GLY A 320 43.41 13.51 -24.03
C GLY A 320 42.57 12.65 -24.95
N GLN A 321 42.26 11.43 -24.50
CA GLN A 321 41.43 10.52 -25.29
C GLN A 321 39.99 11.04 -25.41
N THR A 322 39.42 11.57 -24.33
CA THR A 322 38.09 12.13 -24.45
C THR A 322 38.11 13.48 -25.14
N LYS A 323 39.24 14.18 -25.17
CA LYS A 323 39.29 15.47 -25.87
C LYS A 323 39.37 15.26 -27.38
N ARG A 324 40.16 14.28 -27.82
CA ARG A 324 40.11 13.92 -29.23
C ARG A 324 38.85 13.14 -29.58
N ALA A 325 38.15 12.58 -28.58
CA ALA A 325 36.87 11.95 -28.83
C ALA A 325 35.77 12.99 -29.09
N ILE A 326 35.75 14.07 -28.29
CA ILE A 326 34.81 15.16 -28.55
C ILE A 326 35.23 15.92 -29.80
N LYS A 327 36.53 15.92 -30.13
CA LYS A 327 37.02 16.61 -31.33
C LYS A 327 36.49 15.96 -32.61
N ASP A 328 36.30 14.64 -32.62
CA ASP A 328 35.80 13.95 -33.80
C ASP A 328 34.28 13.87 -33.85
N LYS A 329 33.58 14.54 -32.92
CA LYS A 329 32.13 14.68 -32.89
C LYS A 329 31.41 13.33 -32.80
N ARG A 330 31.89 12.47 -31.91
CA ARG A 330 31.20 11.23 -31.56
C ARG A 330 31.55 10.88 -30.13
N ASN A 331 30.55 10.45 -29.37
CA ASN A 331 30.70 10.23 -27.93
C ASN A 331 30.72 8.73 -27.65
N GLU A 332 31.90 8.13 -27.84
CA GLU A 332 32.09 6.71 -27.58
C GLU A 332 33.59 6.48 -27.42
N LEU A 333 34.02 6.13 -26.21
CA LEU A 333 35.44 5.94 -25.94
C LEU A 333 35.88 4.57 -26.43
N GLU A 334 36.83 4.55 -27.37
CA GLU A 334 37.40 3.31 -27.85
C GLU A 334 38.23 2.65 -26.75
N PRO A 335 38.22 1.30 -26.66
CA PRO A 335 38.84 0.62 -25.52
C PRO A 335 40.36 0.72 -25.46
N SER A 336 40.86 1.45 -24.46
CA SER A 336 42.27 1.56 -24.15
C SER A 336 42.47 1.20 -22.68
N GLU A 337 43.74 1.27 -22.24
CA GLU A 337 44.08 0.84 -20.88
C GLU A 337 43.58 1.84 -19.83
N GLN A 338 43.44 3.11 -20.21
CA GLN A 338 43.02 4.13 -19.25
C GLN A 338 41.57 3.94 -18.82
N ARG A 339 40.67 3.75 -19.79
CA ARG A 339 39.27 3.49 -19.44
C ARG A 339 39.08 2.09 -18.87
N ASP A 340 39.94 1.14 -19.26
CA ASP A 340 39.87 -0.18 -18.66
C ASP A 340 40.39 -0.17 -17.23
N PHE A 341 41.17 0.83 -16.84
CA PHE A 341 41.60 0.96 -15.46
C PHE A 341 40.66 1.82 -14.61
N LEU A 342 40.11 2.89 -15.16
CA LEU A 342 39.33 3.81 -14.33
C LEU A 342 37.90 3.33 -14.09
N CYS A 343 37.10 3.21 -15.15
CA CYS A 343 35.78 2.63 -14.97
C CYS A 343 35.95 1.12 -14.92
N GLY A 344 35.41 0.51 -13.87
CA GLY A 344 35.74 -0.86 -13.51
C GLY A 344 35.26 -1.91 -14.50
N ILE A 345 36.21 -2.48 -15.23
CA ILE A 345 35.95 -3.54 -16.19
C ILE A 345 36.79 -4.74 -15.79
N GLY A 346 36.13 -5.85 -15.48
CA GLY A 346 36.83 -7.04 -15.01
C GLY A 346 37.25 -6.99 -13.55
N ARG A 347 36.89 -5.94 -12.81
CA ARG A 347 37.24 -5.83 -11.40
C ARG A 347 36.05 -6.28 -10.56
N ALA A 348 35.80 -7.58 -10.61
CA ALA A 348 34.75 -8.21 -9.82
C ALA A 348 35.22 -9.59 -9.39
N SER A 349 34.78 -10.01 -8.20
CA SER A 349 35.13 -11.33 -7.71
C SER A 349 34.39 -12.42 -8.47
N LYS A 350 34.96 -13.62 -8.44
CA LYS A 350 34.36 -14.78 -9.11
C LYS A 350 33.35 -15.42 -8.16
N LYS A 351 32.08 -15.18 -8.41
CA LYS A 351 31.01 -15.72 -7.57
C LYS A 351 30.84 -17.20 -7.88
N ILE A 352 31.39 -18.06 -7.04
CA ILE A 352 31.36 -19.50 -7.23
C ILE A 352 30.32 -20.09 -6.29
N GLN A 353 29.36 -20.81 -6.86
CA GLN A 353 28.32 -21.45 -6.07
C GLN A 353 28.87 -22.68 -5.34
N GLU A 354 28.09 -23.20 -4.41
CA GLU A 354 28.52 -24.34 -3.60
C GLU A 354 28.00 -25.64 -4.24
N ASP A 355 28.53 -25.91 -5.42
CA ASP A 355 28.40 -27.21 -6.09
C ASP A 355 29.73 -27.82 -6.44
N LYS A 356 30.71 -27.00 -6.82
CA LYS A 356 32.10 -27.40 -6.94
C LYS A 356 32.93 -26.43 -6.10
N TRP A 357 33.84 -26.97 -5.30
CA TRP A 357 34.69 -26.09 -4.50
C TRP A 357 36.15 -26.53 -4.58
N GLN A 358 36.37 -27.82 -4.87
CA GLN A 358 37.67 -28.50 -5.03
C GLN A 358 38.68 -28.12 -3.94
N GLU A 359 38.41 -28.56 -2.72
CA GLU A 359 39.18 -28.16 -1.55
C GLU A 359 40.63 -28.66 -1.62
N SER A 360 41.55 -27.79 -1.19
CA SER A 360 42.98 -28.05 -1.19
C SER A 360 43.52 -27.93 0.23
N ARG A 361 44.55 -28.71 0.52
CA ARG A 361 45.12 -28.73 1.87
C ARG A 361 45.95 -27.47 2.09
N GLU A 362 45.44 -26.58 2.95
CA GLU A 362 46.10 -25.34 3.40
C GLU A 362 46.43 -24.41 2.25
N GLU A 363 45.59 -24.40 1.22
CA GLU A 363 45.77 -23.49 0.10
C GLU A 363 44.42 -22.91 -0.26
N GLU A 364 44.42 -21.62 -0.60
CA GLU A 364 43.23 -20.76 -0.66
C GLU A 364 42.42 -20.85 0.63
N PHE A 365 43.09 -20.52 1.73
CA PHE A 365 42.43 -20.44 3.03
C PHE A 365 41.53 -19.22 3.04
N LYS A 366 40.22 -19.43 3.06
CA LYS A 366 39.25 -18.36 2.89
C LYS A 366 38.41 -18.19 4.14
N GLN A 367 38.05 -16.93 4.40
CA GLN A 367 37.11 -16.57 5.45
C GLN A 367 36.51 -15.22 5.09
N GLU A 368 35.80 -14.61 6.02
CA GLU A 368 35.19 -13.31 5.81
C GLU A 368 35.55 -12.39 6.97
N GLU A 369 35.50 -11.09 6.71
CA GLU A 369 35.74 -10.09 7.73
C GLU A 369 35.12 -8.77 7.31
N THR A 370 34.43 -8.12 8.22
CA THR A 370 33.88 -6.79 8.01
C THR A 370 34.52 -5.80 8.98
N LYS A 371 34.53 -4.52 8.59
CA LYS A 371 35.24 -3.49 9.35
C LYS A 371 34.32 -2.42 9.89
N GLY A 372 33.50 -1.79 9.06
CA GLY A 372 32.67 -0.68 9.46
C GLY A 372 33.07 0.59 8.73
N ALA A 373 32.80 1.73 9.38
CA ALA A 373 33.06 3.04 8.82
C ALA A 373 34.00 3.83 9.72
N ALA A 374 34.93 4.56 9.09
CA ALA A 374 35.89 5.35 9.84
C ALA A 374 35.27 6.68 10.27
N LYS A 375 35.87 7.28 11.30
CA LYS A 375 35.35 8.49 11.91
C LYS A 375 36.19 9.69 11.49
N ARG A 376 35.52 10.80 11.21
CA ARG A 376 36.17 12.06 10.85
C ARG A 376 35.74 13.16 11.81
N GLY A 377 36.17 14.39 11.52
CA GLY A 377 35.96 15.50 12.44
C GLY A 377 35.12 16.64 11.90
N PHE A 378 35.20 17.79 12.55
CA PHE A 378 34.33 18.92 12.23
C PHE A 378 34.82 19.62 10.96
N PRO A 379 33.97 19.76 9.94
CA PRO A 379 34.39 20.49 8.74
C PRO A 379 34.35 21.99 8.94
N THR A 380 35.41 22.66 8.46
CA THR A 380 35.52 24.11 8.57
C THR A 380 35.04 24.84 7.33
N TRP A 381 34.91 24.16 6.21
CA TRP A 381 34.53 24.75 4.94
C TRP A 381 33.03 24.87 4.73
N PHE A 382 32.22 24.33 5.65
CA PHE A 382 30.79 24.20 5.36
C PHE A 382 30.05 25.52 5.55
N ASN A 383 30.57 26.39 6.42
CA ASN A 383 29.94 27.68 6.68
C ASN A 383 30.05 28.60 5.46
N GLU A 384 31.19 28.58 4.78
CA GLU A 384 31.37 29.44 3.61
C GLU A 384 30.55 28.96 2.43
N GLU A 385 30.23 27.67 2.35
CA GLU A 385 29.31 27.21 1.31
C GLU A 385 27.86 27.38 1.72
N TRP A 386 27.56 27.48 3.02
CA TRP A 386 26.20 27.85 3.42
C TRP A 386 25.94 29.32 3.09
N LEU A 387 26.85 30.20 3.51
CA LEU A 387 26.70 31.63 3.23
C LEU A 387 26.88 31.94 1.75
N TRP A 388 27.65 31.12 1.03
CA TRP A 388 27.72 31.28 -0.41
C TRP A 388 26.43 30.80 -1.08
N ALA A 389 25.83 29.73 -0.55
CA ALA A 389 24.72 29.07 -1.24
C ALA A 389 23.43 29.89 -1.16
N MET A 390 23.26 30.70 -0.13
CA MET A 390 22.08 31.53 0.01
C MET A 390 22.28 32.95 -0.48
N ARG A 391 23.45 33.25 -1.04
CA ARG A 391 23.71 34.57 -1.60
C ARG A 391 23.22 34.64 -3.04
N ASP A 392 22.61 35.76 -3.39
CA ASP A 392 22.15 35.98 -4.77
C ASP A 392 23.35 36.10 -5.70
N SER A 393 23.20 35.57 -6.91
CA SER A 393 24.27 35.60 -7.89
C SER A 393 24.29 36.93 -8.63
N LYS A 399 25.14 39.04 -14.53
CA LYS A 399 23.96 38.77 -13.72
C LYS A 399 23.05 37.76 -14.41
N ILE A 400 23.09 36.52 -13.95
CA ILE A 400 22.25 35.47 -14.50
C ILE A 400 21.05 35.31 -13.58
N GLY A 401 19.85 35.25 -14.16
CA GLY A 401 18.63 35.28 -13.38
C GLY A 401 18.02 33.93 -13.07
N ASP A 402 17.01 33.54 -13.84
CA ASP A 402 16.23 32.35 -13.52
C ASP A 402 16.99 31.08 -13.87
N TRP A 403 17.02 30.13 -12.93
CA TRP A 403 17.68 28.85 -13.12
C TRP A 403 16.70 27.69 -13.19
N ILE A 404 15.72 27.65 -12.30
CA ILE A 404 14.85 26.48 -12.17
C ILE A 404 13.78 26.54 -13.26
N PRO A 405 13.60 25.47 -14.03
CA PRO A 405 12.52 25.45 -15.03
C PRO A 405 11.16 25.21 -14.40
N MET A 406 10.51 26.26 -13.91
CA MET A 406 9.19 26.12 -13.32
C MET A 406 8.12 26.20 -14.41
N ALA A 407 6.85 26.30 -14.02
CA ALA A 407 5.76 26.32 -15.00
C ALA A 407 4.88 27.54 -14.84
N GLU A 408 3.77 27.58 -15.58
CA GLU A 408 2.94 28.78 -15.64
C GLU A 408 1.97 28.83 -14.47
N MET A 409 1.49 30.04 -14.19
CA MET A 409 0.54 30.27 -13.11
C MET A 409 -0.88 30.16 -13.64
N PRO A 410 -1.77 29.45 -12.94
CA PRO A 410 -3.16 29.32 -13.40
C PRO A 410 -3.94 30.59 -13.16
N PRO A 411 -5.03 30.81 -13.89
CA PRO A 411 -5.88 31.97 -13.60
C PRO A 411 -6.63 31.82 -12.29
N CYS A 412 -7.01 32.96 -11.73
CA CYS A 412 -7.55 33.03 -10.38
C CYS A 412 -8.94 33.67 -10.37
N LYS A 413 -9.76 33.21 -9.43
CA LYS A 413 -11.06 33.79 -9.16
C LYS A 413 -10.93 34.83 -8.04
N ASN A 414 -12.06 35.28 -7.49
CA ASN A 414 -12.06 36.17 -6.33
C ASN A 414 -12.00 35.43 -5.00
N GLU A 415 -11.47 34.23 -5.00
CA GLU A 415 -11.35 33.36 -3.85
C GLU A 415 -10.03 33.68 -3.13
N MET A 416 -9.61 32.78 -2.23
CA MET A 416 -8.32 32.88 -1.54
C MET A 416 -7.12 32.67 -2.45
N GLU A 417 -7.34 32.31 -3.73
CA GLU A 417 -6.29 31.91 -4.67
C GLU A 417 -5.27 33.01 -4.88
N ASP A 418 -5.72 34.27 -4.87
CA ASP A 418 -4.84 35.44 -4.98
C ASP A 418 -3.76 35.39 -3.93
N TYR A 419 -4.15 35.12 -2.68
CA TYR A 419 -3.23 34.96 -1.56
C TYR A 419 -2.19 33.91 -1.86
N ALA A 420 -2.64 32.72 -2.30
CA ALA A 420 -1.75 31.64 -2.65
C ALA A 420 -0.84 32.06 -3.79
N LYS A 421 -1.42 32.70 -4.82
CA LYS A 421 -0.66 33.14 -5.98
C LYS A 421 0.39 34.16 -5.56
N LYS A 422 -0.02 35.08 -4.66
CA LYS A 422 0.88 36.12 -4.19
C LYS A 422 2.07 35.51 -3.49
N MET A 423 1.79 34.53 -2.61
CA MET A 423 2.84 33.87 -1.85
C MET A 423 3.81 33.19 -2.78
N CYS A 424 3.26 32.47 -3.78
CA CYS A 424 4.09 31.70 -4.69
C CYS A 424 4.97 32.62 -5.51
N GLU A 425 4.37 33.73 -5.98
CA GLU A 425 5.11 34.65 -6.84
C GLU A 425 6.22 35.30 -6.06
N GLU A 426 5.92 35.68 -4.81
CA GLU A 426 6.92 36.38 -4.00
C GLU A 426 8.04 35.41 -3.64
N LEU A 427 7.67 34.17 -3.31
CA LEU A 427 8.70 33.22 -2.93
C LEU A 427 9.53 32.83 -4.14
N GLU A 428 8.88 32.75 -5.30
CA GLU A 428 9.63 32.40 -6.50
C GLU A 428 10.56 33.53 -6.88
N SER A 429 10.13 34.77 -6.61
CA SER A 429 10.94 35.94 -6.89
C SER A 429 12.19 35.99 -6.02
N LYS A 430 12.22 35.24 -4.92
CA LYS A 430 13.45 35.17 -4.16
C LYS A 430 14.32 34.01 -4.63
N ILE A 431 13.73 32.88 -5.00
CA ILE A 431 14.52 31.65 -5.03
C ILE A 431 15.11 31.33 -6.40
N GLN A 432 14.68 32.03 -7.45
CA GLN A 432 15.21 31.72 -8.78
C GLN A 432 16.62 32.25 -9.00
N GLY A 433 17.04 33.27 -8.25
CA GLY A 433 18.32 33.89 -8.48
C GLY A 433 19.50 33.37 -7.69
N THR A 434 19.27 32.57 -6.65
CA THR A 434 20.36 32.11 -5.79
C THR A 434 21.18 31.03 -6.50
N ASN A 435 22.27 30.63 -5.85
CA ASN A 435 23.16 29.62 -6.39
C ASN A 435 22.68 28.20 -6.09
N CYS A 436 21.77 28.05 -5.13
CA CYS A 436 21.14 26.77 -4.89
C CYS A 436 20.25 26.36 -6.05
N ALA A 437 19.63 27.35 -6.71
CA ALA A 437 18.91 27.07 -7.95
C ALA A 437 19.84 26.66 -9.07
N ARG A 438 21.08 27.17 -9.07
CA ARG A 438 22.06 26.75 -10.05
C ARG A 438 22.49 25.31 -9.82
N GLU A 439 22.65 24.93 -8.54
CA GLU A 439 23.01 23.55 -8.25
C GLU A 439 21.86 22.59 -8.49
N MET A 440 20.62 23.02 -8.23
CA MET A 440 19.47 22.18 -8.54
C MET A 440 19.31 21.99 -10.05
N SER A 441 19.52 23.05 -10.84
CA SER A 441 19.50 22.91 -12.29
C SER A 441 20.64 22.02 -12.78
N LYS A 442 21.80 22.09 -12.12
CA LYS A 442 22.94 21.25 -12.46
C LYS A 442 22.63 19.78 -12.23
N LEU A 443 22.01 19.45 -11.10
CA LEU A 443 21.68 18.06 -10.80
C LEU A 443 20.56 17.55 -11.70
N ILE A 444 19.57 18.40 -12.01
CA ILE A 444 18.44 17.99 -12.84
C ILE A 444 18.89 17.69 -14.27
N HIS A 445 19.60 18.65 -14.90
CA HIS A 445 20.01 18.46 -16.29
C HIS A 445 21.09 17.38 -16.41
N THR A 446 22.10 17.44 -15.54
CA THR A 446 23.23 16.53 -15.68
C THR A 446 22.85 15.10 -15.30
N ILE A 447 22.17 14.93 -14.16
CA ILE A 447 21.81 13.60 -13.71
C ILE A 447 20.62 13.06 -14.51
N GLY A 448 19.78 13.94 -15.05
CA GLY A 448 18.75 13.47 -15.98
C GLY A 448 19.32 12.95 -17.28
N SER A 449 20.32 13.64 -17.83
CA SER A 449 20.98 13.17 -19.04
C SER A 449 21.76 11.89 -18.79
N LEU A 450 22.43 11.80 -17.63
CA LEU A 450 23.08 10.55 -17.22
C LEU A 450 22.07 9.43 -17.02
N HIS A 451 20.85 9.76 -16.64
CA HIS A 451 19.82 8.76 -16.40
C HIS A 451 19.31 8.17 -17.71
N THR A 452 19.03 9.05 -18.68
CA THR A 452 18.62 8.57 -20.01
C THR A 452 19.75 7.84 -20.72
N GLU A 453 20.99 8.27 -20.53
CA GLU A 453 22.12 7.53 -21.11
C GLU A 453 22.31 6.18 -20.42
N CYS A 454 22.03 6.09 -19.12
CA CYS A 454 22.12 4.79 -18.45
C CYS A 454 20.98 3.87 -18.84
N ARG A 455 19.85 4.40 -19.31
CA ARG A 455 18.84 3.49 -19.84
C ARG A 455 19.16 3.05 -21.26
N ASN A 456 19.50 4.00 -22.14
CA ASN A 456 19.55 3.70 -23.57
C ASN A 456 20.75 2.86 -23.96
N PHE A 457 21.91 3.06 -23.32
CA PHE A 457 23.14 2.37 -23.70
C PHE A 457 23.83 1.73 -22.51
N PRO A 458 23.46 0.50 -22.15
CA PRO A 458 24.33 -0.30 -21.29
C PRO A 458 25.46 -0.91 -22.12
N GLY A 459 26.57 -1.18 -21.43
CA GLY A 459 27.69 -1.80 -22.09
C GLY A 459 28.49 -0.90 -23.01
N LYS A 460 28.23 0.40 -23.00
CA LYS A 460 28.97 1.36 -23.81
C LYS A 460 29.25 2.59 -22.96
N VAL A 461 30.47 3.11 -23.06
CA VAL A 461 30.88 4.27 -22.30
C VAL A 461 30.57 5.53 -23.10
N LYS A 462 29.69 6.36 -22.58
CA LYS A 462 29.27 7.59 -23.23
C LYS A 462 29.92 8.79 -22.56
N ILE A 463 29.68 9.97 -23.11
CA ILE A 463 30.22 11.22 -22.59
C ILE A 463 29.05 12.17 -22.42
N VAL A 464 28.79 12.58 -21.17
CA VAL A 464 27.65 13.41 -20.82
C VAL A 464 28.18 14.72 -20.28
N PRO A 465 27.77 15.87 -20.82
CA PRO A 465 28.24 17.16 -20.31
C PRO A 465 27.59 17.50 -18.98
N ILE A 466 28.22 18.43 -18.27
CA ILE A 466 27.76 18.90 -16.97
C ILE A 466 27.48 20.39 -17.12
N TYR A 467 26.19 20.74 -17.19
CA TYR A 467 25.78 22.03 -17.73
C TYR A 467 24.50 22.50 -17.04
N CYS A 468 24.12 23.74 -17.34
CA CYS A 468 22.89 24.36 -16.85
C CYS A 468 22.25 25.15 -17.98
N ARG A 469 21.19 25.89 -17.64
CA ARG A 469 20.54 26.82 -18.57
C ARG A 469 19.93 27.96 -17.78
N GLY A 470 20.27 29.19 -18.15
CA GLY A 470 19.78 30.36 -17.45
C GLY A 470 19.72 31.57 -18.35
N THR A 471 18.93 32.55 -17.93
CA THR A 471 18.67 33.74 -18.73
C THR A 471 19.66 34.84 -18.35
N LEU A 472 20.53 35.21 -19.29
CA LEU A 472 21.50 36.29 -19.13
C LEU A 472 21.06 37.49 -19.93
N ARG A 473 20.68 38.57 -19.22
CA ARG A 473 20.17 39.83 -19.81
C ARG A 473 18.99 39.61 -20.75
N GLY A 474 18.12 38.65 -20.41
CA GLY A 474 17.01 38.27 -21.25
C GLY A 474 17.35 37.20 -22.29
N GLU A 475 18.61 37.14 -22.72
CA GLU A 475 19.03 36.14 -23.70
C GLU A 475 19.18 34.78 -23.02
N SER A 476 18.43 33.79 -23.48
CA SER A 476 18.50 32.45 -22.91
C SER A 476 19.82 31.79 -23.29
N THR A 477 20.63 31.48 -22.28
CA THR A 477 21.96 30.92 -22.46
C THR A 477 22.06 29.59 -21.73
N ASP A 478 23.09 28.82 -22.10
CA ASP A 478 23.45 27.59 -21.39
C ASP A 478 24.90 27.66 -20.94
N CYS A 479 25.19 26.98 -19.84
CA CYS A 479 26.52 26.97 -19.26
C CYS A 479 27.22 25.65 -19.58
N LEU A 480 28.40 25.47 -19.00
CA LEU A 480 29.11 24.19 -19.08
C LEU A 480 30.04 24.10 -17.88
N PHE A 481 29.72 23.22 -16.94
CA PHE A 481 30.48 23.11 -15.70
C PHE A 481 31.48 21.96 -15.69
N GLY A 482 31.31 20.95 -16.53
CA GLY A 482 32.30 19.89 -16.55
C GLY A 482 31.98 18.84 -17.60
N ILE A 483 32.79 17.78 -17.59
CA ILE A 483 32.66 16.65 -18.49
C ILE A 483 32.51 15.39 -17.65
N ALA A 484 31.40 14.69 -17.80
CA ALA A 484 31.13 13.45 -17.10
C ALA A 484 31.25 12.26 -18.04
N ILE A 485 31.66 11.12 -17.48
CA ILE A 485 31.90 9.90 -18.25
C ILE A 485 31.21 8.74 -17.53
N LYS A 486 30.36 8.03 -18.25
CA LYS A 486 29.59 6.91 -17.73
C LYS A 486 30.48 5.66 -17.66
N GLY A 487 30.01 4.64 -16.95
CA GLY A 487 30.79 3.45 -16.68
C GLY A 487 30.14 2.13 -17.01
N LYS A 488 29.44 2.07 -18.15
CA LYS A 488 28.75 0.89 -18.72
C LYS A 488 27.83 0.21 -17.69
N SER A 489 26.82 0.99 -17.29
CA SER A 489 25.91 0.61 -16.21
C SER A 489 24.94 -0.47 -16.68
N HIS A 490 25.16 -1.69 -16.20
CA HIS A 490 24.17 -2.77 -16.33
C HIS A 490 23.32 -2.78 -15.07
N LEU A 491 22.32 -1.90 -15.03
CA LEU A 491 21.47 -1.74 -13.86
C LEU A 491 20.48 -2.90 -13.81
N ASN A 492 20.88 -3.98 -13.12
CA ASN A 492 20.00 -5.12 -12.93
C ASN A 492 18.98 -4.84 -11.83
N LYS A 493 19.47 -4.57 -10.62
CA LYS A 493 18.63 -4.27 -9.47
C LYS A 493 18.58 -2.76 -9.26
N ASP A 494 18.00 -2.34 -8.13
CA ASP A 494 17.98 -0.93 -7.76
C ASP A 494 19.35 -0.43 -7.31
N ASP A 495 20.27 -1.32 -6.95
CA ASP A 495 21.64 -0.98 -6.64
C ASP A 495 22.49 -1.11 -7.91
N GLY A 496 23.81 -1.11 -7.77
CA GLY A 496 24.70 -1.37 -8.87
C GLY A 496 25.94 -0.49 -8.91
N MET A 497 25.79 0.77 -8.50
CA MET A 497 26.88 1.71 -8.20
C MET A 497 27.90 1.83 -9.33
N TYR A 498 27.41 2.26 -10.49
CA TYR A 498 28.27 2.42 -11.65
C TYR A 498 29.23 3.60 -11.47
N THR A 499 30.31 3.57 -12.25
CA THR A 499 31.43 4.48 -12.06
C THR A 499 31.31 5.69 -12.99
N VAL A 500 31.20 6.87 -12.41
CA VAL A 500 31.19 8.12 -13.16
C VAL A 500 32.56 8.79 -12.99
N VAL A 501 33.18 9.15 -14.09
CA VAL A 501 34.46 9.86 -14.08
C VAL A 501 34.18 11.33 -14.40
N THR A 502 34.50 12.20 -13.45
CA THR A 502 34.15 13.61 -13.52
C THR A 502 35.40 14.45 -13.71
N PHE A 503 35.42 15.24 -14.78
CA PHE A 503 36.41 16.28 -15.02
C PHE A 503 35.75 17.63 -14.79
N GLU A 504 36.27 18.39 -13.83
CA GLU A 504 35.61 19.61 -13.38
C GLU A 504 36.45 20.84 -13.71
N PHE A 505 35.79 22.00 -13.72
CA PHE A 505 36.42 23.28 -14.01
C PHE A 505 36.33 24.18 -12.79
N SER A 506 37.48 24.71 -12.36
CA SER A 506 37.56 25.56 -11.18
C SER A 506 38.53 26.69 -11.45
N THR A 507 38.44 27.74 -10.63
CA THR A 507 39.30 28.91 -10.77
C THR A 507 39.83 29.38 -9.43
N GLU A 508 40.05 28.46 -8.50
CA GLU A 508 40.64 28.80 -7.21
C GLU A 508 41.74 27.80 -6.87
N GLU A 509 42.64 28.21 -5.98
CA GLU A 509 43.71 27.35 -5.54
C GLU A 509 43.15 26.22 -4.68
N PRO A 510 43.62 24.99 -4.83
CA PRO A 510 43.02 23.86 -4.11
C PRO A 510 43.42 23.84 -2.63
N ASN A 511 42.95 22.81 -1.95
CA ASN A 511 43.14 22.65 -0.51
C ASN A 511 43.16 21.16 -0.19
N PRO A 512 44.26 20.64 0.35
CA PRO A 512 44.31 19.20 0.67
C PRO A 512 43.49 18.78 1.87
N SER A 513 42.85 19.72 2.58
CA SER A 513 41.92 19.38 3.64
C SER A 513 40.49 19.29 3.11
N LYS A 514 40.09 20.25 2.27
CA LYS A 514 38.75 20.25 1.69
C LYS A 514 38.67 19.30 0.49
N HIS A 515 39.48 19.56 -0.54
CA HIS A 515 39.45 18.77 -1.77
C HIS A 515 40.42 17.59 -1.62
N GLU A 516 40.02 16.65 -0.76
CA GLU A 516 40.89 15.54 -0.39
C GLU A 516 40.77 14.37 -1.36
N LYS A 517 39.59 14.15 -1.91
CA LYS A 517 39.35 13.05 -2.83
C LYS A 517 39.62 13.40 -4.29
N TYR A 518 40.02 14.64 -4.58
CA TYR A 518 40.25 15.07 -5.94
C TYR A 518 41.68 14.78 -6.38
N THR A 519 41.95 15.03 -7.66
CA THR A 519 43.23 14.72 -8.31
C THR A 519 43.62 15.94 -9.16
N VAL A 520 43.71 17.09 -8.50
CA VAL A 520 43.80 18.43 -9.11
C VAL A 520 44.98 18.59 -10.06
N PHE A 521 44.68 18.80 -11.33
CA PHE A 521 45.63 19.23 -12.36
C PHE A 521 45.56 20.74 -12.51
N GLU A 522 46.18 21.27 -13.55
CA GLU A 522 46.07 22.68 -13.93
C GLU A 522 45.54 22.73 -15.34
N ALA A 523 44.84 23.82 -15.69
CA ALA A 523 44.18 23.87 -16.99
C ALA A 523 44.72 24.99 -17.86
N GLY A 524 44.86 26.20 -17.31
CA GLY A 524 45.41 27.27 -18.12
C GLY A 524 45.13 28.67 -17.61
N THR A 525 44.74 29.58 -18.52
CA THR A 525 44.45 30.95 -18.18
C THR A 525 43.09 31.35 -18.77
N VAL A 526 42.37 32.19 -18.03
CA VAL A 526 41.07 32.72 -18.46
C VAL A 526 41.07 34.23 -18.27
N PRO A 527 40.73 35.01 -19.30
CA PRO A 527 40.54 36.46 -19.11
C PRO A 527 39.23 36.74 -18.41
N VAL A 528 39.30 37.40 -17.25
CA VAL A 528 38.14 37.73 -16.43
C VAL A 528 38.11 39.23 -16.28
N GLU A 529 37.13 39.87 -16.92
CA GLU A 529 37.00 41.33 -16.83
C GLU A 529 36.25 41.72 -15.56
N ALA A 530 36.63 42.86 -15.01
CA ALA A 530 36.03 43.35 -13.77
C ALA A 530 34.65 43.94 -14.02
N LYS A 542 42.64 40.05 -13.68
CA LYS A 542 42.51 40.59 -15.02
C LYS A 542 42.51 39.43 -16.03
N GLU A 543 43.55 38.61 -15.97
CA GLU A 543 43.59 37.32 -16.66
C GLU A 543 44.13 36.31 -15.66
N LYS A 544 43.24 35.52 -15.06
CA LYS A 544 43.60 34.66 -13.95
C LYS A 544 43.86 33.24 -14.43
N LYS A 545 44.18 32.36 -13.48
CA LYS A 545 44.49 30.97 -13.79
C LYS A 545 43.21 30.17 -13.98
N LEU A 546 43.38 28.89 -14.30
CA LEU A 546 42.28 27.95 -14.46
C LEU A 546 42.78 26.59 -14.05
N PHE A 547 42.07 25.96 -13.11
CA PHE A 547 42.43 24.65 -12.56
C PHE A 547 41.39 23.62 -12.98
N LEU A 548 41.84 22.57 -13.64
CA LEU A 548 41.00 21.43 -13.97
C LEU A 548 41.10 20.40 -12.85
N TYR A 549 39.96 19.94 -12.36
CA TYR A 549 39.93 18.93 -11.31
C TYR A 549 39.54 17.58 -11.92
N CYS A 550 39.91 16.52 -11.21
CA CYS A 550 39.58 15.17 -11.63
C CYS A 550 39.07 14.40 -10.41
N ARG A 551 38.07 13.57 -10.63
CA ARG A 551 37.53 12.73 -9.56
C ARG A 551 36.83 11.53 -10.17
N THR A 552 37.10 10.35 -9.64
CA THR A 552 36.29 9.19 -9.94
C THR A 552 35.29 8.97 -8.81
N THR A 553 34.06 8.59 -9.16
CA THR A 553 33.00 8.43 -8.18
C THR A 553 32.03 7.39 -8.70
N GLY A 554 30.91 7.22 -8.00
CA GLY A 554 29.91 6.24 -8.38
C GLY A 554 28.51 6.73 -8.07
N MET A 555 27.56 6.24 -8.86
CA MET A 555 26.15 6.55 -8.69
C MET A 555 25.36 5.25 -8.70
N SER A 556 24.05 5.34 -8.50
CA SER A 556 23.18 4.18 -8.49
C SER A 556 21.86 4.55 -9.16
N LYS A 557 20.98 3.55 -9.28
CA LYS A 557 19.67 3.75 -9.90
C LYS A 557 18.79 4.65 -9.03
N LEU A 558 18.82 4.43 -7.71
CA LEU A 558 17.92 5.15 -6.81
C LEU A 558 18.32 6.61 -6.66
N LYS A 559 19.62 6.89 -6.53
CA LYS A 559 20.07 8.27 -6.46
C LYS A 559 19.91 8.99 -7.79
N ASN A 560 19.85 8.26 -8.91
CA ASN A 560 19.44 8.87 -10.16
C ASN A 560 17.96 9.21 -10.14
N ASP A 561 17.14 8.37 -9.51
CA ASP A 561 15.71 8.68 -9.45
C ASP A 561 15.41 9.82 -8.49
N TRP A 562 16.18 9.95 -7.42
CA TRP A 562 15.91 10.98 -6.42
C TRP A 562 16.60 12.30 -6.71
N PHE A 563 17.81 12.27 -7.28
CA PHE A 563 18.50 13.52 -7.57
C PHE A 563 17.90 14.25 -8.76
N SER A 564 17.32 13.53 -9.71
CA SER A 564 16.74 14.14 -10.91
C SER A 564 15.40 14.80 -10.66
N LYS A 565 14.87 14.74 -9.44
CA LYS A 565 13.59 15.35 -9.09
C LYS A 565 13.72 16.19 -7.83
N CYS A 566 14.80 16.96 -7.73
CA CYS A 566 15.04 17.77 -6.54
C CYS A 566 14.16 19.01 -6.47
N ARG A 567 13.36 19.28 -7.50
CA ARG A 567 12.45 20.43 -7.51
C ARG A 567 11.41 20.33 -6.41
N ARG A 568 11.10 19.10 -5.96
CA ARG A 568 10.20 18.90 -4.81
C ARG A 568 10.76 19.46 -3.51
N CYS A 569 12.04 19.82 -3.45
CA CYS A 569 12.58 20.57 -2.31
C CYS A 569 11.91 21.93 -2.13
N LEU A 570 11.29 22.49 -3.19
CA LEU A 570 10.50 23.69 -3.03
C LEU A 570 9.19 23.45 -2.28
N ILE A 571 8.74 22.21 -2.15
CA ILE A 571 7.43 21.90 -1.60
C ILE A 571 7.33 22.13 -0.09
N PRO A 572 8.22 21.65 0.79
CA PRO A 572 7.98 21.89 2.22
C PRO A 572 8.26 23.32 2.66
N THR A 573 9.23 23.98 2.01
CA THR A 573 9.81 25.25 2.45
C THR A 573 8.75 26.33 2.66
N MET A 574 7.98 26.61 1.61
CA MET A 574 6.90 27.59 1.65
C MET A 574 5.90 27.26 2.75
N GLU A 575 5.62 25.96 2.93
CA GLU A 575 4.74 25.46 3.99
C GLU A 575 5.14 26.00 5.34
N THR A 576 6.45 25.86 5.67
CA THR A 576 6.98 26.35 6.93
C THR A 576 6.75 27.85 7.06
N VAL A 577 7.10 28.59 6.00
CA VAL A 577 6.93 30.04 5.97
C VAL A 577 5.48 30.40 6.13
N GLU A 578 4.60 29.66 5.43
CA GLU A 578 3.19 30.01 5.42
C GLU A 578 2.57 29.74 6.78
N GLN A 579 3.09 28.72 7.49
CA GLN A 579 2.59 28.41 8.83
C GLN A 579 2.78 29.60 9.75
N ILE A 580 3.97 30.24 9.67
CA ILE A 580 4.28 31.41 10.49
C ILE A 580 3.28 32.50 10.20
N VAL A 581 3.04 32.76 8.91
CA VAL A 581 2.16 33.83 8.49
C VAL A 581 0.74 33.55 8.95
N LEU A 582 0.32 32.27 8.82
CA LEU A 582 -1.04 31.91 9.19
C LEU A 582 -1.21 32.00 10.69
N LYS A 583 -0.16 31.63 11.45
CA LYS A 583 -0.28 31.69 12.90
C LYS A 583 -0.37 33.13 13.36
N GLU A 584 0.24 34.06 12.61
CA GLU A 584 0.13 35.48 12.94
C GLU A 584 -1.31 35.93 12.82
N CYS A 585 -1.99 35.57 11.72
CA CYS A 585 -3.38 35.97 11.64
C CYS A 585 -4.25 35.11 12.55
N ALA A 586 -3.76 33.90 12.90
CA ALA A 586 -4.46 33.10 13.88
C ALA A 586 -4.38 33.70 15.27
N LEU A 587 -3.47 34.64 15.50
CA LEU A 587 -3.48 35.37 16.76
C LEU A 587 -4.17 36.72 16.66
N LYS A 588 -4.50 37.20 15.45
CA LYS A 588 -4.91 38.59 15.33
C LYS A 588 -6.24 38.83 14.61
N GLU A 589 -6.69 37.91 13.75
CA GLU A 589 -7.97 37.97 13.04
C GLU A 589 -8.08 39.23 12.18
N GLU A 590 -7.05 39.48 11.37
CA GLU A 590 -7.03 40.61 10.47
C GLU A 590 -6.07 40.30 9.33
N ASN A 591 -6.42 40.76 8.13
CA ASN A 591 -5.65 40.45 6.92
C ASN A 591 -4.37 41.26 6.93
N ARG A 592 -3.36 40.73 7.62
CA ARG A 592 -2.03 41.32 7.69
C ARG A 592 -1.05 40.27 7.16
N VAL A 593 -0.83 40.27 5.85
CA VAL A 593 0.06 39.33 5.19
C VAL A 593 1.18 40.06 4.45
N SER A 594 0.83 41.09 3.67
CA SER A 594 1.82 41.82 2.88
C SER A 594 2.72 42.66 3.76
N GLU A 595 2.15 43.35 4.75
CA GLU A 595 2.97 44.13 5.66
C GLU A 595 3.63 43.27 6.74
N MET A 596 3.11 42.06 6.98
CA MET A 596 3.71 41.17 7.95
C MET A 596 4.94 40.46 7.39
N LEU A 597 5.03 40.33 6.06
CA LEU A 597 6.24 39.84 5.42
C LEU A 597 7.31 40.93 5.27
N GLU A 598 7.08 42.11 5.82
CA GLU A 598 8.03 43.22 5.75
C GLU A 598 8.46 43.72 7.11
N ASN A 599 7.55 43.78 8.08
CA ASN A 599 7.81 44.34 9.40
C ASN A 599 7.97 43.25 10.46
N LYS A 600 8.60 42.14 10.10
CA LYS A 600 8.83 41.03 11.01
C LYS A 600 10.27 40.54 10.87
N ARG A 601 10.93 40.32 12.01
CA ARG A 601 12.30 39.87 12.04
C ARG A 601 12.39 38.38 12.32
N ALA A 602 13.55 37.81 11.99
CA ALA A 602 13.78 36.37 12.17
C ALA A 602 15.25 36.16 12.52
N TRP A 603 15.50 35.57 13.68
CA TRP A 603 16.86 35.46 14.21
C TRP A 603 17.63 34.36 13.50
N ILE A 604 18.79 34.72 12.96
CA ILE A 604 19.73 33.76 12.39
C ILE A 604 21.13 34.29 12.65
N ALA A 605 22.14 33.45 12.39
CA ALA A 605 23.51 33.86 12.05
C ALA A 605 24.19 34.69 13.14
N HIS A 606 24.40 34.06 14.28
CA HIS A 606 25.26 34.67 15.30
C HIS A 606 26.71 34.66 14.85
N GLU A 607 27.51 35.55 15.42
CA GLU A 607 28.90 35.72 15.00
C GLU A 607 29.78 34.61 15.57
N ASN A 608 31.09 34.69 15.34
CA ASN A 608 32.02 33.63 15.68
C ASN A 608 32.77 33.86 16.99
N GLY A 609 33.24 35.09 17.24
CA GLY A 609 33.95 35.36 18.48
C GLY A 609 33.05 35.39 19.69
N GLU A 610 31.80 35.84 19.51
CA GLU A 610 30.82 35.85 20.58
C GLU A 610 29.51 35.29 20.06
N ASN A 611 28.71 34.74 20.97
CA ASN A 611 27.47 34.09 20.59
C ASN A 611 26.31 34.65 21.42
N LEU A 612 26.62 35.09 22.63
CA LEU A 612 25.62 35.31 23.66
C LEU A 612 24.83 36.59 23.37
N THR A 613 23.57 36.42 22.95
CA THR A 613 22.62 37.49 22.61
C THR A 613 23.15 38.45 21.54
N ARG A 614 23.93 37.92 20.60
CA ARG A 614 24.40 38.68 19.45
C ARG A 614 23.94 37.91 18.22
N LEU A 615 22.71 38.18 17.79
CA LEU A 615 22.05 37.49 16.70
C LEU A 615 21.70 38.48 15.61
N VAL A 616 21.63 37.98 14.37
CA VAL A 616 21.32 38.81 13.21
C VAL A 616 19.88 38.51 12.80
N SER A 617 18.99 39.47 13.03
CA SER A 617 17.61 39.33 12.59
C SER A 617 17.48 39.82 11.16
N THR A 618 16.81 39.04 10.33
CA THR A 618 16.54 39.40 8.94
C THR A 618 15.05 39.56 8.73
N LYS A 619 14.68 39.94 7.51
CA LYS A 619 13.28 40.02 7.16
C LYS A 619 12.68 38.62 7.02
N LEU A 620 11.36 38.56 7.08
CA LEU A 620 10.69 37.27 7.06
C LEU A 620 10.73 36.64 5.67
N LYS A 621 10.72 37.46 4.62
CA LYS A 621 10.76 36.93 3.27
C LYS A 621 12.13 36.32 2.93
N ASP A 622 13.23 37.02 3.26
CA ASP A 622 14.57 36.54 2.93
C ASP A 622 14.93 35.25 3.64
N LEU A 623 14.28 35.00 4.80
CA LEU A 623 14.39 33.75 5.54
C LEU A 623 14.13 32.52 4.67
N CYS A 624 13.22 32.63 3.68
CA CYS A 624 12.88 31.49 2.83
C CYS A 624 14.10 31.02 2.05
N ARG A 625 14.97 31.97 1.67
CA ARG A 625 16.26 31.68 1.06
C ARG A 625 17.04 30.65 1.87
N MET A 626 17.25 30.95 3.16
CA MET A 626 17.98 30.06 4.03
C MET A 626 17.29 28.71 4.14
N LEU A 627 15.95 28.74 4.14
CA LEU A 627 15.20 27.50 4.32
C LEU A 627 15.37 26.58 3.13
N ILE A 628 15.43 27.14 1.90
CA ILE A 628 15.55 26.24 0.75
C ILE A 628 16.91 25.59 0.75
N VAL A 629 17.91 26.27 1.37
CA VAL A 629 19.27 25.74 1.46
C VAL A 629 19.27 24.45 2.25
N THR A 630 18.60 24.44 3.42
CA THR A 630 18.70 23.25 4.25
C THR A 630 17.88 22.13 3.64
N GLN A 631 16.82 22.47 2.89
CA GLN A 631 16.04 21.43 2.24
C GLN A 631 16.87 20.78 1.15
N PHE A 632 17.66 21.59 0.43
CA PHE A 632 18.53 21.06 -0.60
C PHE A 632 19.63 20.22 0.01
N TYR A 633 20.07 20.57 1.22
CA TYR A 633 21.10 19.76 1.85
C TYR A 633 20.51 18.44 2.34
N TYR A 634 19.21 18.44 2.68
CA TYR A 634 18.56 17.18 3.01
C TYR A 634 18.42 16.29 1.78
N CYS A 635 18.48 16.89 0.58
CA CYS A 635 18.50 16.07 -0.64
C CYS A 635 19.86 15.41 -0.84
N ILE A 636 20.93 16.02 -0.33
CA ILE A 636 22.27 15.53 -0.66
C ILE A 636 22.79 14.55 0.38
N TYR A 637 22.85 14.97 1.65
CA TYR A 637 23.63 14.26 2.65
C TYR A 637 22.78 13.29 3.47
N ASN A 638 21.79 12.67 2.84
CA ASN A 638 20.90 11.76 3.56
C ASN A 638 21.60 10.42 3.75
N ASP A 639 21.81 10.04 5.02
CA ASP A 639 22.37 8.76 5.41
C ASP A 639 21.54 8.24 6.57
N ASN A 640 22.03 7.18 7.22
CA ASN A 640 21.37 6.70 8.44
C ASN A 640 21.59 7.68 9.58
N GLN A 641 22.77 8.29 9.61
CA GLN A 641 23.20 9.15 10.70
C GLN A 641 22.34 10.40 10.79
N LEU A 642 21.93 10.93 9.64
CA LEU A 642 21.03 12.07 9.62
C LEU A 642 19.63 11.69 10.08
N GLU A 643 19.19 10.45 9.81
CA GLU A 643 17.87 10.01 10.24
C GLU A 643 17.80 9.89 11.77
N GLY A 644 18.71 9.10 12.34
CA GLY A 644 18.73 8.94 13.79
C GLY A 644 19.03 10.24 14.51
N PHE A 645 19.93 11.06 13.94
CA PHE A 645 20.20 12.37 14.50
C PHE A 645 18.99 13.29 14.43
N CYS A 646 18.14 13.15 13.41
CA CYS A 646 16.94 13.97 13.36
C CYS A 646 15.90 13.52 14.39
N ASN A 647 15.80 12.22 14.66
CA ASN A 647 14.95 11.76 15.76
C ASN A 647 15.41 12.30 17.11
N GLU A 648 16.72 12.16 17.38
CA GLU A 648 17.23 12.58 18.68
C GLU A 648 17.24 14.10 18.84
N GLN A 649 17.43 14.84 17.75
CA GLN A 649 17.30 16.29 17.85
C GLN A 649 15.84 16.70 17.97
N LYS A 650 14.89 15.88 17.52
CA LYS A 650 13.50 16.17 17.88
C LYS A 650 13.27 15.97 19.37
N LYS A 651 13.96 15.00 19.99
CA LYS A 651 13.88 14.85 21.44
C LYS A 651 14.44 16.06 22.17
N PHE A 652 15.62 16.53 21.75
CA PHE A 652 16.22 17.70 22.40
C PHE A 652 15.44 18.99 22.12
N LEU A 653 14.82 19.10 20.94
CA LEU A 653 13.88 20.20 20.71
C LEU A 653 12.68 20.13 21.63
N MET A 654 12.20 18.92 21.97
CA MET A 654 11.14 18.81 22.96
C MET A 654 11.62 19.22 24.34
N PHE A 655 12.89 18.94 24.66
CA PHE A 655 13.44 19.38 25.94
C PHE A 655 13.59 20.89 25.99
N LEU A 656 13.95 21.51 24.86
CA LEU A 656 14.14 22.96 24.84
C LEU A 656 12.81 23.69 24.89
N GLN A 657 11.78 23.14 24.22
CA GLN A 657 10.43 23.67 24.37
C GLN A 657 9.90 23.46 25.79
N ALA A 658 10.30 22.36 26.43
CA ALA A 658 9.98 22.18 27.84
C ALA A 658 10.70 23.21 28.71
N ASP A 659 11.86 23.70 28.26
CA ASP A 659 12.55 24.76 29.00
C ASP A 659 11.92 26.12 28.77
N LYS A 660 11.38 26.37 27.58
CA LYS A 660 10.94 27.71 27.20
C LYS A 660 9.73 28.20 28.00
N ASP A 661 8.90 27.28 28.49
CA ASP A 661 7.68 27.67 29.18
C ASP A 661 7.73 27.33 30.66
N SER A 662 8.89 26.86 31.15
CA SER A 662 9.15 26.54 32.56
C SER A 662 8.17 25.48 33.10
N LYS A 663 8.26 24.30 32.50
CA LYS A 663 7.36 23.20 32.79
C LYS A 663 7.99 22.12 33.66
N SER A 664 9.29 22.21 33.94
CA SER A 664 10.05 21.32 34.82
C SER A 664 9.97 19.86 34.35
N ALA A 665 10.54 19.63 33.16
CA ALA A 665 10.58 18.29 32.59
C ALA A 665 11.58 17.42 33.33
N PHE A 666 11.58 16.12 32.99
CA PHE A 666 12.44 15.16 33.66
C PHE A 666 12.73 13.98 32.73
N THR A 667 13.80 13.26 33.07
CA THR A 667 14.35 12.19 32.25
C THR A 667 14.61 11.00 33.16
N PHE A 668 14.60 9.79 32.59
CA PHE A 668 14.86 8.59 33.39
C PHE A 668 16.26 8.01 33.21
N ASN A 669 16.86 8.13 32.02
CA ASN A 669 18.18 7.59 31.79
C ASN A 669 18.85 8.45 30.71
N GLN A 670 19.80 9.28 31.12
CA GLN A 670 20.50 10.16 30.19
C GLN A 670 21.69 9.48 29.53
N LYS A 671 22.31 8.53 30.24
CA LYS A 671 23.61 7.99 29.82
C LYS A 671 23.49 7.20 28.52
N GLY A 672 22.52 6.28 28.44
CA GLY A 672 22.31 5.54 27.22
C GLY A 672 21.77 6.40 26.09
N LEU A 673 21.05 7.47 26.44
CA LEU A 673 20.58 8.44 25.46
C LEU A 673 21.74 9.11 24.74
N TYR A 674 22.71 9.63 25.51
CA TYR A 674 23.92 10.17 24.90
C TYR A 674 24.78 9.09 24.27
N GLU A 675 24.66 7.82 24.68
CA GLU A 675 25.35 6.79 23.93
C GLU A 675 24.69 6.49 22.59
N LYS A 676 23.41 6.81 22.42
CA LYS A 676 22.79 6.66 21.11
C LYS A 676 23.01 7.86 20.22
N ILE A 677 23.01 9.06 20.79
CA ILE A 677 23.28 10.25 19.98
C ILE A 677 24.74 10.30 19.58
N GLU A 678 25.63 10.06 20.53
CA GLU A 678 27.05 9.93 20.23
C GLU A 678 27.38 8.61 19.55
N GLU A 679 26.42 7.67 19.45
CA GLU A 679 26.58 6.53 18.56
C GLU A 679 26.27 6.87 17.12
N CYS A 680 25.28 7.71 16.85
CA CYS A 680 24.80 7.94 15.49
C CYS A 680 25.45 9.17 14.84
N ILE A 681 26.65 9.52 15.27
CA ILE A 681 27.42 10.61 14.68
C ILE A 681 28.79 10.04 14.36
N VAL A 682 29.04 9.75 13.08
CA VAL A 682 30.32 9.17 12.69
C VAL A 682 31.05 10.06 11.69
N SER A 683 30.48 10.23 10.49
CA SER A 683 31.24 10.86 9.41
C SER A 683 30.44 11.78 8.49
N ASN A 684 29.16 12.02 8.74
CA ASN A 684 28.40 12.87 7.84
C ASN A 684 28.65 14.33 8.19
N PRO A 685 29.09 15.17 7.23
CA PRO A 685 29.36 16.58 7.56
C PRO A 685 28.14 17.37 7.93
N LEU A 686 26.96 17.06 7.37
CA LEU A 686 25.75 17.73 7.79
C LEU A 686 25.36 17.35 9.22
N CYS A 687 25.61 16.10 9.61
CA CYS A 687 25.26 15.67 10.96
C CYS A 687 26.18 16.29 12.00
N ILE A 688 27.47 16.38 11.69
CA ILE A 688 28.43 17.01 12.60
C ILE A 688 28.18 18.51 12.68
N PHE A 689 27.84 19.12 11.54
CA PHE A 689 27.55 20.55 11.50
C PHE A 689 26.30 20.89 12.31
N LEU A 690 25.22 20.12 12.12
CA LEU A 690 23.99 20.38 12.88
C LEU A 690 24.14 20.00 14.35
N ALA A 691 25.05 19.08 14.67
CA ALA A 691 25.36 18.82 16.07
C ALA A 691 26.07 20.02 16.71
N ASP A 692 27.02 20.61 15.99
CA ASP A 692 27.72 21.80 16.48
C ASP A 692 26.77 22.97 16.65
N ARG A 693 25.88 23.18 15.67
CA ARG A 693 24.92 24.26 15.78
C ARG A 693 23.85 23.97 16.82
N LEU A 694 23.61 22.69 17.13
CA LEU A 694 22.74 22.36 18.25
C LEU A 694 23.40 22.71 19.58
N ASN A 695 24.71 22.50 19.70
CA ASN A 695 25.42 22.90 20.90
C ASN A 695 25.44 24.42 21.06
N LYS A 696 25.60 25.15 19.96
CA LYS A 696 25.55 26.61 20.03
C LYS A 696 24.14 27.11 20.32
N LEU A 697 23.13 26.36 19.86
CA LEU A 697 21.76 26.63 20.28
C LEU A 697 21.60 26.42 21.79
N PHE A 698 22.30 25.44 22.34
CA PHE A 698 22.26 25.24 23.79
C PHE A 698 22.99 26.37 24.53
N LEU A 699 23.97 27.00 23.89
CA LEU A 699 24.60 28.15 24.54
C LEU A 699 23.69 29.38 24.50
N VAL A 700 23.06 29.65 23.36
CA VAL A 700 22.21 30.85 23.24
C VAL A 700 20.96 30.69 24.07
N ALA A 701 20.36 29.49 24.07
CA ALA A 701 19.25 29.22 24.96
C ALA A 701 19.69 29.06 26.40
N LYS A 702 20.98 28.77 26.63
CA LYS A 702 21.51 28.75 27.98
C LYS A 702 21.68 30.15 28.54
N SER A 703 21.76 31.17 27.68
CA SER A 703 21.80 32.54 28.15
C SER A 703 20.49 33.01 28.79
N ASN A 704 19.38 32.32 28.53
CA ASN A 704 18.10 32.70 29.13
C ASN A 704 17.54 31.62 30.03
N GLY A 705 17.46 30.37 29.56
CA GLY A 705 16.85 29.28 30.32
C GLY A 705 17.91 28.47 31.04
N ALA A 706 17.53 27.90 32.18
CA ALA A 706 18.46 27.18 33.05
C ALA A 706 18.11 25.70 33.07
N LYS A 707 18.61 24.98 32.06
CA LYS A 707 18.60 23.52 32.04
C LYS A 707 19.85 22.94 31.37
N TYR A 708 20.89 23.75 31.16
CA TYR A 708 21.98 23.36 30.27
C TYR A 708 23.31 23.67 30.96
N PHE A 709 24.39 23.50 30.20
CA PHE A 709 25.76 23.80 30.61
C PHE A 709 26.40 24.76 29.61
N GLU A 710 27.70 24.99 29.78
CA GLU A 710 28.45 25.85 28.88
C GLU A 710 29.12 25.03 27.78
N MET B 1 31.32 35.29 10.07
CA MET B 1 30.00 35.16 10.68
C MET B 1 29.50 33.72 10.59
N GLU B 2 29.18 33.13 11.74
CA GLU B 2 28.60 31.80 11.76
C GLU B 2 27.11 31.89 11.44
N ILE B 3 26.46 30.73 11.31
CA ILE B 3 25.03 30.68 11.00
C ILE B 3 24.43 29.42 11.60
N ASN B 4 23.19 29.52 12.10
CA ASN B 4 22.51 28.45 12.81
C ASN B 4 21.04 28.46 12.41
N PRO B 5 20.54 27.40 11.76
CA PRO B 5 19.15 27.38 11.30
C PRO B 5 18.14 27.04 12.39
N TYR B 6 18.59 26.69 13.60
CA TYR B 6 17.68 26.33 14.66
C TYR B 6 17.21 27.52 15.49
N LEU B 7 17.76 28.71 15.22
CA LEU B 7 17.51 29.88 16.05
C LEU B 7 16.08 30.40 15.93
N LEU B 8 15.36 30.04 14.86
CA LEU B 8 13.96 30.41 14.70
C LEU B 8 13.09 29.87 15.83
N MET B 9 13.51 28.78 16.45
CA MET B 9 12.84 28.16 17.59
C MET B 9 13.02 28.94 18.88
N LEU B 10 13.81 30.01 18.90
CA LEU B 10 13.98 30.78 20.12
C LEU B 10 12.76 31.63 20.44
N ASN B 11 11.92 31.93 19.45
CA ASN B 11 10.68 32.67 19.69
C ASN B 11 9.53 32.05 18.91
N ASN B 12 9.52 30.72 18.84
CA ASN B 12 8.45 29.98 18.16
C ASN B 12 8.10 28.78 19.02
N ASP B 13 7.32 27.87 18.44
CA ASP B 13 6.89 26.64 19.10
C ASP B 13 7.44 25.43 18.34
N ILE B 14 7.08 24.24 18.81
CA ILE B 14 7.49 23.00 18.15
C ILE B 14 6.34 22.48 17.29
N THR B 15 5.37 23.35 17.01
CA THR B 15 4.30 23.01 16.09
C THR B 15 4.44 23.70 14.75
N SER B 16 5.44 24.56 14.58
CA SER B 16 5.72 25.24 13.33
C SER B 16 7.09 24.90 12.76
N MET B 17 8.11 24.84 13.61
CA MET B 17 9.49 24.59 13.18
C MET B 17 9.88 23.13 13.31
N ILE B 18 8.91 22.21 13.21
CA ILE B 18 9.22 20.79 13.39
C ILE B 18 9.21 20.03 12.07
N SER B 19 8.54 20.53 11.04
CA SER B 19 8.68 19.97 9.69
C SER B 19 10.04 20.29 9.08
N LEU B 20 10.78 21.23 9.67
CA LEU B 20 12.13 21.55 9.27
C LEU B 20 13.12 20.46 9.65
N THR B 21 12.78 19.60 10.62
CA THR B 21 13.71 18.61 11.15
C THR B 21 13.50 17.22 10.57
N TYR B 22 12.86 17.11 9.40
CA TYR B 22 12.67 15.81 8.78
C TYR B 22 13.46 15.73 7.47
N PRO B 23 14.31 14.72 7.29
CA PRO B 23 15.04 14.57 6.02
C PRO B 23 14.25 13.80 4.97
N TYR B 24 13.05 14.31 4.65
CA TYR B 24 12.14 13.62 3.76
C TYR B 24 12.26 14.07 2.31
N THR B 25 13.26 14.88 1.98
CA THR B 25 13.52 15.28 0.60
C THR B 25 14.64 14.46 -0.02
N GLY B 26 15.11 13.41 0.67
CA GLY B 26 16.21 12.62 0.20
C GLY B 26 15.84 11.16 0.04
N ALA B 27 16.83 10.37 -0.36
CA ALA B 27 16.59 8.96 -0.63
C ALA B 27 16.56 8.16 0.67
N PRO B 28 15.67 7.18 0.79
CA PRO B 28 15.68 6.32 1.96
C PRO B 28 16.81 5.31 1.86
N PRO B 29 17.41 4.92 3.00
CA PRO B 29 18.51 3.95 2.95
C PRO B 29 18.00 2.54 2.68
N MET B 30 18.65 1.85 1.76
CA MET B 30 18.29 0.49 1.40
C MET B 30 19.30 -0.50 1.98
N SER B 31 18.94 -1.78 1.90
CA SER B 31 19.79 -2.86 2.40
C SER B 31 20.59 -3.48 1.25
N HIS B 32 21.70 -4.11 1.62
CA HIS B 32 22.62 -4.68 0.66
C HIS B 32 23.06 -6.06 1.11
N GLY B 33 22.99 -7.04 0.20
CA GLY B 33 23.50 -8.36 0.51
C GLY B 33 22.52 -9.21 1.30
N THR B 34 23.08 -10.16 2.03
CA THR B 34 22.28 -11.12 2.78
C THR B 34 21.67 -10.48 4.03
N SER B 35 20.58 -11.07 4.50
CA SER B 35 19.87 -10.62 5.70
C SER B 35 19.88 -11.67 6.80
N THR B 36 20.97 -12.43 6.91
CA THR B 36 21.03 -13.54 7.87
C THR B 36 21.28 -13.04 9.29
N LYS B 37 22.23 -12.10 9.44
CA LYS B 37 22.66 -11.63 10.75
C LYS B 37 21.55 -10.92 11.51
N TYR B 38 20.62 -10.28 10.79
CA TYR B 38 19.51 -9.60 11.46
C TYR B 38 18.51 -10.61 12.02
N SER B 39 18.25 -11.68 11.29
CA SER B 39 17.38 -12.74 11.79
C SER B 39 18.03 -13.48 12.96
N MET B 40 19.34 -13.70 12.89
CA MET B 40 20.09 -14.28 14.00
C MET B 40 20.02 -13.38 15.23
N GLU B 41 20.08 -12.06 15.02
CA GLU B 41 19.97 -11.11 16.13
C GLU B 41 18.58 -11.11 16.73
N THR B 42 17.55 -11.26 15.90
CA THR B 42 16.18 -11.26 16.40
C THR B 42 15.88 -12.54 17.20
N VAL B 43 16.20 -13.70 16.64
CA VAL B 43 15.89 -14.97 17.31
C VAL B 43 16.77 -15.16 18.54
N SER B 44 18.08 -14.92 18.39
CA SER B 44 19.00 -15.08 19.51
C SER B 44 18.78 -14.03 20.57
N ARG B 45 18.29 -12.85 20.18
CA ARG B 45 17.92 -11.83 21.17
C ARG B 45 16.62 -12.21 21.87
N THR B 46 15.72 -12.91 21.19
CA THR B 46 14.52 -13.41 21.84
C THR B 46 14.85 -14.48 22.87
N TYR B 47 15.72 -15.43 22.51
CA TYR B 47 16.17 -16.45 23.46
C TYR B 47 17.01 -15.85 24.58
N SER B 48 17.70 -14.74 24.32
CA SER B 48 18.37 -14.03 25.42
C SER B 48 17.35 -13.32 26.30
N TYR B 49 16.21 -12.93 25.76
CA TYR B 49 15.14 -12.33 26.54
C TYR B 49 14.15 -13.35 27.08
N SER B 50 14.44 -14.65 26.92
CA SER B 50 13.54 -15.67 27.44
C SER B 50 13.59 -15.76 28.97
N ARG B 51 14.73 -15.38 29.56
CA ARG B 51 14.96 -15.37 31.02
C ARG B 51 14.79 -16.74 31.66
N THR B 52 15.07 -17.81 30.93
CA THR B 52 14.86 -19.16 31.45
C THR B 52 15.76 -20.14 30.73
N LYS B 53 15.73 -21.40 31.20
CA LYS B 53 16.39 -22.51 30.52
C LYS B 53 15.51 -23.75 30.59
N LYS B 54 14.24 -23.60 30.97
CA LYS B 54 13.31 -24.72 31.13
C LYS B 54 12.91 -25.23 29.75
N GLU B 55 13.57 -26.30 29.31
CA GLU B 55 13.33 -26.89 28.01
C GLU B 55 12.46 -28.13 28.15
N VAL B 56 11.55 -28.32 27.19
CA VAL B 56 10.63 -29.46 27.18
C VAL B 56 10.83 -30.18 25.85
N PRO B 57 11.02 -31.51 25.85
CA PRO B 57 11.19 -32.23 24.58
C PRO B 57 9.88 -32.32 23.81
N SER B 58 10.02 -32.57 22.51
CA SER B 58 8.90 -32.56 21.58
C SER B 58 8.75 -33.92 20.93
N GLY B 59 7.51 -34.29 20.63
CA GLY B 59 7.22 -35.54 19.96
C GLY B 59 6.89 -35.35 18.50
N ILE B 60 6.41 -34.17 18.14
CA ILE B 60 6.05 -33.86 16.77
C ILE B 60 7.27 -33.32 16.04
N PHE B 61 7.85 -32.26 16.56
CA PHE B 61 9.04 -31.66 15.98
C PHE B 61 10.29 -32.35 16.51
N PRO B 62 11.34 -32.46 15.71
CA PRO B 62 12.59 -33.08 16.18
C PRO B 62 13.53 -32.14 16.94
N ILE B 63 13.04 -31.01 17.44
CA ILE B 63 13.88 -30.03 18.11
C ILE B 63 13.26 -29.74 19.48
N GLU B 64 14.09 -29.23 20.39
CA GLU B 64 13.66 -28.95 21.75
C GLU B 64 12.79 -27.70 21.79
N ARG B 65 11.99 -27.60 22.86
CA ARG B 65 11.03 -26.52 23.03
C ARG B 65 11.28 -25.83 24.37
N ARG B 66 11.57 -24.53 24.33
CA ARG B 66 11.72 -23.75 25.54
C ARG B 66 10.40 -23.05 25.88
N LYS B 67 10.07 -23.03 27.16
CA LYS B 67 8.83 -22.42 27.63
C LYS B 67 9.02 -20.92 27.87
N PHE B 68 7.93 -20.17 27.74
CA PHE B 68 8.00 -18.72 27.84
C PHE B 68 7.02 -18.12 28.85
N CYS B 69 6.30 -18.93 29.61
CA CYS B 69 5.37 -18.41 30.60
C CYS B 69 5.53 -19.15 31.92
N ASN B 70 5.50 -18.38 33.01
CA ASN B 70 5.53 -18.83 34.41
C ASN B 70 6.81 -19.56 34.80
N THR B 71 7.86 -19.49 33.99
CA THR B 71 9.15 -20.10 34.33
C THR B 71 10.19 -18.99 34.29
N ILE B 72 10.34 -18.30 35.41
CA ILE B 72 11.18 -17.12 35.49
C ILE B 72 12.40 -17.42 36.36
N GLU B 73 13.56 -16.97 35.88
CA GLU B 73 14.79 -16.95 36.66
C GLU B 73 15.12 -15.47 36.86
N ASP B 74 14.77 -14.95 38.03
CA ASP B 74 14.81 -13.51 38.29
C ASP B 74 16.26 -13.04 38.38
N LYS B 75 16.73 -12.37 37.32
CA LYS B 75 18.04 -11.74 37.40
C LYS B 75 17.95 -10.44 38.19
N GLU B 76 19.11 -9.98 38.67
CA GLU B 76 19.15 -8.71 39.38
C GLU B 76 18.98 -7.54 38.42
N ASN B 77 19.39 -7.71 37.15
CA ASN B 77 19.21 -6.69 36.13
C ASN B 77 17.77 -6.75 35.63
N LEU B 78 16.87 -6.11 36.39
CA LEU B 78 15.47 -6.09 36.02
C LEU B 78 15.11 -4.91 35.12
N GLU B 79 15.97 -3.89 35.06
CA GLU B 79 15.77 -2.81 34.10
C GLU B 79 16.02 -3.26 32.68
N LYS B 80 16.78 -4.34 32.49
CA LYS B 80 16.86 -4.99 31.18
C LYS B 80 15.48 -5.56 30.82
N PRO B 81 15.14 -5.59 29.53
CA PRO B 81 13.78 -6.02 29.16
C PRO B 81 13.59 -7.52 29.33
N ASN B 82 12.43 -7.89 29.87
CA ASN B 82 12.07 -9.28 30.10
C ASN B 82 11.03 -9.75 29.09
N GLY B 83 10.98 -11.07 28.91
CA GLY B 83 10.04 -11.67 27.98
C GLY B 83 9.24 -12.79 28.59
N ASN B 84 8.83 -12.63 29.85
CA ASN B 84 8.14 -13.67 30.61
C ASN B 84 6.82 -13.12 31.12
N VAL B 85 5.73 -13.85 30.87
CA VAL B 85 4.39 -13.39 31.17
C VAL B 85 3.82 -14.22 32.32
N ASP B 86 3.20 -13.54 33.27
CA ASP B 86 2.45 -14.17 34.35
C ASP B 86 0.98 -14.19 33.94
N ILE B 87 0.41 -15.39 33.81
CA ILE B 87 -0.91 -15.49 33.20
C ILE B 87 -2.03 -15.16 34.18
N ASN B 88 -1.84 -15.45 35.48
CA ASN B 88 -2.86 -15.11 36.46
C ASN B 88 -2.94 -13.61 36.66
N PHE B 89 -1.82 -12.92 36.51
CA PHE B 89 -1.78 -11.47 36.61
C PHE B 89 -2.54 -10.82 35.47
N MET B 90 -2.32 -11.28 34.24
CA MET B 90 -3.00 -10.68 33.10
C MET B 90 -4.46 -11.10 33.00
N LEU B 91 -4.80 -12.31 33.46
CA LEU B 91 -6.22 -12.65 33.55
C LEU B 91 -6.90 -11.86 34.66
N SER B 92 -6.16 -11.52 35.72
CA SER B 92 -6.71 -10.59 36.71
C SER B 92 -6.89 -9.19 36.11
N LEU B 93 -6.03 -8.80 35.16
CA LEU B 93 -6.22 -7.53 34.48
C LEU B 93 -7.40 -7.58 33.51
N ALA B 94 -7.68 -8.75 32.94
CA ALA B 94 -8.82 -8.86 32.04
C ALA B 94 -10.13 -8.85 32.83
N GLU B 95 -10.16 -9.56 33.97
CA GLU B 95 -11.32 -9.49 34.85
C GLU B 95 -11.49 -8.09 35.44
N MET B 96 -10.39 -7.37 35.65
CA MET B 96 -10.48 -5.97 36.04
C MET B 96 -10.92 -5.09 34.89
N LEU B 97 -10.70 -5.53 33.64
CA LEU B 97 -11.10 -4.74 32.48
C LEU B 97 -12.60 -4.86 32.21
N GLU B 98 -13.13 -6.08 32.22
CA GLU B 98 -14.55 -6.28 31.92
C GLU B 98 -15.46 -5.80 33.04
N GLU B 99 -14.94 -5.58 34.24
CA GLU B 99 -15.72 -5.01 35.33
C GLU B 99 -15.82 -3.49 35.27
N LYS B 100 -15.21 -2.86 34.26
CA LYS B 100 -15.29 -1.41 34.11
C LYS B 100 -16.43 -0.99 33.20
N MET B 101 -16.62 -1.67 32.07
CA MET B 101 -17.67 -1.35 31.13
C MET B 101 -18.51 -2.60 30.84
N GLY B 102 -19.77 -2.56 31.25
CA GLY B 102 -20.73 -3.61 30.96
C GLY B 102 -20.45 -4.90 31.72
N LYS B 103 -21.29 -5.90 31.42
CA LYS B 103 -21.11 -7.25 31.95
C LYS B 103 -20.87 -8.27 30.84
N GLY B 104 -21.72 -8.29 29.82
CA GLY B 104 -21.53 -9.17 28.69
C GLY B 104 -20.77 -8.50 27.56
N PHE B 105 -19.56 -8.05 27.87
CA PHE B 105 -18.77 -7.27 26.90
C PHE B 105 -18.17 -8.17 25.83
N PHE B 106 -17.39 -9.17 26.25
CA PHE B 106 -16.73 -10.08 25.33
C PHE B 106 -17.72 -10.98 24.61
N LYS B 107 -18.87 -11.24 25.23
CA LYS B 107 -19.93 -11.99 24.55
C LYS B 107 -20.54 -11.16 23.43
N PHE B 108 -20.72 -9.86 23.65
CA PHE B 108 -21.30 -8.99 22.63
C PHE B 108 -20.34 -8.80 21.46
N CYS B 109 -19.08 -8.47 21.75
CA CYS B 109 -18.09 -8.28 20.70
C CYS B 109 -17.77 -9.59 19.99
N ALA B 110 -17.81 -10.71 20.71
CA ALA B 110 -17.59 -12.00 20.08
C ALA B 110 -18.78 -12.43 19.22
N ASN B 111 -20.00 -12.05 19.61
CA ASN B 111 -21.16 -12.35 18.77
C ASN B 111 -21.18 -11.49 17.51
N GLU B 112 -20.73 -10.24 17.60
CA GLU B 112 -20.59 -9.44 16.38
C GLU B 112 -19.46 -9.97 15.50
N ALA B 113 -18.37 -10.45 16.12
CA ALA B 113 -17.24 -10.96 15.36
C ALA B 113 -17.61 -12.23 14.61
N GLU B 114 -18.20 -13.20 15.31
CA GLU B 114 -18.66 -14.43 14.67
C GLU B 114 -19.83 -14.15 13.71
N ALA B 115 -20.60 -13.09 13.99
CA ALA B 115 -21.63 -12.65 13.05
C ALA B 115 -21.03 -12.15 11.74
N GLU B 116 -19.82 -11.59 11.77
CA GLU B 116 -19.17 -11.20 10.52
C GLU B 116 -18.29 -12.29 9.93
N ILE B 117 -17.91 -13.32 10.69
CA ILE B 117 -17.10 -14.40 10.13
C ILE B 117 -17.94 -15.29 9.22
N LEU B 118 -19.18 -15.61 9.64
CA LEU B 118 -20.02 -16.55 8.92
C LEU B 118 -20.53 -16.01 7.59
N LYS B 119 -20.43 -14.70 7.35
CA LYS B 119 -20.85 -14.09 6.09
C LYS B 119 -19.66 -13.57 5.30
N MET B 120 -18.54 -14.28 5.37
CA MET B 120 -17.31 -13.86 4.72
C MET B 120 -16.88 -14.93 3.73
N HIS B 121 -16.50 -14.49 2.54
CA HIS B 121 -16.02 -15.36 1.47
C HIS B 121 -14.50 -15.36 1.47
N PHE B 122 -13.90 -16.45 0.96
CA PHE B 122 -12.46 -16.60 1.13
C PHE B 122 -11.64 -15.84 0.09
N SER B 123 -12.28 -15.29 -0.94
CA SER B 123 -11.58 -14.46 -1.92
C SER B 123 -11.08 -13.15 -1.33
N LYS B 124 -11.57 -12.77 -0.15
CA LYS B 124 -11.01 -11.66 0.62
C LYS B 124 -9.54 -11.91 0.97
N LEU B 125 -9.11 -13.17 1.04
CA LEU B 125 -7.70 -13.48 1.23
C LEU B 125 -6.83 -13.07 0.04
N THR B 126 -7.42 -12.84 -1.14
CA THR B 126 -6.64 -12.36 -2.27
C THR B 126 -6.45 -10.85 -2.27
N GLU B 127 -7.17 -10.13 -1.41
CA GLU B 127 -7.09 -8.67 -1.35
C GLU B 127 -6.10 -8.24 -0.25
N GLY B 128 -4.86 -8.68 -0.40
CA GLY B 128 -3.84 -8.38 0.59
C GLY B 128 -2.47 -8.10 0.02
N ARG B 129 -1.47 -8.07 0.89
CA ARG B 129 -0.10 -7.80 0.50
C ARG B 129 0.57 -9.09 0.04
N GLN B 130 1.89 -9.08 -0.08
CA GLN B 130 2.62 -10.28 -0.51
C GLN B 130 2.62 -11.34 0.57
N THR B 131 2.61 -12.60 0.13
CA THR B 131 2.69 -13.76 1.00
C THR B 131 3.84 -14.64 0.54
N TYR B 132 4.06 -15.72 1.28
CA TYR B 132 5.11 -16.68 1.01
C TYR B 132 4.50 -17.92 0.38
N ASP B 133 4.93 -18.24 -0.83
CA ASP B 133 4.57 -19.48 -1.50
C ASP B 133 5.59 -20.55 -1.15
N TRP B 134 5.14 -21.62 -0.53
CA TRP B 134 5.99 -22.74 -0.18
C TRP B 134 6.10 -23.78 -1.29
N THR B 135 5.38 -23.59 -2.39
CA THR B 135 5.48 -24.54 -3.50
C THR B 135 6.82 -24.40 -4.22
N SER B 136 7.16 -23.18 -4.63
CA SER B 136 8.47 -22.87 -5.19
C SER B 136 9.36 -22.16 -4.18
N GLU B 137 8.86 -21.91 -2.98
CA GLU B 137 9.59 -21.31 -1.84
C GLU B 137 10.09 -19.91 -2.18
N ARG B 138 9.16 -19.04 -2.57
CA ARG B 138 9.47 -17.65 -2.91
C ARG B 138 8.39 -16.74 -2.33
N ASN B 139 8.49 -15.46 -2.64
CA ASN B 139 7.49 -14.47 -2.24
C ASN B 139 6.64 -14.12 -3.45
N MET B 140 5.32 -14.22 -3.29
CA MET B 140 4.38 -14.05 -4.38
C MET B 140 3.17 -13.27 -3.86
N PRO B 141 2.39 -12.65 -4.75
CA PRO B 141 1.13 -12.04 -4.30
C PRO B 141 0.12 -13.09 -3.87
N ALA B 142 -0.96 -12.60 -3.24
CA ALA B 142 -1.87 -13.46 -2.48
C ALA B 142 -2.69 -14.38 -3.39
N ALA B 143 -3.09 -13.89 -4.56
CA ALA B 143 -3.91 -14.70 -5.45
C ALA B 143 -3.11 -15.84 -6.07
N THR B 144 -1.82 -15.60 -6.35
CA THR B 144 -0.98 -16.63 -6.94
C THR B 144 -0.69 -17.75 -5.94
N ALA B 145 -0.36 -17.39 -4.70
CA ALA B 145 -0.08 -18.40 -3.68
C ALA B 145 -1.35 -19.13 -3.27
N LEU B 146 -2.49 -18.43 -3.25
CA LEU B 146 -3.76 -19.09 -2.95
C LEU B 146 -4.14 -20.07 -4.06
N GLN B 147 -3.92 -19.69 -5.32
CA GLN B 147 -4.27 -20.58 -6.43
C GLN B 147 -3.29 -21.74 -6.55
N LEU B 148 -2.04 -21.56 -6.11
CA LEU B 148 -1.13 -22.71 -6.03
C LEU B 148 -1.49 -23.62 -4.87
N THR B 149 -2.05 -23.06 -3.79
CA THR B 149 -2.51 -23.88 -2.67
C THR B 149 -3.71 -24.73 -3.08
N VAL B 150 -4.72 -24.10 -3.71
CA VAL B 150 -5.89 -24.82 -4.23
C VAL B 150 -5.48 -25.79 -5.33
N ASP B 151 -4.44 -25.45 -6.10
CA ASP B 151 -3.90 -26.38 -7.09
C ASP B 151 -3.30 -27.62 -6.42
N ALA B 152 -2.62 -27.43 -5.29
CA ALA B 152 -2.12 -28.59 -4.55
C ALA B 152 -3.24 -29.39 -3.91
N ILE B 153 -4.33 -28.73 -3.52
CA ILE B 153 -5.49 -29.43 -2.95
C ILE B 153 -6.15 -30.30 -4.00
N GLN B 154 -6.50 -29.71 -5.14
CA GLN B 154 -7.18 -30.46 -6.20
C GLN B 154 -6.26 -31.44 -6.90
N GLU B 155 -4.94 -31.26 -6.79
CA GLU B 155 -4.03 -32.25 -7.34
C GLU B 155 -3.79 -33.40 -6.37
N THR B 156 -3.82 -33.14 -5.07
CA THR B 156 -3.46 -34.17 -4.09
C THR B 156 -4.58 -35.21 -3.92
N GLN B 157 -5.73 -34.78 -3.41
CA GLN B 157 -6.85 -35.68 -3.15
C GLN B 157 -8.15 -34.92 -3.39
N GLY B 158 -8.87 -35.30 -4.45
CA GLY B 158 -10.21 -34.78 -4.67
C GLY B 158 -10.21 -33.43 -5.35
N THR B 159 -11.33 -32.73 -5.19
CA THR B 159 -11.51 -31.37 -5.68
C THR B 159 -11.81 -30.44 -4.51
N PHE B 160 -12.13 -29.19 -4.81
CA PHE B 160 -12.49 -28.21 -3.81
C PHE B 160 -13.89 -27.69 -4.10
N LYS B 161 -14.74 -27.67 -3.07
CA LYS B 161 -16.11 -27.19 -3.20
C LYS B 161 -16.49 -26.22 -2.11
N GLY B 162 -15.52 -25.63 -1.42
CA GLY B 162 -15.78 -24.88 -0.20
C GLY B 162 -16.50 -23.57 -0.36
N THR B 163 -15.82 -22.59 -0.97
CA THR B 163 -16.28 -21.21 -1.19
C THR B 163 -16.65 -20.48 0.11
N THR B 164 -16.12 -20.90 1.26
CA THR B 164 -16.31 -20.19 2.52
C THR B 164 -14.99 -20.13 3.27
N MET B 165 -15.00 -19.38 4.38
CA MET B 165 -13.84 -19.31 5.24
C MET B 165 -13.65 -20.61 6.02
N VAL B 166 -14.73 -21.07 6.66
CA VAL B 166 -14.65 -22.15 7.64
C VAL B 166 -14.33 -23.48 6.98
N GLU B 167 -14.93 -23.74 5.81
CA GLU B 167 -14.65 -24.98 5.09
C GLU B 167 -13.26 -24.97 4.47
N TYR B 168 -12.70 -23.78 4.21
CA TYR B 168 -11.32 -23.71 3.74
C TYR B 168 -10.34 -23.96 4.89
N CYS B 169 -10.64 -23.43 6.08
CA CYS B 169 -9.81 -23.71 7.25
C CYS B 169 -9.86 -25.19 7.62
N ASN B 170 -11.05 -25.77 7.58
CA ASN B 170 -11.21 -27.21 7.79
C ASN B 170 -10.54 -28.01 6.69
N LYS B 171 -10.45 -27.44 5.49
CA LYS B 171 -9.69 -28.08 4.42
C LYS B 171 -8.19 -28.07 4.72
N ILE B 172 -7.71 -26.99 5.35
CA ILE B 172 -6.29 -26.93 5.73
C ILE B 172 -5.99 -27.94 6.85
N LEU B 173 -6.89 -28.07 7.82
CA LEU B 173 -6.70 -29.07 8.88
C LEU B 173 -6.80 -30.48 8.32
N GLU B 174 -7.66 -30.69 7.32
CA GLU B 174 -7.70 -31.97 6.62
C GLU B 174 -6.41 -32.22 5.85
N MET B 175 -5.77 -31.16 5.34
CA MET B 175 -4.44 -31.31 4.78
C MET B 175 -3.41 -31.66 5.85
N MET B 176 -3.64 -31.22 7.09
CA MET B 176 -2.75 -31.64 8.17
C MET B 176 -2.94 -33.10 8.51
N ASP B 177 -4.15 -33.65 8.34
CA ASP B 177 -4.32 -35.08 8.55
C ASP B 177 -3.85 -35.95 7.40
N TRP B 178 -3.47 -35.38 6.27
CA TRP B 178 -3.11 -36.20 5.12
C TRP B 178 -1.71 -36.80 5.28
N PRO B 179 -1.50 -38.02 4.79
CA PRO B 179 -0.17 -38.66 4.92
C PRO B 179 0.81 -38.26 3.83
N GLU B 180 0.34 -37.76 2.69
CA GLU B 180 1.23 -37.42 1.59
C GLU B 180 0.57 -36.35 0.73
N VAL B 181 1.34 -35.32 0.38
CA VAL B 181 0.84 -34.17 -0.37
C VAL B 181 1.66 -34.05 -1.65
N LYS B 182 0.97 -33.98 -2.78
CA LYS B 182 1.63 -33.87 -4.08
C LYS B 182 1.37 -32.51 -4.68
N PHE B 183 2.41 -31.91 -5.24
CA PHE B 183 2.31 -30.60 -5.88
C PHE B 183 3.19 -30.64 -7.13
N LYS B 184 3.43 -29.47 -7.72
CA LYS B 184 4.13 -29.39 -9.00
C LYS B 184 5.42 -28.59 -8.85
N LYS B 185 6.52 -29.16 -9.33
CA LYS B 185 7.80 -28.48 -9.43
C LYS B 185 8.18 -28.28 -10.89
N VAL B 186 9.23 -27.49 -11.10
CA VAL B 186 9.76 -27.22 -12.42
C VAL B 186 11.15 -27.82 -12.56
N THR B 208 7.71 -28.09 -18.76
CA THR B 208 8.57 -28.27 -17.60
C THR B 208 7.79 -28.16 -16.29
N LEU B 209 6.70 -28.93 -16.20
CA LEU B 209 5.87 -28.97 -15.00
C LEU B 209 5.80 -30.43 -14.54
N MET B 210 6.78 -30.84 -13.74
CA MET B 210 6.78 -32.17 -13.16
C MET B 210 5.96 -32.18 -11.86
N ILE B 211 5.56 -33.37 -11.45
CA ILE B 211 4.71 -33.56 -10.28
C ILE B 211 5.55 -34.27 -9.22
N THR B 212 5.73 -33.61 -8.08
CA THR B 212 6.49 -34.14 -6.96
C THR B 212 5.56 -34.39 -5.77
N LYS B 213 6.12 -35.05 -4.76
CA LYS B 213 5.37 -35.44 -3.57
C LYS B 213 6.17 -35.06 -2.34
N ILE B 214 5.49 -35.11 -1.19
CA ILE B 214 6.11 -34.78 0.08
C ILE B 214 5.34 -35.51 1.18
N GLY B 215 6.03 -35.80 2.29
CA GLY B 215 5.48 -36.61 3.36
C GLY B 215 4.52 -35.85 4.26
N ARG B 216 4.47 -36.28 5.52
CA ARG B 216 3.56 -35.71 6.50
C ARG B 216 4.24 -34.73 7.44
N GLU B 217 5.38 -35.11 8.03
CA GLU B 217 6.07 -34.22 8.94
C GLU B 217 6.77 -33.08 8.21
N GLU B 218 7.18 -33.31 6.96
CA GLU B 218 7.80 -32.24 6.18
C GLU B 218 6.75 -31.22 5.73
N PHE B 219 5.51 -31.67 5.52
CA PHE B 219 4.42 -30.74 5.26
C PHE B 219 4.10 -29.90 6.48
N ILE B 220 4.28 -30.45 7.69
CA ILE B 220 4.12 -29.65 8.89
C ILE B 220 5.26 -28.66 9.02
N LYS B 221 6.48 -29.09 8.70
CA LYS B 221 7.63 -28.20 8.72
C LYS B 221 7.57 -27.12 7.65
N ARG B 222 6.79 -27.33 6.59
CA ARG B 222 6.70 -26.38 5.50
C ARG B 222 5.47 -25.47 5.60
N ILE B 223 4.39 -25.93 6.23
CA ILE B 223 3.20 -25.12 6.36
C ILE B 223 3.38 -24.03 7.42
N CYS B 224 4.35 -24.18 8.32
CA CYS B 224 4.60 -23.22 9.38
C CYS B 224 5.94 -22.50 9.19
N THR B 225 6.27 -22.17 7.94
CA THR B 225 7.49 -21.47 7.61
C THR B 225 7.18 -20.01 7.31
N ILE B 226 7.87 -19.11 7.99
CA ILE B 226 7.70 -17.66 7.82
C ILE B 226 9.01 -17.09 7.30
N ASN B 227 8.94 -16.36 6.19
CA ASN B 227 10.12 -15.94 5.45
C ASN B 227 10.53 -14.55 5.91
N THR B 228 11.79 -14.39 6.30
CA THR B 228 12.30 -13.10 6.74
C THR B 228 13.15 -12.45 5.65
N MET B 229 13.09 -11.12 5.62
CA MET B 229 13.89 -10.33 4.68
C MET B 229 14.22 -9.01 5.36
N ALA B 230 14.86 -8.11 4.62
CA ALA B 230 15.32 -6.83 5.14
C ALA B 230 14.30 -5.74 4.86
N LYS B 231 13.95 -4.98 5.89
CA LYS B 231 13.01 -3.88 5.76
C LYS B 231 13.65 -2.74 4.97
N ASP B 232 13.13 -2.48 3.78
CA ASP B 232 13.68 -1.45 2.89
C ASP B 232 12.86 -0.18 2.99
N GLY B 233 13.55 0.96 3.13
CA GLY B 233 12.89 2.25 3.14
C GLY B 233 12.14 2.56 4.42
N GLU B 234 12.86 2.63 5.53
CA GLU B 234 12.29 2.99 6.82
C GLU B 234 12.99 4.26 7.31
N ARG B 235 12.29 5.38 7.24
CA ARG B 235 12.84 6.67 7.65
C ARG B 235 12.91 6.74 9.17
N GLY B 236 14.12 6.72 9.72
CA GLY B 236 14.28 7.03 11.13
C GLY B 236 15.13 6.10 11.96
N LYS B 237 15.88 5.19 11.35
CA LYS B 237 16.71 4.27 12.09
C LYS B 237 18.12 4.23 11.53
N TYR B 238 19.08 3.90 12.40
CA TYR B 238 20.48 3.78 12.04
C TYR B 238 20.85 2.37 11.60
N LYS B 239 20.36 1.36 12.32
CA LYS B 239 20.57 -0.03 11.96
C LYS B 239 19.30 -0.59 11.32
N ARG B 240 19.49 -1.52 10.40
CA ARG B 240 18.38 -2.10 9.67
C ARG B 240 17.67 -3.16 10.53
N ARG B 241 16.53 -3.62 10.05
CA ARG B 241 15.72 -4.59 10.78
C ARG B 241 15.09 -5.55 9.78
N ALA B 242 14.84 -6.78 10.23
CA ALA B 242 14.29 -7.83 9.38
C ALA B 242 12.78 -7.91 9.58
N ILE B 243 12.04 -7.79 8.48
CA ILE B 243 10.58 -7.94 8.47
C ILE B 243 10.28 -9.37 8.04
N ALA B 244 9.11 -9.88 8.45
CA ALA B 244 8.74 -11.26 8.18
C ALA B 244 7.40 -11.33 7.48
N THR B 245 7.27 -12.29 6.56
CA THR B 245 6.05 -12.54 5.81
C THR B 245 5.61 -13.98 6.03
N PRO B 246 4.38 -14.23 6.42
CA PRO B 246 3.91 -15.59 6.66
C PRO B 246 3.50 -16.26 5.36
N GLY B 247 3.02 -17.49 5.48
CA GLY B 247 2.54 -18.23 4.33
C GLY B 247 1.09 -17.92 4.01
N MET B 248 0.34 -18.93 3.56
CA MET B 248 -1.07 -18.77 3.28
C MET B 248 -1.98 -19.40 4.32
N GLY B 249 -1.56 -20.51 4.94
CA GLY B 249 -2.32 -21.21 5.94
C GLY B 249 -2.35 -20.57 7.32
N ILE B 250 -1.92 -19.32 7.47
CA ILE B 250 -1.96 -18.63 8.75
C ILE B 250 -2.81 -17.39 8.55
N ARG B 251 -2.91 -16.94 7.29
CA ARG B 251 -3.63 -15.70 6.97
C ARG B 251 -5.12 -15.67 7.29
N PRO B 252 -5.95 -16.71 7.03
CA PRO B 252 -7.37 -16.57 7.41
C PRO B 252 -7.60 -16.60 8.92
N PHE B 253 -6.79 -17.37 9.66
CA PHE B 253 -6.93 -17.42 11.11
C PHE B 253 -6.53 -16.09 11.73
N SER B 254 -5.45 -15.50 11.22
CA SER B 254 -5.04 -14.16 11.65
C SER B 254 -6.05 -13.11 11.23
N LYS B 255 -6.76 -13.33 10.11
CA LYS B 255 -7.84 -12.44 9.74
C LYS B 255 -8.99 -12.53 10.73
N ILE B 256 -9.26 -13.74 11.24
CA ILE B 256 -10.29 -13.93 12.26
C ILE B 256 -9.93 -13.19 13.55
N VAL B 257 -8.67 -13.34 13.99
CA VAL B 257 -8.23 -12.70 15.23
C VAL B 257 -8.20 -11.18 15.06
N GLU B 258 -7.82 -10.69 13.87
CA GLU B 258 -7.81 -9.24 13.65
C GLU B 258 -9.23 -8.68 13.50
N THR B 259 -10.20 -9.49 13.11
CA THR B 259 -11.59 -9.03 13.16
C THR B 259 -12.11 -8.95 14.59
N LEU B 260 -11.76 -9.96 15.41
CA LEU B 260 -12.18 -9.95 16.82
C LEU B 260 -11.57 -8.78 17.57
N ALA B 261 -10.23 -8.67 17.54
CA ALA B 261 -9.55 -7.54 18.17
C ALA B 261 -9.85 -6.22 17.49
N GLN B 262 -10.27 -6.25 16.22
CA GLN B 262 -10.72 -5.03 15.57
C GLN B 262 -12.02 -4.53 16.17
N LYS B 263 -12.98 -5.43 16.42
CA LYS B 263 -14.22 -5.01 17.05
C LYS B 263 -14.02 -4.62 18.51
N ILE B 264 -13.09 -5.31 19.20
CA ILE B 264 -12.77 -4.96 20.58
C ILE B 264 -12.15 -3.56 20.64
N CYS B 265 -11.23 -3.25 19.71
CA CYS B 265 -10.63 -1.93 19.71
C CYS B 265 -11.60 -0.85 19.24
N GLU B 266 -12.55 -1.19 18.36
CA GLU B 266 -13.56 -0.22 17.97
C GLU B 266 -14.57 0.05 19.08
N ARG B 267 -14.76 -0.89 20.00
CA ARG B 267 -15.73 -0.64 21.07
C ARG B 267 -15.12 0.14 22.23
N LEU B 268 -13.80 0.01 22.45
CA LEU B 268 -13.16 0.65 23.59
C LEU B 268 -13.06 2.17 23.40
N ALA B 269 -12.57 2.83 24.46
CA ALA B 269 -12.46 4.29 24.47
C ALA B 269 -11.06 4.75 24.88
N GLU B 270 -10.06 3.86 24.86
CA GLU B 270 -8.69 4.21 25.19
C GLU B 270 -7.72 3.65 24.14
N SER B 271 -8.15 3.61 22.89
CA SER B 271 -7.32 3.10 21.80
C SER B 271 -7.40 4.06 20.62
N GLY B 272 -6.42 3.96 19.72
CA GLY B 272 -6.37 4.85 18.58
C GLY B 272 -5.90 4.23 17.28
N LEU B 273 -6.12 2.93 17.09
CA LEU B 273 -5.76 2.29 15.84
C LEU B 273 -6.72 2.52 14.66
N PRO B 274 -8.10 2.36 14.80
CA PRO B 274 -8.94 2.53 13.60
C PRO B 274 -8.99 3.95 13.05
N VAL B 275 -9.23 4.93 13.93
CA VAL B 275 -9.37 6.36 13.60
C VAL B 275 -10.44 6.61 12.55
N GLU B 279 -10.22 8.68 16.13
CA GLU B 279 -10.05 9.98 15.49
C GLU B 279 -8.71 10.58 15.93
N LYS B 280 -8.30 10.19 17.14
CA LYS B 280 -6.98 10.37 17.76
C LYS B 280 -6.73 11.83 18.20
N LYS B 281 -7.63 12.74 17.85
CA LYS B 281 -7.55 14.12 18.31
C LYS B 281 -8.70 14.52 19.23
N ALA B 282 -9.87 13.91 19.05
CA ALA B 282 -10.97 14.17 19.97
C ALA B 282 -10.81 13.41 21.28
N LYS B 283 -10.21 12.20 21.22
CA LYS B 283 -10.08 11.37 22.40
C LYS B 283 -9.11 11.98 23.41
N LEU B 284 -8.03 12.58 22.93
CA LEU B 284 -7.07 13.21 23.83
C LEU B 284 -7.61 14.50 24.42
N LYS B 285 -8.45 15.23 23.67
CA LYS B 285 -9.10 16.40 24.24
C LYS B 285 -10.12 16.01 25.29
N THR B 286 -10.83 14.90 25.08
CA THR B 286 -11.80 14.45 26.09
C THR B 286 -11.13 13.84 27.31
N THR B 287 -9.95 13.23 27.17
CA THR B 287 -9.32 12.68 28.37
C THR B 287 -8.47 13.70 29.11
N VAL B 288 -7.88 14.69 28.42
CA VAL B 288 -7.20 15.78 29.12
C VAL B 288 -8.21 16.69 29.79
N SER B 289 -9.29 17.04 29.07
CA SER B 289 -10.33 17.88 29.63
C SER B 289 -11.12 17.15 30.71
N SER B 290 -11.36 15.85 30.53
CA SER B 290 -12.15 15.11 31.51
C SER B 290 -11.34 14.75 32.74
N THR B 291 -10.04 14.52 32.61
CA THR B 291 -9.23 14.21 33.78
C THR B 291 -8.63 15.44 34.45
N ASN B 292 -8.66 16.60 33.80
CA ASN B 292 -8.35 17.84 34.51
C ASN B 292 -9.52 18.36 35.33
N SER B 293 -10.70 17.77 35.19
CA SER B 293 -11.85 18.11 36.02
C SER B 293 -12.03 17.15 37.19
N LYS B 294 -11.01 16.36 37.51
CA LYS B 294 -11.04 15.39 38.60
C LYS B 294 -9.87 15.59 39.53
N LEU B 295 -9.58 16.85 39.85
CA LEU B 295 -8.45 17.20 40.69
C LEU B 295 -8.93 17.73 42.03
N GLN B 296 -8.16 17.45 43.07
CA GLN B 296 -8.45 17.92 44.42
C GLN B 296 -7.77 19.27 44.65
N GLU B 297 -7.74 19.71 45.91
CA GLU B 297 -7.20 21.02 46.24
C GLU B 297 -5.68 21.07 46.18
N GLY B 298 -5.01 19.92 46.19
CA GLY B 298 -3.56 19.90 46.16
C GLY B 298 -2.97 18.97 45.13
N GLN B 299 -3.82 18.22 44.44
CA GLN B 299 -3.36 17.28 43.43
C GLN B 299 -2.92 18.01 42.17
N PHE B 300 -2.16 17.32 41.34
CA PHE B 300 -1.79 17.81 40.02
C PHE B 300 -1.52 16.63 39.09
N MET B 301 -1.27 16.96 37.83
CA MET B 301 -1.15 16.02 36.74
C MET B 301 0.19 16.19 36.05
N VAL B 302 0.84 15.07 35.73
CA VAL B 302 2.06 15.03 34.95
C VAL B 302 1.88 14.00 33.85
N ASN B 303 2.07 14.41 32.60
CA ASN B 303 2.01 13.48 31.49
C ASN B 303 3.41 13.04 31.07
N ILE B 304 3.49 11.79 30.62
CA ILE B 304 4.74 11.16 30.21
C ILE B 304 4.53 10.50 28.86
N THR B 305 5.27 10.99 27.86
CA THR B 305 5.46 10.28 26.60
C THR B 305 6.50 9.20 26.79
N GLY B 306 6.14 7.97 26.43
CA GLY B 306 7.03 6.84 26.46
C GLY B 306 7.18 6.19 25.10
N ASP B 307 7.94 5.10 25.09
CA ASP B 307 8.14 4.32 23.88
C ASP B 307 8.47 2.90 24.31
N ASN B 308 7.60 1.95 24.01
CA ASN B 308 7.83 0.58 24.41
C ASN B 308 8.88 -0.05 23.50
N SER B 309 9.97 -0.51 24.11
CA SER B 309 11.12 -1.00 23.36
C SER B 309 11.10 -2.52 23.27
N LYS B 310 11.64 -3.02 22.16
CA LYS B 310 11.67 -4.45 21.81
C LYS B 310 10.26 -5.05 21.82
N TRP B 311 9.38 -4.43 21.03
CA TRP B 311 7.97 -4.78 21.05
C TRP B 311 7.69 -6.10 20.32
N ASN B 312 8.59 -6.52 19.44
CA ASN B 312 8.41 -7.74 18.66
C ASN B 312 9.14 -8.93 19.24
N GLU B 313 9.75 -8.79 20.42
CA GLU B 313 10.44 -9.89 21.08
C GLU B 313 9.94 -10.14 22.49
N CYS B 314 8.89 -9.46 22.91
CA CYS B 314 8.38 -9.60 24.27
C CYS B 314 6.88 -9.87 24.30
N GLN B 315 6.26 -10.07 23.15
CA GLN B 315 4.84 -10.41 23.06
C GLN B 315 4.74 -11.89 22.71
N GLN B 316 4.51 -12.73 23.71
CA GLN B 316 4.42 -14.15 23.44
C GLN B 316 2.98 -14.54 23.10
N PRO B 317 2.80 -15.48 22.16
CA PRO B 317 1.45 -15.90 21.77
C PRO B 317 0.76 -16.83 22.76
N GLU B 318 1.46 -17.27 23.82
CA GLU B 318 0.82 -18.10 24.82
C GLU B 318 -0.14 -17.30 25.68
N ALA B 319 0.22 -16.05 25.99
CA ALA B 319 -0.71 -15.14 26.65
C ALA B 319 -1.87 -14.78 25.73
N TYR B 320 -1.63 -14.74 24.42
CA TYR B 320 -2.73 -14.63 23.46
C TYR B 320 -3.62 -15.86 23.49
N LEU B 321 -3.05 -17.03 23.74
CA LEU B 321 -3.84 -18.25 23.80
C LEU B 321 -4.69 -18.27 25.07
N ALA B 322 -4.14 -17.77 26.18
CA ALA B 322 -4.89 -17.73 27.42
C ALA B 322 -5.98 -16.67 27.38
N MET B 323 -5.65 -15.47 26.87
CA MET B 323 -6.65 -14.41 26.82
C MET B 323 -7.74 -14.72 25.80
N LEU B 324 -7.36 -15.24 24.63
CA LEU B 324 -8.38 -15.66 23.66
C LEU B 324 -9.12 -16.92 24.10
N ALA B 325 -8.57 -17.68 25.05
CA ALA B 325 -9.38 -18.67 25.75
C ALA B 325 -10.31 -18.02 26.77
N TYR B 326 -10.01 -16.80 27.23
CA TYR B 326 -10.84 -16.14 28.22
C TYR B 326 -11.94 -15.28 27.61
N ILE B 327 -11.72 -14.72 26.42
CA ILE B 327 -12.69 -13.84 25.78
C ILE B 327 -13.90 -14.64 25.29
N THR B 328 -13.65 -15.80 24.69
CA THR B 328 -14.69 -16.61 24.09
C THR B 328 -15.16 -17.72 25.01
N LYS B 329 -15.24 -17.43 26.32
CA LYS B 329 -15.67 -18.46 27.27
C LYS B 329 -17.14 -18.80 27.10
N ASP B 330 -17.99 -17.82 26.73
CA ASP B 330 -19.38 -18.06 26.37
C ASP B 330 -19.63 -17.35 25.04
N SER B 331 -19.22 -17.99 23.95
CA SER B 331 -19.56 -17.47 22.63
C SER B 331 -20.31 -18.50 21.80
N SER B 332 -19.69 -19.66 21.62
CA SER B 332 -20.15 -20.74 20.76
C SER B 332 -19.24 -21.93 20.99
N ASN B 333 -19.40 -22.98 20.18
CA ASN B 333 -18.42 -24.05 20.08
C ASN B 333 -17.56 -23.93 18.84
N LEU B 334 -18.04 -23.24 17.80
CA LEU B 334 -17.24 -23.00 16.60
C LEU B 334 -16.18 -21.93 16.84
N MET B 335 -16.59 -20.79 17.43
CA MET B 335 -15.67 -19.69 17.64
C MET B 335 -14.66 -20.00 18.74
N LYS B 336 -15.05 -20.80 19.73
CA LYS B 336 -14.19 -21.10 20.86
C LYS B 336 -12.97 -21.93 20.45
N ASP B 337 -13.12 -22.78 19.43
CA ASP B 337 -12.01 -23.52 18.86
C ASP B 337 -11.47 -22.88 17.59
N LEU B 338 -12.17 -21.91 17.03
CA LEU B 338 -11.70 -21.23 15.83
C LEU B 338 -10.86 -20.00 16.15
N CYS B 339 -11.01 -19.43 17.34
CA CYS B 339 -10.14 -18.35 17.81
C CYS B 339 -9.05 -18.86 18.74
N SER B 340 -8.65 -20.13 18.58
CA SER B 340 -7.61 -20.72 19.41
C SER B 340 -6.65 -21.56 18.58
N VAL B 341 -6.39 -21.14 17.35
CA VAL B 341 -5.56 -21.89 16.41
C VAL B 341 -4.37 -21.07 15.91
N ALA B 342 -4.57 -19.79 15.60
CA ALA B 342 -3.46 -18.95 15.17
C ALA B 342 -2.39 -18.70 16.26
N PRO B 343 -2.72 -18.52 17.56
CA PRO B 343 -1.64 -18.56 18.56
C PRO B 343 -0.94 -19.91 18.65
N THR B 344 -1.65 -21.02 18.38
CA THR B 344 -0.97 -22.31 18.35
C THR B 344 -0.09 -22.46 17.13
N LEU B 345 -0.37 -21.72 16.06
CA LEU B 345 0.52 -21.66 14.91
C LEU B 345 1.65 -20.66 15.11
N PHE B 346 1.53 -19.77 16.08
CA PHE B 346 2.59 -18.82 16.40
C PHE B 346 3.55 -19.32 17.48
N CYS B 347 3.20 -20.39 18.19
CA CYS B 347 4.09 -20.97 19.18
C CYS B 347 5.09 -21.96 18.58
N ASN B 348 4.99 -22.26 17.28
CA ASN B 348 5.85 -23.26 16.67
C ASN B 348 6.30 -22.86 15.28
N LYS B 349 6.48 -21.55 15.04
CA LYS B 349 6.82 -21.08 13.71
C LYS B 349 8.30 -21.35 13.40
N TYR B 350 8.57 -21.60 12.12
CA TYR B 350 9.94 -21.61 11.62
C TYR B 350 10.31 -20.25 11.07
N VAL B 351 11.61 -20.05 10.88
CA VAL B 351 12.16 -18.79 10.38
C VAL B 351 13.18 -19.13 9.30
N LYS B 352 12.97 -18.60 8.09
CA LYS B 352 13.99 -18.64 7.06
C LYS B 352 15.14 -17.74 7.45
N MET B 353 16.37 -18.24 7.32
CA MET B 353 17.55 -17.53 7.80
C MET B 353 18.28 -16.82 6.66
N GLY B 354 17.54 -16.32 5.68
CA GLY B 354 18.16 -15.60 4.58
C GLY B 354 18.75 -16.51 3.53
N GLN B 355 19.95 -16.18 3.04
CA GLN B 355 20.58 -16.98 1.99
C GLN B 355 22.07 -17.20 2.23
N GLY B 356 22.54 -17.08 3.47
CA GLY B 356 23.90 -17.47 3.79
C GLY B 356 24.89 -16.32 3.92
N PHE B 357 26.14 -16.58 3.58
CA PHE B 357 27.18 -15.56 3.60
C PHE B 357 28.21 -15.92 2.54
N ARG B 358 29.24 -15.08 2.42
CA ARG B 358 30.22 -15.20 1.34
C ARG B 358 31.62 -15.21 1.92
N ALA B 359 32.47 -16.09 1.40
CA ALA B 359 33.85 -16.19 1.84
C ALA B 359 34.78 -15.80 0.70
N LYS B 360 35.99 -15.36 1.05
CA LYS B 360 36.95 -14.92 0.05
C LYS B 360 38.36 -15.12 0.57
N ASN B 361 39.32 -15.12 -0.34
CA ASN B 361 40.72 -15.38 0.01
C ASN B 361 41.39 -14.10 0.53
N LYS B 362 42.70 -14.18 0.76
CA LYS B 362 43.44 -13.03 1.28
C LYS B 362 43.60 -11.95 0.22
N ARG B 363 43.71 -12.33 -1.05
CA ARG B 363 43.86 -11.36 -2.13
C ARG B 363 42.55 -10.74 -2.56
N LYS B 364 41.41 -11.19 -2.01
CA LYS B 364 40.06 -10.75 -2.36
C LYS B 364 39.79 -10.94 -3.86
N THR B 365 40.03 -12.16 -4.35
CA THR B 365 39.93 -12.45 -5.77
C THR B 365 38.78 -13.38 -6.09
N LYS B 366 38.70 -14.54 -5.45
CA LYS B 366 37.62 -15.49 -5.66
C LYS B 366 36.77 -15.55 -4.39
N GLU B 367 35.46 -15.38 -4.57
CA GLU B 367 34.51 -15.23 -3.47
C GLU B 367 33.45 -16.31 -3.59
N ILE B 368 33.55 -17.36 -2.78
CA ILE B 368 32.55 -18.43 -2.80
C ILE B 368 31.32 -18.00 -2.01
N VAL B 369 30.20 -18.66 -2.31
CA VAL B 369 28.92 -18.39 -1.69
C VAL B 369 28.51 -19.61 -0.88
N ILE B 370 28.20 -19.39 0.39
CA ILE B 370 27.74 -20.43 1.29
C ILE B 370 26.27 -20.17 1.60
N PRO B 371 25.36 -21.06 1.24
CA PRO B 371 23.92 -20.82 1.45
C PRO B 371 23.52 -21.07 2.89
N ALA B 372 22.21 -21.04 3.12
CA ALA B 372 21.67 -21.32 4.45
C ALA B 372 21.71 -22.80 4.79
N LYS B 373 21.83 -23.68 3.79
CA LYS B 373 21.83 -25.12 4.04
C LYS B 373 23.14 -25.56 4.69
N LYS B 374 24.26 -25.30 4.02
CA LYS B 374 25.57 -25.80 4.44
C LYS B 374 26.28 -24.89 5.43
N MET B 375 25.53 -24.07 6.17
CA MET B 375 26.12 -23.18 7.16
C MET B 375 26.65 -23.95 8.36
N LYS B 376 26.04 -25.10 8.67
CA LYS B 376 26.52 -25.94 9.77
C LYS B 376 27.85 -26.60 9.42
N GLU B 377 27.99 -27.08 8.19
CA GLU B 377 29.22 -27.77 7.79
C GLU B 377 30.38 -26.78 7.63
N ARG B 378 30.11 -25.56 7.20
CA ARG B 378 31.12 -24.52 7.02
C ARG B 378 31.12 -23.54 8.19
N LYS B 379 30.92 -24.05 9.41
CA LYS B 379 30.83 -23.21 10.59
C LYS B 379 32.14 -22.49 10.90
N GLU B 380 33.28 -23.10 10.59
CA GLU B 380 34.59 -22.59 10.99
C GLU B 380 35.19 -21.62 9.98
N LEU B 381 34.36 -20.91 9.22
CA LEU B 381 34.82 -19.87 8.30
C LEU B 381 34.12 -18.55 8.58
N MET B 382 33.70 -18.33 9.82
CA MET B 382 32.85 -17.20 10.19
C MET B 382 33.63 -16.23 11.08
N ASN B 383 32.96 -15.14 11.46
CA ASN B 383 33.58 -14.08 12.23
C ASN B 383 33.41 -14.32 13.72
N ALA B 384 33.75 -13.33 14.54
CA ALA B 384 33.52 -13.46 15.98
C ALA B 384 32.05 -13.24 16.33
N GLU B 385 31.42 -12.22 15.73
CA GLU B 385 30.01 -11.97 15.99
C GLU B 385 29.13 -13.02 15.35
N TRP B 386 29.55 -13.54 14.19
CA TRP B 386 28.80 -14.61 13.52
C TRP B 386 28.84 -15.92 14.30
N ARG B 387 29.96 -16.22 14.95
CA ARG B 387 30.03 -17.43 15.77
C ARG B 387 29.43 -17.22 17.16
N ASP B 388 29.47 -16.00 17.68
CA ASP B 388 28.80 -15.70 18.94
C ASP B 388 27.28 -15.78 18.79
N LEU B 389 26.74 -15.15 17.75
CA LEU B 389 25.31 -15.27 17.47
C LEU B 389 24.95 -16.66 16.95
N PHE B 390 25.92 -17.38 16.37
CA PHE B 390 25.63 -18.67 15.77
C PHE B 390 25.65 -19.81 16.77
N GLU B 391 26.46 -19.72 17.83
CA GLU B 391 26.51 -20.78 18.82
C GLU B 391 25.43 -20.65 19.88
N THR B 392 24.75 -19.51 19.96
CA THR B 392 23.60 -19.36 20.84
C THR B 392 22.28 -19.70 20.15
N ILE B 393 22.34 -20.15 18.89
CA ILE B 393 21.14 -20.44 18.11
C ILE B 393 21.30 -21.85 17.54
N GLU B 394 22.48 -22.45 17.77
CA GLU B 394 22.79 -23.77 17.23
C GLU B 394 21.87 -24.91 17.68
N PRO B 395 21.49 -25.08 18.99
CA PRO B 395 20.59 -26.20 19.31
C PRO B 395 19.13 -26.00 18.91
N TYR B 396 18.83 -24.97 18.12
CA TYR B 396 17.48 -24.71 17.64
C TYR B 396 17.40 -24.63 16.12
N MET B 397 18.51 -24.86 15.41
CA MET B 397 18.54 -24.74 13.96
C MET B 397 18.08 -26.03 13.28
N ASP B 398 17.24 -25.85 12.26
CA ASP B 398 16.89 -26.93 11.34
C ASP B 398 17.88 -26.87 10.17
N GLY B 399 17.61 -27.60 9.09
CA GLY B 399 18.43 -27.54 7.90
C GLY B 399 18.41 -26.19 7.22
N GLU B 400 17.21 -25.68 6.95
CA GLU B 400 17.06 -24.36 6.35
C GLU B 400 16.53 -23.30 7.31
N CYS B 401 15.81 -23.70 8.35
CA CYS B 401 15.02 -22.77 9.14
C CYS B 401 15.51 -22.74 10.58
N CYS B 402 14.77 -22.03 11.43
CA CYS B 402 14.99 -22.04 12.86
C CYS B 402 13.64 -22.13 13.55
N PHE B 403 13.67 -22.60 14.80
CA PHE B 403 12.46 -22.85 15.57
C PHE B 403 12.34 -21.79 16.66
N LEU B 404 11.65 -20.70 16.33
CA LEU B 404 11.28 -19.69 17.30
C LEU B 404 9.86 -19.96 17.79
N GLY B 405 9.65 -19.85 19.09
CA GLY B 405 8.35 -20.19 19.64
C GLY B 405 7.78 -19.18 20.61
N GLY B 406 8.36 -18.00 20.67
CA GLY B 406 7.87 -16.98 21.57
C GLY B 406 7.84 -15.60 20.97
N GLY B 407 8.21 -15.50 19.70
CA GLY B 407 8.28 -14.21 19.04
C GLY B 407 7.01 -13.85 18.29
N MET B 408 6.81 -12.54 18.11
CA MET B 408 5.67 -12.01 17.36
C MET B 408 6.21 -10.93 16.44
N LEU B 409 6.59 -11.33 15.23
CA LEU B 409 7.36 -10.46 14.33
C LEU B 409 6.44 -9.46 13.64
N MET B 410 7.03 -8.66 12.74
CA MET B 410 6.27 -7.68 11.99
C MET B 410 5.43 -8.34 10.91
N GLY B 411 4.22 -7.82 10.70
CA GLY B 411 3.30 -8.42 9.75
C GLY B 411 2.44 -9.47 10.42
N MET B 412 2.00 -9.19 11.64
CA MET B 412 1.26 -10.13 12.48
C MET B 412 0.24 -9.36 13.29
N PHE B 413 -0.20 -9.96 14.40
CA PHE B 413 -1.18 -9.37 15.32
C PHE B 413 -0.75 -7.99 15.79
N ASN B 414 -1.51 -6.98 15.40
CA ASN B 414 -1.21 -5.60 15.76
C ASN B 414 -2.33 -4.94 16.53
N MET B 415 -3.57 -5.40 16.36
CA MET B 415 -4.71 -4.88 17.10
C MET B 415 -4.97 -5.65 18.39
N LEU B 416 -4.18 -6.67 18.69
CA LEU B 416 -4.36 -7.44 19.91
C LEU B 416 -3.43 -7.00 21.04
N SER B 417 -2.20 -6.56 20.71
CA SER B 417 -1.28 -6.06 21.72
C SER B 417 -1.74 -4.73 22.29
N THR B 418 -2.47 -3.95 21.49
CA THR B 418 -3.05 -2.69 21.97
C THR B 418 -4.07 -2.95 23.06
N VAL B 419 -4.77 -4.10 23.01
CA VAL B 419 -5.68 -4.48 24.07
C VAL B 419 -4.92 -4.80 25.35
N PHE B 420 -3.72 -5.39 25.24
CA PHE B 420 -2.84 -5.53 26.41
C PHE B 420 -2.43 -4.18 26.96
N GLY B 421 -2.22 -3.19 26.08
CA GLY B 421 -1.87 -1.86 26.55
C GLY B 421 -3.01 -1.19 27.30
N VAL B 422 -4.25 -1.35 26.81
CA VAL B 422 -5.41 -0.83 27.51
C VAL B 422 -5.61 -1.56 28.83
N MET B 423 -5.23 -2.83 28.89
CA MET B 423 -5.24 -3.55 30.16
C MET B 423 -4.16 -3.05 31.12
N THR B 424 -3.01 -2.58 30.61
CA THR B 424 -2.03 -1.98 31.50
C THR B 424 -2.44 -0.59 31.97
N LEU B 425 -3.25 0.12 31.18
CA LEU B 425 -3.70 1.45 31.56
C LEU B 425 -4.99 1.44 32.37
N ASN B 426 -5.61 0.29 32.58
CA ASN B 426 -6.79 0.18 33.42
C ASN B 426 -6.53 -0.61 34.70
N TYR B 427 -5.35 -0.45 35.28
CA TYR B 427 -5.05 -1.09 36.56
C TYR B 427 -5.65 -0.28 37.70
N ARG B 428 -6.19 -0.98 38.70
CA ARG B 428 -6.75 -0.37 39.90
C ARG B 428 -6.13 -1.04 41.10
N GLU B 429 -5.49 -0.25 41.97
CA GLU B 429 -4.78 -0.81 43.11
C GLU B 429 -5.66 -0.95 44.36
N GLU B 430 -6.70 -0.12 44.49
CA GLU B 430 -7.54 -0.14 45.67
C GLU B 430 -9.02 -0.14 45.29
N ARG B 435 -5.28 9.19 49.76
CA ARG B 435 -4.45 8.83 48.62
C ARG B 435 -4.98 9.48 47.34
N ASN B 436 -5.76 8.69 46.59
CA ASN B 436 -6.41 9.09 45.34
C ASN B 436 -5.38 9.58 44.31
N CYS B 437 -4.49 8.68 43.93
CA CYS B 437 -3.51 8.93 42.87
C CYS B 437 -3.57 7.78 41.88
N TYR B 438 -3.68 8.11 40.60
CA TYR B 438 -3.92 7.08 39.58
C TYR B 438 -3.40 7.57 38.24
N TRP B 439 -3.69 6.80 37.18
CA TRP B 439 -3.24 7.13 35.84
C TRP B 439 -4.30 6.75 34.81
N THR B 440 -4.17 7.36 33.64
CA THR B 440 -4.96 7.04 32.45
C THR B 440 -4.06 7.28 31.24
N GLY B 441 -4.64 7.29 30.03
CA GLY B 441 -3.83 7.67 28.89
C GLY B 441 -4.40 7.21 27.57
N LEU B 442 -3.50 6.86 26.66
CA LEU B 442 -3.87 6.39 25.33
C LEU B 442 -2.78 5.47 24.81
N GLN B 443 -3.19 4.41 24.11
CA GLN B 443 -2.30 3.34 23.67
C GLN B 443 -2.34 3.23 22.15
N SER B 444 -1.21 2.85 21.57
CA SER B 444 -1.09 2.58 20.14
C SER B 444 -0.33 1.26 20.03
N SER B 445 0.19 0.98 18.83
CA SER B 445 0.95 -0.24 18.58
C SER B 445 2.16 -0.35 19.50
N ASP B 446 3.01 0.68 19.52
CA ASP B 446 4.12 0.69 20.47
C ASP B 446 4.39 2.09 21.03
N ASP B 447 3.38 2.96 21.04
CA ASP B 447 3.53 4.32 21.55
C ASP B 447 2.39 4.61 22.51
N PHE B 448 2.71 4.91 23.77
CA PHE B 448 1.70 5.25 24.74
C PHE B 448 1.90 6.68 25.23
N VAL B 449 0.80 7.28 25.69
CA VAL B 449 0.83 8.55 26.41
C VAL B 449 0.14 8.33 27.74
N LEU B 450 0.88 8.51 28.83
CA LEU B 450 0.39 8.20 30.16
C LEU B 450 0.17 9.48 30.95
N PHE B 451 -1.02 9.63 31.54
CA PHE B 451 -1.36 10.78 32.36
C PHE B 451 -1.42 10.33 33.81
N CYS B 452 -0.61 10.94 34.66
CA CYS B 452 -0.58 10.61 36.08
C CYS B 452 -1.15 11.75 36.90
N ILE B 453 -1.92 11.38 37.92
CA ILE B 453 -2.55 12.33 38.84
C ILE B 453 -2.15 11.94 40.25
N SER B 454 -1.51 12.85 40.96
CA SER B 454 -1.03 12.54 42.31
C SER B 454 -0.92 13.85 43.10
N ARG B 455 -0.24 13.80 44.24
CA ARG B 455 -0.15 14.95 45.13
C ARG B 455 1.27 15.47 45.32
N THR B 456 2.25 14.60 45.54
CA THR B 456 3.64 15.03 45.69
C THR B 456 4.52 14.22 44.74
N TRP B 457 5.78 14.64 44.65
CA TRP B 457 6.79 14.08 43.75
C TRP B 457 7.35 12.70 44.13
N PRO B 458 7.61 12.36 45.41
CA PRO B 458 7.91 10.95 45.70
C PRO B 458 6.72 10.03 45.50
N GLU B 459 5.49 10.55 45.65
CA GLU B 459 4.32 9.79 45.28
C GLU B 459 4.22 9.61 43.77
N MET B 460 4.70 10.59 43.00
CA MET B 460 4.85 10.42 41.56
C MET B 460 5.86 9.33 41.24
N GLU B 461 6.94 9.25 42.03
CA GLU B 461 7.90 8.16 41.87
C GLU B 461 7.25 6.81 42.18
N MET B 462 6.38 6.78 43.19
CA MET B 462 5.69 5.54 43.54
C MET B 462 4.72 5.11 42.45
N THR B 463 3.94 6.05 41.89
CA THR B 463 2.95 5.70 40.87
C THR B 463 3.62 5.31 39.56
N ILE B 464 4.69 6.02 39.18
CA ILE B 464 5.38 5.68 37.92
C ILE B 464 6.09 4.35 38.06
N LEU B 465 6.72 4.08 39.21
CA LEU B 465 7.32 2.77 39.42
C LEU B 465 6.27 1.66 39.56
N LYS B 466 5.04 2.00 39.96
CA LYS B 466 3.97 1.01 39.88
C LYS B 466 3.54 0.76 38.44
N PHE B 467 3.61 1.76 37.58
CA PHE B 467 3.29 1.55 36.16
C PHE B 467 4.36 0.69 35.49
N ILE B 468 5.63 0.93 35.81
CA ILE B 468 6.71 0.08 35.33
C ILE B 468 6.61 -1.30 35.98
N ALA B 469 6.01 -1.40 37.17
CA ALA B 469 5.81 -2.70 37.80
C ALA B 469 4.76 -3.53 37.07
N VAL B 470 3.60 -2.92 36.77
CA VAL B 470 2.53 -3.68 36.12
C VAL B 470 2.89 -3.99 34.67
N CYS B 471 3.53 -3.03 33.97
CA CYS B 471 3.97 -3.31 32.61
C CYS B 471 5.13 -4.31 32.59
N LYS B 472 5.98 -4.29 33.62
CA LYS B 472 7.11 -5.20 33.67
C LYS B 472 6.65 -6.63 33.99
N LEU B 473 5.64 -6.77 34.85
CA LEU B 473 5.09 -8.09 35.13
C LEU B 473 4.32 -8.63 33.93
N MET B 474 3.59 -7.76 33.22
CA MET B 474 2.77 -8.26 32.13
C MET B 474 3.59 -8.56 30.87
N GLY B 475 4.71 -7.87 30.67
CA GLY B 475 5.56 -8.17 29.54
C GLY B 475 5.77 -7.00 28.59
N ILE B 476 5.57 -5.79 29.08
CA ILE B 476 5.75 -4.57 28.29
C ILE B 476 6.90 -3.79 28.91
N ASN B 477 7.95 -3.57 28.13
CA ASN B 477 9.18 -2.95 28.62
C ASN B 477 9.27 -1.53 28.09
N MET B 478 9.09 -0.57 28.99
CA MET B 478 9.24 0.84 28.63
C MET B 478 10.71 1.18 28.46
N SER B 479 11.04 1.95 27.43
CA SER B 479 12.40 2.38 27.22
C SER B 479 12.72 3.56 28.13
N LEU B 480 13.82 3.44 28.88
CA LEU B 480 14.27 4.50 29.77
C LEU B 480 15.03 5.60 29.04
N GLU B 481 15.37 5.39 27.78
CA GLU B 481 16.09 6.38 27.00
C GLU B 481 15.17 7.32 26.24
N LYS B 482 13.99 6.83 25.82
CA LYS B 482 13.09 7.58 24.96
C LYS B 482 11.79 7.95 25.67
N SER B 483 11.85 8.28 26.96
CA SER B 483 10.67 8.61 27.73
C SER B 483 10.93 9.87 28.53
N TYR B 484 9.92 10.73 28.62
CA TYR B 484 10.02 11.99 29.36
C TYR B 484 8.62 12.46 29.69
N GLY B 485 8.54 13.53 30.49
CA GLY B 485 7.24 14.07 30.88
C GLY B 485 7.31 15.53 31.24
N CYS B 486 6.12 16.14 31.30
CA CYS B 486 5.98 17.53 31.74
C CYS B 486 4.69 17.62 32.54
N LEU B 487 4.43 18.78 33.13
CA LEU B 487 3.16 18.91 33.85
C LEU B 487 1.98 19.17 32.90
N PRO B 488 1.98 20.20 31.98
CA PRO B 488 0.80 20.33 31.11
C PRO B 488 0.94 19.48 29.86
N GLU B 489 0.00 19.63 28.94
CA GLU B 489 0.03 18.90 27.67
C GLU B 489 1.17 19.40 26.78
N LEU B 490 2.28 18.67 26.80
CA LEU B 490 3.40 18.87 25.87
C LEU B 490 3.93 17.51 25.45
N PHE B 491 3.01 16.61 25.13
CA PHE B 491 3.34 15.21 24.88
C PHE B 491 3.48 14.94 23.38
N GLU B 492 3.59 13.66 23.03
CA GLU B 492 3.94 13.20 21.70
C GLU B 492 3.26 11.88 21.44
N PHE B 493 2.57 11.76 20.30
CA PHE B 493 1.82 10.55 20.01
C PHE B 493 1.69 10.38 18.50
N THR B 494 2.29 9.31 17.97
CA THR B 494 2.29 8.95 16.54
C THR B 494 2.77 10.10 15.66
N SER B 495 3.90 10.69 16.06
CA SER B 495 4.63 11.74 15.33
C SER B 495 3.80 13.00 15.12
N MET B 496 2.87 13.28 16.04
CA MET B 496 2.17 14.56 16.06
C MET B 496 2.48 15.22 17.40
N PHE B 497 3.32 16.26 17.37
CA PHE B 497 3.87 16.82 18.61
C PHE B 497 2.85 17.84 19.13
N PHE B 498 2.10 17.45 20.16
CA PHE B 498 1.03 18.29 20.68
C PHE B 498 1.61 19.28 21.69
N SER B 499 1.42 20.56 21.43
CA SER B 499 1.81 21.61 22.36
C SER B 499 0.64 21.90 23.31
N GLY B 500 0.72 23.01 24.05
CA GLY B 500 -0.32 23.33 25.01
C GLY B 500 -1.65 23.69 24.39
N ASP B 501 -1.65 24.28 23.20
CA ASP B 501 -2.91 24.59 22.55
C ASP B 501 -2.98 24.07 21.12
N PHE B 502 -1.89 24.12 20.37
CA PHE B 502 -1.92 23.87 18.94
C PHE B 502 -1.49 22.45 18.60
N VAL B 503 -1.74 22.07 17.35
CA VAL B 503 -1.52 20.72 16.86
C VAL B 503 -0.74 20.79 15.56
N SER B 504 0.41 20.12 15.51
CA SER B 504 1.15 19.97 14.27
C SER B 504 0.65 18.75 13.52
N ASN B 505 0.86 18.76 12.20
CA ASN B 505 0.40 17.70 11.33
C ASN B 505 1.53 16.71 11.02
N ILE B 506 1.14 15.58 10.41
CA ILE B 506 2.12 14.54 10.06
C ILE B 506 2.93 15.00 8.86
N ALA B 507 4.25 14.89 8.97
CA ALA B 507 5.14 15.16 7.85
C ALA B 507 4.97 14.03 6.83
N LEU B 508 4.18 14.29 5.80
CA LEU B 508 3.81 13.28 4.83
C LEU B 508 4.94 13.02 3.83
N GLU B 509 4.82 11.91 3.11
CA GLU B 509 5.82 11.53 2.13
C GLU B 509 5.68 12.37 0.86
N LEU B 510 6.82 12.78 0.33
CA LEU B 510 6.89 13.55 -0.92
C LEU B 510 6.73 12.78 -2.24
N PRO B 511 7.32 11.60 -2.47
CA PRO B 511 7.16 10.98 -3.80
C PRO B 511 5.77 10.43 -4.07
N ALA B 512 4.88 10.40 -3.08
CA ALA B 512 3.52 9.91 -3.29
C ALA B 512 2.68 10.81 -4.18
N PHE B 513 3.15 12.04 -4.47
CA PHE B 513 2.44 12.92 -5.39
C PHE B 513 2.54 12.41 -6.82
N THR B 514 3.64 11.77 -7.19
CA THR B 514 3.85 11.25 -8.56
C THR B 514 4.24 9.78 -8.45
N THR B 515 3.24 8.90 -8.35
CA THR B 515 3.44 7.46 -8.43
C THR B 515 2.39 6.78 -9.28
N ALA B 516 1.77 7.51 -10.22
CA ALA B 516 0.80 6.86 -11.10
C ALA B 516 1.50 6.16 -12.25
N GLY B 517 2.16 6.94 -13.12
CA GLY B 517 3.02 6.46 -14.20
C GLY B 517 2.46 5.42 -15.14
N MET B 518 1.29 5.69 -15.72
CA MET B 518 0.61 4.70 -16.55
C MET B 518 0.11 5.23 -17.89
N ASN B 519 -0.10 6.54 -18.03
CA ASN B 519 -0.94 7.05 -19.11
C ASN B 519 -0.70 8.55 -19.22
N GLU B 520 -1.03 9.10 -20.39
CA GLU B 520 -1.06 10.55 -20.56
C GLU B 520 -2.32 11.18 -20.01
N GLY B 521 -3.26 10.38 -19.51
CA GLY B 521 -4.52 10.90 -19.00
C GLY B 521 -4.75 10.69 -17.52
N THR B 522 -4.16 9.64 -16.96
CA THR B 522 -4.38 9.28 -15.56
C THR B 522 -3.17 9.58 -14.69
N ASP B 523 -2.45 10.66 -14.99
CA ASP B 523 -1.36 11.10 -14.12
C ASP B 523 -1.66 12.43 -13.46
N PHE B 524 -2.09 13.43 -14.21
CA PHE B 524 -2.29 14.76 -13.64
C PHE B 524 -3.55 14.81 -12.78
N THR B 525 -4.60 14.10 -13.19
CA THR B 525 -5.82 14.05 -12.37
C THR B 525 -5.62 13.17 -11.14
N ALA B 526 -4.78 12.13 -11.26
CA ALA B 526 -4.39 11.36 -10.09
C ALA B 526 -3.57 12.21 -9.13
N ALA B 527 -2.71 13.08 -9.67
CA ALA B 527 -1.94 13.99 -8.84
C ALA B 527 -2.83 15.01 -8.15
N MET B 528 -3.87 15.48 -8.84
CA MET B 528 -4.84 16.36 -8.18
C MET B 528 -5.66 15.62 -7.14
N SER B 529 -5.87 14.31 -7.33
CA SER B 529 -6.55 13.52 -6.30
C SER B 529 -5.67 13.36 -5.06
N VAL B 530 -4.36 13.17 -5.25
CA VAL B 530 -3.45 13.03 -4.12
C VAL B 530 -3.30 14.36 -3.38
N ILE B 531 -3.24 15.47 -4.12
CA ILE B 531 -3.19 16.80 -3.50
C ILE B 531 -4.50 17.10 -2.77
N ARG B 532 -5.62 16.61 -3.31
CA ARG B 532 -6.91 16.83 -2.64
C ARG B 532 -7.01 16.01 -1.35
N THR B 533 -6.65 14.73 -1.40
CA THR B 533 -6.73 13.88 -0.21
C THR B 533 -5.72 14.27 0.85
N ASN B 534 -4.56 14.81 0.45
CA ASN B 534 -3.64 15.38 1.43
C ASN B 534 -4.06 16.78 1.88
N MET B 535 -4.98 17.43 1.17
CA MET B 535 -5.51 18.70 1.63
C MET B 535 -6.61 18.52 2.66
N ILE B 536 -7.46 17.51 2.48
CA ILE B 536 -8.57 17.29 3.40
C ILE B 536 -8.08 16.68 4.70
N ASN B 537 -7.25 15.64 4.61
CA ASN B 537 -6.78 14.95 5.81
C ASN B 537 -5.78 15.78 6.59
N ASN B 538 -4.63 16.09 5.97
CA ASN B 538 -3.61 16.89 6.64
C ASN B 538 -3.97 18.37 6.50
N GLY B 539 -3.08 19.25 6.94
CA GLY B 539 -3.32 20.68 6.81
C GLY B 539 -3.20 21.15 5.38
N LEU B 540 -1.97 21.13 4.86
CA LEU B 540 -1.62 21.42 3.45
C LEU B 540 -2.19 22.77 2.99
N SER B 541 -1.59 23.83 3.55
CA SER B 541 -1.85 25.23 3.25
C SER B 541 -1.84 25.52 1.75
N PRO B 542 -2.65 26.48 1.26
CA PRO B 542 -2.89 26.58 -0.19
C PRO B 542 -1.68 26.96 -1.03
N GLY B 543 -0.69 27.65 -0.48
CA GLY B 543 0.51 27.95 -1.23
C GLY B 543 1.31 26.70 -1.53
N THR B 544 1.37 25.77 -0.57
CA THR B 544 2.01 24.48 -0.80
C THR B 544 1.23 23.65 -1.81
N ALA B 545 -0.09 23.81 -1.82
CA ALA B 545 -0.92 23.07 -2.77
C ALA B 545 -0.73 23.58 -4.20
N LEU B 546 -0.69 24.90 -4.37
CA LEU B 546 -0.45 25.46 -5.69
C LEU B 546 0.97 25.18 -6.17
N MET B 547 1.94 25.22 -5.25
CA MET B 547 3.33 24.91 -5.61
C MET B 547 3.50 23.44 -5.99
N ALA B 548 2.91 22.53 -5.22
CA ALA B 548 3.01 21.12 -5.54
C ALA B 548 2.22 20.77 -6.79
N LEU B 549 1.13 21.49 -7.05
CA LEU B 549 0.40 21.35 -8.31
C LEU B 549 1.26 21.76 -9.49
N ARG B 550 2.01 22.87 -9.35
CA ARG B 550 2.82 23.34 -10.45
C ARG B 550 4.07 22.48 -10.66
N ILE B 551 4.63 21.93 -9.59
CA ILE B 551 5.78 21.03 -9.72
C ILE B 551 5.35 19.69 -10.29
N CYS B 552 4.19 19.17 -9.90
CA CYS B 552 3.68 17.95 -10.51
C CYS B 552 3.30 18.18 -11.97
N LEU B 553 2.84 19.38 -12.32
CA LEU B 553 2.65 19.74 -13.72
C LEU B 553 3.96 19.74 -14.48
N GLN B 554 5.02 20.25 -13.86
CA GLN B 554 6.32 20.33 -14.53
C GLN B 554 6.95 18.96 -14.68
N GLU B 555 6.75 18.07 -13.71
CA GLU B 555 7.25 16.71 -13.85
C GLU B 555 6.40 15.90 -14.83
N PHE B 556 5.13 16.26 -14.98
CA PHE B 556 4.30 15.68 -16.03
C PHE B 556 4.82 16.06 -17.41
N ARG B 557 5.08 17.36 -17.61
CA ARG B 557 5.60 17.85 -18.89
C ARG B 557 7.01 17.34 -19.17
N ALA B 558 7.84 17.21 -18.14
CA ALA B 558 9.17 16.65 -18.34
C ALA B 558 9.11 15.16 -18.57
N THR B 559 8.06 14.50 -18.07
CA THR B 559 7.93 13.06 -18.28
C THR B 559 7.49 12.74 -19.70
N TYR B 560 6.46 13.43 -20.19
CA TYR B 560 5.85 13.06 -21.47
C TYR B 560 6.26 13.94 -22.64
N ARG B 561 7.27 14.81 -22.43
CA ARG B 561 7.92 15.59 -23.49
C ARG B 561 6.95 16.54 -24.22
N VAL B 562 6.00 17.09 -23.48
CA VAL B 562 4.99 17.98 -24.04
C VAL B 562 5.10 19.33 -23.34
N HIS B 563 5.30 20.39 -24.12
CA HIS B 563 5.44 21.74 -23.64
C HIS B 563 4.37 22.62 -24.26
N PRO B 564 4.07 23.79 -23.68
CA PRO B 564 3.11 24.70 -24.32
C PRO B 564 3.60 25.22 -25.66
N TYR B 565 2.63 25.67 -26.47
CA TYR B 565 2.91 26.05 -27.85
C TYR B 565 3.70 27.33 -27.94
N ASP B 566 3.53 28.25 -27.00
CA ASP B 566 4.28 29.50 -27.03
C ASP B 566 5.72 29.36 -26.52
N SER B 567 6.10 28.20 -26.01
CA SER B 567 7.49 27.96 -25.64
C SER B 567 8.33 27.71 -26.89
N GLY B 568 9.65 27.70 -26.68
CA GLY B 568 10.58 27.51 -27.78
C GLY B 568 11.11 26.10 -27.91
N VAL B 569 10.41 25.14 -27.32
CA VAL B 569 10.85 23.74 -27.37
C VAL B 569 10.58 23.18 -28.76
N LYS B 570 11.61 22.61 -29.38
CA LYS B 570 11.51 22.03 -30.72
C LYS B 570 12.02 20.59 -30.67
N ASN B 571 11.13 19.66 -30.35
CA ASN B 571 11.40 18.22 -30.40
C ASN B 571 10.44 17.57 -31.40
N HIS B 572 10.42 16.23 -31.40
CA HIS B 572 9.63 15.50 -32.38
C HIS B 572 8.12 15.56 -32.10
N ARG B 573 7.70 16.06 -30.95
CA ARG B 573 6.27 16.20 -30.67
C ARG B 573 5.79 17.65 -30.71
N MET B 574 6.68 18.63 -30.53
CA MET B 574 6.29 20.02 -30.68
C MET B 574 6.43 20.53 -32.11
N LYS B 575 7.04 19.76 -33.00
CA LYS B 575 7.10 20.16 -34.41
C LYS B 575 5.73 20.02 -35.07
N ILE B 576 5.02 18.94 -34.74
CA ILE B 576 3.69 18.72 -35.28
C ILE B 576 2.69 19.72 -34.69
N ILE B 577 2.82 19.99 -33.38
CA ILE B 577 1.92 20.94 -32.73
C ILE B 577 2.19 22.36 -33.21
N ARG B 578 3.47 22.72 -33.37
CA ARG B 578 3.81 24.06 -33.85
C ARG B 578 3.47 24.22 -35.33
N LYS B 579 3.53 23.12 -36.10
CA LYS B 579 3.18 23.19 -37.51
C LYS B 579 1.68 23.31 -37.73
N PHE B 580 0.88 22.65 -36.89
CA PHE B 580 -0.56 22.55 -37.08
C PHE B 580 -1.35 23.42 -36.11
N ILE B 581 -0.71 24.45 -35.55
CA ILE B 581 -1.39 25.29 -34.57
C ILE B 581 -2.36 26.26 -35.25
N GLU B 582 -2.21 26.49 -36.56
CA GLU B 582 -3.08 27.43 -37.26
C GLU B 582 -4.48 26.88 -37.48
N THR B 583 -4.64 25.54 -37.44
CA THR B 583 -5.95 24.95 -37.65
C THR B 583 -6.83 25.13 -36.41
N ILE B 584 -6.22 25.14 -35.23
CA ILE B 584 -6.98 25.32 -33.99
C ILE B 584 -7.37 26.78 -33.84
N GLU B 585 -8.67 27.02 -33.65
CA GLU B 585 -9.16 28.39 -33.48
C GLU B 585 -8.96 28.86 -32.04
N ASN B 586 -9.60 28.18 -31.09
CA ASN B 586 -9.55 28.57 -29.68
C ASN B 586 -8.34 27.87 -29.06
N LYS B 587 -7.28 28.63 -28.80
CA LYS B 587 -5.99 28.05 -28.44
C LYS B 587 -5.90 27.57 -27.00
N ASP B 588 -6.72 28.11 -26.08
CA ASP B 588 -6.68 27.66 -24.69
C ASP B 588 -7.74 26.60 -24.40
N GLY B 589 -8.09 25.79 -25.40
CA GLY B 589 -8.98 24.67 -25.20
C GLY B 589 -8.26 23.37 -25.46
N LEU B 590 -6.97 23.47 -25.81
CA LEU B 590 -6.14 22.28 -25.98
C LEU B 590 -5.85 21.63 -24.64
N LEU B 591 -5.62 20.32 -24.68
CA LEU B 591 -5.26 19.61 -23.47
C LEU B 591 -3.80 19.85 -23.12
N ILE B 592 -3.47 19.59 -21.85
CA ILE B 592 -2.09 19.77 -21.37
C ILE B 592 -1.16 18.75 -22.02
N SER B 593 -1.67 17.56 -22.33
CA SER B 593 -0.89 16.58 -23.07
C SER B 593 -0.77 16.91 -24.57
N ASP B 594 -1.42 17.98 -25.04
CA ASP B 594 -1.30 18.41 -26.43
C ASP B 594 -0.73 19.82 -26.54
N GLY B 595 -0.12 20.33 -25.48
CA GLY B 595 0.47 21.65 -25.52
C GLY B 595 -0.47 22.78 -25.15
N GLY B 596 -1.34 22.53 -24.18
CA GLY B 596 -2.22 23.55 -23.67
C GLY B 596 -1.72 24.11 -22.35
N LYS B 597 -2.32 25.22 -21.95
CA LYS B 597 -1.94 25.86 -20.70
C LYS B 597 -2.69 25.22 -19.53
N LEU B 598 -2.59 25.83 -18.35
CA LEU B 598 -3.18 25.29 -17.14
C LEU B 598 -4.44 26.07 -16.79
N MET B 599 -5.54 25.34 -16.58
CA MET B 599 -6.80 25.93 -16.13
C MET B 599 -7.29 25.35 -14.81
N ASN B 600 -6.80 24.19 -14.39
CA ASN B 600 -7.11 23.68 -13.07
C ASN B 600 -6.44 24.53 -11.99
N ASN B 601 -7.04 24.54 -10.81
CA ASN B 601 -6.55 25.37 -9.73
C ASN B 601 -6.85 24.63 -8.43
N ILE B 602 -6.77 25.34 -7.29
CA ILE B 602 -7.09 24.73 -6.00
C ILE B 602 -8.58 24.43 -5.93
N SER B 603 -9.41 25.29 -6.50
CA SER B 603 -10.85 25.09 -6.56
C SER B 603 -11.28 24.23 -7.75
N SER B 604 -10.36 23.52 -8.39
CA SER B 604 -10.70 22.61 -9.48
C SER B 604 -9.99 21.28 -9.36
N LEU B 605 -9.68 20.85 -8.13
CA LEU B 605 -8.98 19.59 -7.91
C LEU B 605 -9.90 18.38 -7.96
N HIS B 606 -11.20 18.59 -8.14
CA HIS B 606 -12.16 17.51 -8.25
C HIS B 606 -12.71 17.34 -9.66
N ILE B 607 -12.50 18.32 -10.53
CA ILE B 607 -12.89 18.25 -11.94
C ILE B 607 -11.66 17.90 -12.75
N PRO B 608 -11.71 16.88 -13.61
CA PRO B 608 -10.56 16.56 -14.47
C PRO B 608 -10.35 17.64 -15.53
N GLU B 609 -9.19 17.54 -16.19
CA GLU B 609 -8.79 18.56 -17.15
C GLU B 609 -9.63 18.49 -18.43
N GLU B 610 -9.94 17.28 -18.90
CA GLU B 610 -10.67 17.12 -20.16
C GLU B 610 -12.10 17.61 -20.03
N ILE B 611 -12.76 17.25 -18.92
CA ILE B 611 -14.15 17.64 -18.72
C ILE B 611 -14.27 19.12 -18.42
N LEU B 612 -13.23 19.71 -17.82
CA LEU B 612 -13.22 21.16 -17.65
C LEU B 612 -13.00 21.88 -18.97
N LYS B 613 -12.25 21.27 -19.90
CA LYS B 613 -11.90 21.94 -21.14
C LYS B 613 -12.81 21.62 -22.33
N GLU B 614 -13.80 20.74 -22.18
CA GLU B 614 -14.66 20.43 -23.32
C GLU B 614 -15.70 21.49 -23.62
N ASP B 615 -15.78 22.57 -22.84
CA ASP B 615 -16.64 23.69 -23.19
C ASP B 615 -15.96 24.68 -24.11
N LEU B 616 -14.68 24.48 -24.43
CA LEU B 616 -13.92 25.43 -25.22
C LEU B 616 -13.20 24.81 -26.41
N MET B 617 -13.31 23.50 -26.62
CA MET B 617 -12.56 22.84 -27.68
C MET B 617 -13.15 23.16 -29.05
N ASP B 618 -12.30 23.07 -30.07
CA ASP B 618 -12.79 23.10 -31.44
C ASP B 618 -13.50 21.79 -31.76
N PRO B 619 -14.54 21.85 -32.61
CA PRO B 619 -15.28 20.61 -32.93
C PRO B 619 -14.48 19.62 -33.76
N SER B 620 -13.56 20.10 -34.61
CA SER B 620 -12.67 19.18 -35.31
C SER B 620 -11.68 18.54 -34.33
N TYR B 621 -11.19 19.33 -33.38
CA TYR B 621 -10.26 18.81 -32.38
C TYR B 621 -10.96 17.87 -31.41
N ARG B 622 -12.15 18.24 -30.94
CA ARG B 622 -12.87 17.41 -29.98
C ARG B 622 -13.38 16.13 -30.64
N ASN B 623 -13.89 16.23 -31.87
CA ASN B 623 -14.31 15.02 -32.58
C ASN B 623 -13.13 14.19 -33.07
N ARG B 624 -11.94 14.78 -33.16
CA ARG B 624 -10.76 14.04 -33.60
C ARG B 624 -10.05 13.33 -32.46
N VAL B 625 -10.01 13.92 -31.27
CA VAL B 625 -9.33 13.30 -30.14
C VAL B 625 -10.18 12.18 -29.55
N PHE B 626 -11.46 12.46 -29.30
CA PHE B 626 -12.34 11.53 -28.58
C PHE B 626 -12.96 10.48 -29.49
N ASN B 627 -12.36 10.19 -30.63
CA ASN B 627 -12.85 9.15 -31.53
C ASN B 627 -12.53 7.78 -30.95
N PRO B 628 -13.52 6.91 -30.71
CA PRO B 628 -13.21 5.55 -30.23
C PRO B 628 -12.63 4.65 -31.31
N ARG B 629 -12.66 5.07 -32.58
CA ARG B 629 -11.95 4.36 -33.64
C ARG B 629 -10.52 4.90 -33.70
N ASN B 630 -9.74 4.53 -32.68
CA ASN B 630 -8.35 4.93 -32.57
C ASN B 630 -7.44 3.72 -32.48
N PRO B 631 -6.23 3.79 -33.08
CA PRO B 631 -5.35 2.61 -33.09
C PRO B 631 -4.60 2.37 -31.80
N PHE B 632 -4.80 3.19 -30.77
CA PHE B 632 -4.05 3.08 -29.52
C PHE B 632 -4.86 2.52 -28.37
N THR B 633 -6.11 2.95 -28.21
CA THR B 633 -6.93 2.49 -27.09
C THR B 633 -7.64 1.17 -27.38
N GLN B 634 -8.03 0.93 -28.63
CA GLN B 634 -8.78 -0.27 -28.96
C GLN B 634 -7.84 -1.46 -29.10
N PHE B 635 -8.43 -2.64 -29.29
CA PHE B 635 -7.66 -3.87 -29.41
C PHE B 635 -8.40 -4.89 -30.28
N ALA B 655 -10.60 8.24 -12.07
CA ALA B 655 -11.42 7.80 -13.19
C ALA B 655 -11.71 8.97 -14.12
N VAL B 656 -11.04 8.98 -15.28
CA VAL B 656 -11.19 10.06 -16.25
C VAL B 656 -11.51 9.48 -17.63
N VAL B 657 -11.63 10.36 -18.63
CA VAL B 657 -12.03 9.95 -19.96
C VAL B 657 -10.85 9.28 -20.66
N SER B 658 -11.12 8.17 -21.34
CA SER B 658 -10.10 7.35 -21.98
C SER B 658 -9.99 7.76 -23.45
N THR B 659 -9.10 8.70 -23.73
CA THR B 659 -8.79 9.06 -25.13
C THR B 659 -7.31 9.18 -25.42
N HIS B 660 -6.44 9.27 -24.42
CA HIS B 660 -5.00 9.15 -24.60
C HIS B 660 -4.47 7.82 -24.08
N SER B 661 -5.36 6.91 -23.70
CA SER B 661 -4.99 5.69 -22.98
C SER B 661 -4.29 4.72 -23.92
N PHE B 662 -2.98 4.64 -23.79
CA PHE B 662 -2.17 3.68 -24.54
C PHE B 662 -1.54 2.69 -23.57
N ARG B 663 -0.98 1.63 -24.13
CA ARG B 663 -0.26 0.61 -23.36
C ARG B 663 1.16 0.54 -23.88
N THR B 664 2.12 0.71 -22.97
CA THR B 664 3.51 0.55 -23.36
C THR B 664 3.84 -0.92 -23.59
N ARG B 665 4.92 -1.17 -24.32
CA ARG B 665 5.27 -2.53 -24.69
C ARG B 665 5.85 -3.28 -23.50
N SER B 666 5.83 -4.60 -23.60
CA SER B 666 6.30 -5.45 -22.51
C SER B 666 7.82 -5.54 -22.51
N ASN B 667 8.35 -6.36 -21.61
CA ASN B 667 9.79 -6.51 -21.48
C ASN B 667 10.30 -7.54 -22.50
N ARG B 668 11.57 -7.90 -22.39
CA ARG B 668 12.20 -8.80 -23.35
C ARG B 668 12.82 -10.04 -22.72
N THR B 669 13.16 -10.01 -21.43
CA THR B 669 13.75 -11.15 -20.75
C THR B 669 12.70 -11.98 -20.01
N LEU B 670 11.42 -11.73 -20.26
CA LEU B 670 10.36 -12.53 -19.66
C LEU B 670 10.12 -13.85 -20.40
N LEU B 671 10.70 -14.01 -21.58
CA LEU B 671 10.50 -15.21 -22.39
C LEU B 671 11.82 -15.89 -22.74
N ASN B 672 12.87 -15.59 -22.00
CA ASN B 672 14.19 -16.19 -22.23
C ASN B 672 14.75 -16.92 -21.02
N THR B 673 14.18 -16.73 -19.84
CA THR B 673 14.61 -17.45 -18.64
C THR B 673 13.85 -18.77 -18.54
N ASP B 674 13.92 -19.41 -17.38
CA ASP B 674 13.27 -20.69 -17.16
C ASP B 674 11.80 -20.56 -16.77
N MET B 675 11.28 -19.34 -16.60
CA MET B 675 9.91 -19.12 -16.14
C MET B 675 9.01 -18.63 -17.25
N ARG B 676 9.24 -19.13 -18.47
CA ARG B 676 8.45 -18.74 -19.64
C ARG B 676 7.07 -19.38 -19.61
N ALA B 677 7.02 -20.66 -19.26
CA ALA B 677 5.78 -21.43 -19.26
C ALA B 677 4.77 -20.91 -18.25
N MET B 678 5.22 -20.23 -17.19
CA MET B 678 4.29 -19.59 -16.26
C MET B 678 3.59 -18.41 -16.92
N ALA B 679 4.31 -17.65 -17.76
CA ALA B 679 3.68 -16.61 -18.56
C ALA B 679 2.72 -17.21 -19.58
N LEU B 680 3.04 -18.40 -20.10
CA LEU B 680 2.05 -19.14 -20.88
C LEU B 680 0.82 -19.50 -20.03
N GLU B 681 1.02 -19.81 -18.75
CA GLU B 681 -0.11 -20.17 -17.88
C GLU B 681 -0.98 -18.95 -17.60
N GLU B 682 -0.40 -17.77 -17.43
CA GLU B 682 -1.24 -16.59 -17.27
C GLU B 682 -1.91 -16.19 -18.57
N LYS B 683 -1.30 -16.54 -19.71
CA LYS B 683 -2.00 -16.39 -20.98
C LYS B 683 -3.22 -17.29 -21.04
N ARG B 684 -3.09 -18.54 -20.57
CA ARG B 684 -4.23 -19.46 -20.53
C ARG B 684 -5.31 -18.97 -19.57
N TYR B 685 -4.90 -18.42 -18.42
CA TYR B 685 -5.86 -17.90 -17.45
C TYR B 685 -6.61 -16.70 -18.02
N GLN B 686 -5.92 -15.83 -18.76
CA GLN B 686 -6.60 -14.71 -19.39
C GLN B 686 -7.54 -15.17 -20.50
N VAL B 687 -7.20 -16.26 -21.19
CA VAL B 687 -8.10 -16.82 -22.20
C VAL B 687 -9.38 -17.34 -21.55
N VAL B 688 -9.25 -18.10 -20.46
CA VAL B 688 -10.42 -18.67 -19.79
C VAL B 688 -11.28 -17.58 -19.16
N CYS B 689 -10.64 -16.56 -18.57
CA CYS B 689 -11.37 -15.43 -18.03
C CYS B 689 -12.04 -14.61 -19.13
N ASN B 690 -11.44 -14.57 -20.33
CA ASN B 690 -12.12 -13.94 -21.46
C ASN B 690 -13.33 -14.75 -21.91
N MET B 691 -13.26 -16.09 -21.78
CA MET B 691 -14.43 -16.89 -22.13
C MET B 691 -15.55 -16.70 -21.11
N TYR B 692 -15.21 -16.65 -19.82
CA TYR B 692 -16.22 -16.43 -18.79
C TYR B 692 -16.80 -15.02 -18.88
N ARG B 693 -15.99 -14.06 -19.32
CA ARG B 693 -16.52 -12.75 -19.68
C ARG B 693 -17.41 -12.83 -20.92
N SER B 694 -17.13 -13.74 -21.84
CA SER B 694 -17.94 -13.88 -23.04
C SER B 694 -19.26 -14.59 -22.79
N VAL B 695 -19.40 -15.26 -21.64
CA VAL B 695 -20.64 -15.95 -21.33
C VAL B 695 -21.56 -15.05 -20.51
N PHE B 696 -21.09 -14.62 -19.34
CA PHE B 696 -21.85 -13.70 -18.50
C PHE B 696 -21.52 -12.27 -18.91
N GLU B 697 -22.52 -11.57 -19.45
CA GLU B 697 -22.30 -10.22 -19.95
C GLU B 697 -22.14 -9.19 -18.84
N SER B 698 -22.59 -9.50 -17.62
CA SER B 698 -22.40 -8.63 -16.45
C SER B 698 -21.83 -9.47 -15.31
N ALA B 699 -20.51 -9.59 -15.28
CA ALA B 699 -19.82 -10.40 -14.29
C ALA B 699 -18.82 -9.63 -13.45
N ASP B 700 -18.29 -8.50 -13.94
CA ASP B 700 -17.34 -7.71 -13.18
C ASP B 700 -18.01 -6.76 -12.20
N VAL B 701 -19.34 -6.72 -12.16
CA VAL B 701 -20.04 -5.84 -11.24
C VAL B 701 -20.27 -6.58 -9.92
N ASN B 702 -20.89 -7.74 -9.99
CA ASN B 702 -21.18 -8.55 -8.82
C ASN B 702 -20.14 -9.64 -8.67
N THR B 703 -19.85 -10.01 -7.43
CA THR B 703 -18.89 -11.06 -7.14
C THR B 703 -19.46 -12.43 -7.55
N PRO B 704 -18.82 -13.15 -8.45
CA PRO B 704 -19.41 -14.41 -8.98
C PRO B 704 -19.27 -15.60 -8.02
N ILE B 705 -20.19 -15.69 -7.06
CA ILE B 705 -20.20 -16.80 -6.12
C ILE B 705 -20.80 -18.03 -6.79
N GLY B 706 -20.50 -19.19 -6.22
CA GLY B 706 -20.98 -20.46 -6.73
C GLY B 706 -19.93 -21.53 -6.50
N SER B 707 -20.38 -22.79 -6.45
CA SER B 707 -19.48 -23.86 -6.06
C SER B 707 -19.60 -25.14 -6.89
N MET B 708 -20.16 -25.07 -8.10
CA MET B 708 -20.29 -26.29 -8.88
C MET B 708 -19.15 -26.53 -9.88
N SER B 709 -18.98 -25.64 -10.85
CA SER B 709 -17.96 -25.64 -11.90
C SER B 709 -18.15 -24.37 -12.71
N MET B 710 -17.21 -24.11 -13.60
CA MET B 710 -17.35 -23.00 -14.53
C MET B 710 -17.95 -23.41 -15.87
N GLY B 711 -17.52 -24.54 -16.43
CA GLY B 711 -17.97 -24.92 -17.76
C GLY B 711 -19.40 -25.41 -17.81
N GLU B 712 -19.88 -26.01 -16.73
CA GLU B 712 -21.26 -26.48 -16.71
C GLU B 712 -22.25 -25.33 -16.57
N ALA B 713 -21.85 -24.25 -15.90
CA ALA B 713 -22.66 -23.04 -15.89
C ALA B 713 -22.64 -22.35 -17.25
N ILE B 714 -21.54 -22.49 -17.98
CA ILE B 714 -21.46 -21.99 -19.35
C ILE B 714 -22.41 -22.75 -20.26
N GLU B 715 -22.33 -24.09 -20.23
CA GLU B 715 -23.16 -24.91 -21.10
C GLU B 715 -24.63 -24.81 -20.75
N ALA B 716 -24.96 -24.84 -19.45
CA ALA B 716 -26.35 -24.66 -19.03
C ALA B 716 -26.85 -23.25 -19.29
N LYS B 717 -25.95 -22.26 -19.31
CA LYS B 717 -26.38 -20.90 -19.60
C LYS B 717 -26.64 -20.70 -21.10
N ILE B 718 -25.80 -21.30 -21.95
CA ILE B 718 -26.04 -21.24 -23.39
C ILE B 718 -27.29 -22.05 -23.76
N LEU B 719 -27.59 -23.12 -23.02
CA LEU B 719 -28.86 -23.81 -23.24
C LEU B 719 -30.04 -23.01 -22.71
N ASP B 720 -29.85 -22.27 -21.62
CA ASP B 720 -30.94 -21.49 -21.04
C ASP B 720 -31.30 -20.31 -21.94
N ARG B 721 -30.31 -19.52 -22.36
CA ARG B 721 -30.57 -18.45 -23.30
C ARG B 721 -30.83 -18.97 -24.70
N ALA B 722 -30.46 -20.22 -24.98
CA ALA B 722 -30.84 -20.83 -26.25
C ALA B 722 -32.30 -21.21 -26.27
N ARG B 723 -32.88 -21.56 -25.11
CA ARG B 723 -34.30 -21.83 -25.05
C ARG B 723 -35.12 -20.54 -24.97
N THR B 724 -34.66 -19.58 -24.15
CA THR B 724 -35.37 -18.31 -24.00
C THR B 724 -35.30 -17.50 -25.29
N GLN B 725 -34.13 -17.42 -25.91
CA GLN B 725 -34.01 -16.82 -27.23
C GLN B 725 -34.49 -17.76 -28.34
N PHE B 726 -34.72 -19.03 -28.05
CA PHE B 726 -35.32 -19.93 -29.04
C PHE B 726 -36.79 -19.60 -29.24
N GLU B 727 -37.58 -19.69 -28.17
CA GLU B 727 -39.04 -19.61 -28.32
C GLU B 727 -39.54 -18.21 -28.64
N ASN B 728 -38.71 -17.19 -28.51
CA ASN B 728 -39.13 -15.80 -28.70
C ASN B 728 -38.10 -15.07 -29.56
N GLY B 729 -37.79 -15.64 -30.73
CA GLY B 729 -36.49 -15.37 -31.32
C GLY B 729 -36.15 -16.19 -32.54
N ILE B 730 -35.09 -16.98 -32.39
CA ILE B 730 -34.40 -17.71 -33.41
C ILE B 730 -35.32 -18.36 -34.35
N ILE B 731 -35.65 -19.58 -33.96
CA ILE B 731 -36.48 -20.48 -34.70
C ILE B 731 -35.80 -20.81 -36.01
N GLY B 732 -35.02 -21.88 -35.99
CA GLY B 732 -34.37 -22.46 -37.13
C GLY B 732 -33.72 -23.77 -36.73
N GLY B 733 -33.93 -24.84 -37.52
CA GLY B 733 -33.46 -26.15 -37.11
C GLY B 733 -31.97 -26.35 -37.25
N GLU B 734 -31.36 -25.73 -38.28
CA GLU B 734 -29.94 -25.92 -38.51
C GLU B 734 -29.10 -25.15 -37.50
N GLU B 735 -29.59 -23.98 -37.07
CA GLU B 735 -28.86 -23.19 -36.08
C GLU B 735 -28.94 -23.83 -34.70
N TYR B 736 -30.14 -24.22 -34.29
CA TYR B 736 -30.34 -24.84 -32.97
C TYR B 736 -29.70 -26.22 -32.92
N SER B 737 -29.80 -26.97 -34.01
CA SER B 737 -29.18 -28.30 -34.07
C SER B 737 -27.66 -28.21 -34.19
N GLU B 738 -27.14 -27.14 -34.80
CA GLU B 738 -25.70 -26.99 -34.91
C GLU B 738 -25.09 -26.53 -33.60
N ILE B 739 -25.75 -25.59 -32.90
CA ILE B 739 -25.29 -25.17 -31.59
C ILE B 739 -25.41 -26.31 -30.58
N LYS B 740 -26.50 -27.07 -30.65
CA LYS B 740 -26.67 -28.25 -29.82
C LYS B 740 -25.60 -29.30 -30.12
N ARG B 741 -25.23 -29.44 -31.39
CA ARG B 741 -24.19 -30.39 -31.77
C ARG B 741 -22.82 -29.95 -31.27
N LEU B 742 -22.55 -28.65 -31.29
CA LEU B 742 -21.26 -28.16 -30.79
C LEU B 742 -21.17 -28.21 -29.27
N ILE B 743 -22.29 -28.00 -28.57
CA ILE B 743 -22.31 -28.13 -27.12
C ILE B 743 -22.12 -29.59 -26.71
N GLU B 744 -22.78 -30.52 -27.42
CA GLU B 744 -22.64 -31.93 -27.08
C GLU B 744 -21.26 -32.47 -27.46
N ASP B 745 -20.70 -32.02 -28.59
CA ASP B 745 -19.36 -32.45 -28.97
C ASP B 745 -18.30 -31.85 -28.05
N ALA B 746 -18.51 -30.62 -27.59
CA ALA B 746 -17.59 -30.02 -26.63
C ALA B 746 -17.72 -30.66 -25.26
N LYS B 747 -18.91 -31.19 -24.93
CA LYS B 747 -19.10 -31.85 -23.65
C LYS B 747 -18.49 -33.24 -23.65
N ARG B 748 -18.64 -33.97 -24.76
CA ARG B 748 -17.96 -35.26 -24.90
C ARG B 748 -16.44 -35.07 -25.00
N GLN B 749 -15.99 -33.96 -25.58
CA GLN B 749 -14.57 -33.68 -25.63
C GLN B 749 -14.03 -33.30 -24.26
N ARG B 750 -14.82 -32.56 -23.47
CA ARG B 750 -14.38 -32.12 -22.16
C ARG B 750 -14.38 -33.28 -21.16
N LEU B 751 -15.39 -34.14 -21.23
CA LEU B 751 -15.48 -35.25 -20.29
C LEU B 751 -14.41 -36.31 -20.54
N SER B 752 -14.04 -36.50 -21.80
CA SER B 752 -13.00 -37.46 -22.15
C SER B 752 -11.62 -36.87 -21.90
N SER C 2 -27.44 -14.34 -33.54
CA SER C 2 -26.42 -15.19 -34.16
C SER C 2 -25.15 -15.24 -33.32
N LEU C 3 -25.25 -14.73 -32.08
CA LEU C 3 -24.09 -14.70 -31.19
C LEU C 3 -23.83 -16.06 -30.56
N LEU C 4 -24.88 -16.87 -30.39
CA LEU C 4 -24.71 -18.16 -29.73
C LEU C 4 -23.95 -19.15 -30.60
N LEU C 5 -24.01 -18.99 -31.92
CA LEU C 5 -23.18 -19.81 -32.80
C LEU C 5 -21.71 -19.44 -32.67
N THR C 6 -21.42 -18.14 -32.51
CA THR C 6 -20.05 -17.70 -32.30
C THR C 6 -19.53 -18.17 -30.93
N LEU C 7 -20.38 -18.11 -29.91
CA LEU C 7 -19.99 -18.62 -28.59
C LEU C 7 -19.83 -20.13 -28.61
N ALA C 8 -20.58 -20.83 -29.45
CA ALA C 8 -20.39 -22.27 -29.61
C ALA C 8 -19.08 -22.58 -30.32
N LYS C 9 -18.70 -21.76 -31.30
CA LYS C 9 -17.43 -21.95 -31.97
C LYS C 9 -16.25 -21.61 -31.06
N GLU C 10 -16.43 -20.65 -30.16
CA GLU C 10 -15.36 -20.31 -29.23
C GLU C 10 -15.24 -21.33 -28.11
N TYR C 11 -16.37 -21.83 -27.61
CA TYR C 11 -16.33 -22.84 -26.56
C TYR C 11 -15.82 -24.17 -27.09
N ALA C 12 -16.25 -24.55 -28.30
CA ALA C 12 -15.71 -25.74 -28.94
C ALA C 12 -14.26 -25.53 -29.36
N ASN C 13 -13.87 -24.30 -29.66
CA ASN C 13 -12.49 -24.01 -30.01
C ASN C 13 -11.57 -24.12 -28.78
N LEU C 14 -12.06 -23.70 -27.62
CA LEU C 14 -11.24 -23.75 -26.42
C LEU C 14 -11.27 -25.10 -25.73
N THR C 15 -12.31 -25.90 -25.95
CA THR C 15 -12.26 -27.29 -25.49
C THR C 15 -11.45 -28.19 -26.42
N LYS C 16 -10.98 -27.67 -27.56
CA LYS C 16 -10.12 -28.45 -28.44
C LYS C 16 -8.74 -28.66 -27.85
N ASP C 17 -8.28 -27.72 -27.01
CA ASP C 17 -6.95 -27.80 -26.41
C ASP C 17 -6.90 -28.93 -25.38
N LYS C 18 -5.72 -29.53 -25.24
CA LYS C 18 -5.55 -30.70 -24.40
C LYS C 18 -5.47 -30.31 -22.92
N LYS C 19 -4.47 -29.51 -22.56
CA LYS C 19 -4.23 -29.17 -21.16
C LYS C 19 -5.11 -28.04 -20.66
N SER C 20 -5.94 -27.44 -21.52
CA SER C 20 -6.89 -26.44 -21.06
C SER C 20 -8.16 -27.04 -20.48
N CYS C 21 -8.45 -28.30 -20.80
CA CYS C 21 -9.62 -28.97 -20.23
C CYS C 21 -9.45 -29.27 -18.75
N LYS C 22 -8.21 -29.37 -18.27
CA LYS C 22 -7.96 -29.54 -16.84
C LYS C 22 -8.13 -28.25 -16.06
N LEU C 23 -8.37 -27.13 -16.72
CA LEU C 23 -8.50 -25.84 -16.05
C LEU C 23 -9.97 -25.58 -15.69
N LEU C 24 -10.84 -25.53 -16.69
CA LEU C 24 -12.26 -25.39 -16.42
C LEU C 24 -12.86 -26.75 -16.10
N SER C 25 -14.03 -26.72 -15.47
CA SER C 25 -14.73 -27.89 -14.87
C SER C 25 -13.87 -28.61 -13.84
N GLN C 26 -12.92 -27.89 -13.23
CA GLN C 26 -12.12 -28.37 -12.12
C GLN C 26 -12.02 -27.38 -10.97
N GLY C 27 -12.18 -26.09 -11.24
CA GLY C 27 -12.31 -25.10 -10.20
C GLY C 27 -13.77 -24.78 -9.94
N THR C 28 -13.99 -23.69 -9.23
CA THR C 28 -15.33 -23.24 -8.87
C THR C 28 -15.65 -21.94 -9.59
N VAL C 29 -16.87 -21.44 -9.35
CA VAL C 29 -17.29 -20.18 -9.96
C VAL C 29 -16.53 -19.03 -9.34
N SER C 30 -16.32 -19.06 -8.01
CA SER C 30 -15.61 -18.00 -7.32
C SER C 30 -14.13 -17.95 -7.66
N SER C 31 -13.55 -19.08 -8.10
CA SER C 31 -12.13 -19.13 -8.45
C SER C 31 -11.78 -18.25 -9.65
N TYR C 32 -12.78 -17.87 -10.45
CA TYR C 32 -12.63 -16.83 -11.47
C TYR C 32 -12.00 -15.56 -10.91
N THR C 33 -12.38 -15.17 -9.70
CA THR C 33 -11.74 -14.02 -9.04
C THR C 33 -10.26 -14.27 -8.85
N THR C 34 -9.89 -15.43 -8.30
CA THR C 34 -8.47 -15.75 -8.21
C THR C 34 -7.94 -16.39 -9.50
N PHE C 35 -8.76 -16.45 -10.55
CA PHE C 35 -8.23 -16.59 -11.90
C PHE C 35 -7.97 -15.25 -12.55
N LYS C 36 -8.57 -14.17 -12.03
CA LYS C 36 -8.39 -12.87 -12.65
C LYS C 36 -7.00 -12.30 -12.36
N LYS C 37 -6.45 -12.59 -11.19
CA LYS C 37 -5.20 -11.98 -10.74
C LYS C 37 -4.11 -13.05 -10.74
N TRP C 38 -3.20 -12.97 -11.71
CA TRP C 38 -2.02 -13.80 -11.76
C TRP C 38 -0.81 -12.93 -12.10
N THR C 39 -0.74 -11.77 -11.45
CA THR C 39 0.30 -10.79 -11.71
C THR C 39 1.60 -11.30 -11.10
N THR C 40 2.45 -11.91 -11.94
CA THR C 40 3.71 -12.49 -11.46
C THR C 40 4.75 -11.43 -11.14
N SER C 41 4.56 -10.18 -11.56
CA SER C 41 5.40 -9.09 -11.09
C SER C 41 5.16 -8.84 -9.61
N ARG C 42 6.17 -8.32 -8.93
CA ARG C 42 6.08 -8.20 -7.48
C ARG C 42 5.15 -7.07 -7.06
N LYS C 43 5.53 -5.82 -7.36
CA LYS C 43 4.68 -4.68 -7.01
C LYS C 43 4.61 -3.59 -8.07
N GLU C 44 5.40 -3.67 -9.15
CA GLU C 44 5.71 -2.55 -10.04
C GLU C 44 6.10 -1.32 -9.21
N LYS C 45 7.22 -1.48 -8.49
CA LYS C 45 7.54 -0.59 -7.37
C LYS C 45 7.98 0.81 -7.81
N ASN C 46 8.33 1.00 -9.08
CA ASN C 46 8.72 2.30 -9.61
C ASN C 46 7.99 2.54 -10.92
N PRO C 47 6.74 3.00 -10.86
CA PRO C 47 5.97 3.19 -12.11
C PRO C 47 6.41 4.40 -12.92
N SER C 48 6.69 5.52 -12.27
CA SER C 48 7.12 6.72 -12.99
C SER C 48 8.55 6.58 -13.50
N LEU C 49 9.38 5.78 -12.81
CA LEU C 49 10.74 5.54 -13.25
C LEU C 49 10.77 4.72 -14.54
N ARG C 50 10.04 3.60 -14.56
CA ARG C 50 9.94 2.82 -15.78
C ARG C 50 9.09 3.50 -16.84
N MET C 51 8.27 4.49 -16.45
CA MET C 51 7.51 5.24 -17.44
C MET C 51 8.40 6.28 -18.14
N ARG C 52 9.31 6.92 -17.38
CA ARG C 52 10.28 7.81 -18.00
C ARG C 52 11.32 7.03 -18.79
N TRP C 53 11.68 5.85 -18.32
CA TRP C 53 12.50 4.95 -19.14
C TRP C 53 11.74 4.45 -20.37
N ALA C 54 10.41 4.41 -20.32
CA ALA C 54 9.64 4.00 -21.48
C ALA C 54 9.59 5.12 -22.52
N MET C 55 9.33 6.35 -22.08
CA MET C 55 9.15 7.46 -23.01
C MET C 55 10.46 7.95 -23.62
N GLY C 56 11.60 7.54 -23.08
CA GLY C 56 12.88 7.95 -23.63
C GLY C 56 13.31 7.22 -24.88
N SER C 57 12.63 6.14 -25.24
CA SER C 57 12.96 5.36 -26.43
C SER C 57 12.28 5.97 -27.65
N LYS C 58 12.31 5.26 -28.77
CA LYS C 58 11.74 5.76 -30.01
C LYS C 58 10.37 5.16 -30.32
N PHE C 59 10.17 3.86 -30.06
CA PHE C 59 8.88 3.22 -30.27
C PHE C 59 8.46 2.51 -28.98
N PRO C 60 7.83 3.22 -28.05
CA PRO C 60 7.44 2.59 -26.79
C PRO C 60 6.03 1.98 -26.81
N ILE C 61 5.23 2.34 -27.81
CA ILE C 61 3.79 2.12 -27.72
C ILE C 61 3.39 0.93 -28.60
N MET C 62 2.44 0.14 -28.12
CA MET C 62 1.81 -0.91 -28.92
C MET C 62 0.53 -0.35 -29.52
N ALA C 63 0.45 -0.36 -30.85
CA ALA C 63 -0.69 0.23 -31.55
C ALA C 63 -1.19 -0.71 -32.63
N ASN C 64 -2.49 -0.59 -32.94
CA ASN C 64 -3.09 -1.46 -33.95
C ASN C 64 -2.62 -1.05 -35.35
N ARG C 65 -2.58 -2.04 -36.24
CA ARG C 65 -2.05 -1.83 -37.59
C ARG C 65 -3.12 -1.39 -38.57
N GLU C 66 -4.23 -2.14 -38.65
CA GLU C 66 -5.21 -1.93 -39.71
C GLU C 66 -6.01 -0.64 -39.54
N ILE C 67 -6.09 -0.10 -38.33
CA ILE C 67 -6.77 1.17 -38.14
C ILE C 67 -5.85 2.33 -38.49
N LEU C 68 -4.58 2.23 -38.11
CA LEU C 68 -3.65 3.32 -38.34
C LEU C 68 -3.19 3.39 -39.80
N GLU C 69 -3.10 2.25 -40.49
CA GLU C 69 -2.71 2.27 -41.90
C GLU C 69 -3.84 2.71 -42.81
N GLU C 70 -5.07 2.84 -42.29
CA GLU C 70 -6.18 3.31 -43.09
C GLU C 70 -6.04 4.79 -43.43
N ALA C 71 -5.52 5.57 -42.50
CA ALA C 71 -5.42 7.02 -42.67
C ALA C 71 -4.01 7.56 -42.48
N GLY C 72 -3.19 6.92 -41.66
CA GLY C 72 -1.89 7.45 -41.30
C GLY C 72 -0.87 7.38 -42.44
N ILE C 73 0.29 7.95 -42.15
CA ILE C 73 1.39 8.13 -43.11
C ILE C 73 2.63 7.52 -42.47
N PRO C 74 3.49 6.82 -43.23
CA PRO C 74 4.66 6.15 -42.62
C PRO C 74 5.66 7.08 -41.94
N GLU C 75 6.02 8.20 -42.55
CA GLU C 75 6.92 9.16 -41.91
C GLU C 75 6.40 10.58 -42.17
N GLN C 76 6.67 11.47 -41.23
CA GLN C 76 6.21 12.85 -41.32
C GLN C 76 7.14 13.63 -42.25
N TRP C 77 6.96 14.95 -42.29
CA TRP C 77 7.60 15.77 -43.31
C TRP C 77 9.08 16.01 -43.05
N GLU C 78 9.60 15.71 -41.86
CA GLU C 78 11.03 15.83 -41.62
C GLU C 78 11.43 14.78 -40.57
N GLY C 79 11.82 13.60 -41.03
CA GLY C 79 12.48 12.58 -40.24
C GLY C 79 11.77 12.02 -39.02
N ILE C 80 10.51 12.37 -38.80
CA ILE C 80 9.80 11.93 -37.61
C ILE C 80 9.24 10.53 -37.87
N ASP C 81 9.79 9.53 -37.19
CA ASP C 81 9.37 8.16 -37.39
C ASP C 81 8.07 7.89 -36.64
N LEU C 82 7.16 7.16 -37.30
CA LEU C 82 5.86 6.85 -36.73
C LEU C 82 5.49 5.39 -36.86
N TRP C 83 6.39 4.54 -37.34
CA TRP C 83 6.04 3.18 -37.76
C TRP C 83 7.22 2.25 -37.57
N SER C 84 6.92 0.96 -37.41
CA SER C 84 7.91 -0.10 -37.33
C SER C 84 7.37 -1.30 -38.09
N LYS C 85 8.21 -2.35 -38.19
CA LYS C 85 7.80 -3.60 -38.82
C LYS C 85 8.12 -4.79 -37.93
N LYS C 86 8.30 -4.57 -36.63
CA LYS C 86 8.66 -5.63 -35.69
C LYS C 86 7.46 -5.99 -34.82
N ASP C 87 7.43 -7.23 -34.37
CA ASP C 87 6.36 -7.71 -33.50
C ASP C 87 6.91 -8.33 -32.24
N LEU C 92 0.40 -12.11 -32.87
CA LEU C 92 -0.62 -11.10 -33.12
C LEU C 92 -0.05 -9.95 -33.94
N GLY C 93 -0.89 -9.37 -34.80
CA GLY C 93 -0.47 -8.28 -35.66
C GLY C 93 -0.62 -6.90 -35.04
N MET C 94 0.25 -6.58 -34.09
CA MET C 94 0.24 -5.29 -33.42
C MET C 94 1.62 -4.65 -33.55
N VAL C 95 1.64 -3.38 -33.94
CA VAL C 95 2.84 -2.70 -34.43
C VAL C 95 3.23 -1.60 -33.44
N LEU C 96 4.51 -1.53 -33.12
CA LEU C 96 5.02 -0.50 -32.23
C LEU C 96 4.97 0.87 -32.90
N ALA C 97 4.88 1.92 -32.07
CA ALA C 97 4.73 3.28 -32.54
C ALA C 97 5.20 4.24 -31.45
N SER C 98 5.21 5.53 -31.80
CA SER C 98 5.69 6.73 -31.11
C SER C 98 4.53 7.64 -30.71
N PRO C 99 4.65 8.42 -29.63
CA PRO C 99 3.58 9.37 -29.28
C PRO C 99 3.46 10.56 -30.23
N ALA C 100 4.44 10.77 -31.12
CA ALA C 100 4.26 11.72 -32.21
C ALA C 100 3.14 11.28 -33.15
N ALA C 101 2.88 9.97 -33.22
CA ALA C 101 1.70 9.49 -33.94
C ALA C 101 0.42 9.71 -33.14
N ILE C 102 0.52 9.81 -31.81
CA ILE C 102 -0.64 10.15 -31.00
C ILE C 102 -1.04 11.61 -31.26
N THR C 103 -0.07 12.52 -31.17
CA THR C 103 -0.41 13.93 -31.43
C THR C 103 -0.65 14.18 -32.91
N TYR C 104 -0.07 13.37 -33.79
CA TYR C 104 -0.38 13.47 -35.21
C TYR C 104 -1.78 12.96 -35.51
N TRP C 105 -2.24 11.95 -34.77
CA TRP C 105 -3.63 11.54 -34.84
C TRP C 105 -4.54 12.63 -34.28
N ASN C 106 -4.07 13.33 -33.25
CA ASN C 106 -4.89 14.36 -32.61
C ASN C 106 -4.99 15.63 -33.43
N PHE C 107 -4.07 15.86 -34.37
CA PHE C 107 -4.15 17.05 -35.21
C PHE C 107 -4.38 16.78 -36.68
N CYS C 108 -4.04 15.59 -37.19
CA CYS C 108 -4.14 15.33 -38.62
C CYS C 108 -4.83 13.98 -38.85
N GLY C 109 -5.96 13.77 -38.17
CA GLY C 109 -6.68 12.54 -38.31
C GLY C 109 -8.16 12.73 -38.57
N PRO C 110 -8.88 11.65 -38.80
CA PRO C 110 -10.33 11.73 -39.01
C PRO C 110 -11.07 11.95 -37.71
N GLY C 111 -12.33 12.36 -37.84
CA GLY C 111 -13.15 12.67 -36.68
C GLY C 111 -14.56 12.15 -36.78
N VAL C 112 -15.09 11.63 -35.67
CA VAL C 112 -16.43 11.08 -35.61
C VAL C 112 -17.18 11.82 -34.50
N ASP C 113 -18.35 12.37 -34.85
CA ASP C 113 -19.13 13.17 -33.90
C ASP C 113 -19.78 12.25 -32.88
N ASN C 114 -19.35 12.38 -31.62
CA ASN C 114 -19.87 11.55 -30.53
C ASN C 114 -20.08 12.37 -29.26
N SER C 115 -20.47 13.64 -29.39
CA SER C 115 -20.56 14.52 -28.24
C SER C 115 -21.75 14.20 -27.34
N SER C 116 -22.80 13.58 -27.89
CA SER C 116 -23.97 13.25 -27.07
C SER C 116 -23.67 12.11 -26.12
N VAL C 117 -22.95 11.09 -26.59
CA VAL C 117 -22.62 9.94 -25.75
C VAL C 117 -21.64 10.36 -24.65
N ILE C 118 -20.64 11.17 -24.99
CA ILE C 118 -19.66 11.65 -24.03
C ILE C 118 -20.31 12.59 -23.02
N LYS C 119 -21.21 13.45 -23.49
CA LYS C 119 -21.95 14.31 -22.57
C LYS C 119 -23.14 13.60 -21.90
N ASP C 120 -23.31 12.28 -22.11
CA ASP C 120 -24.31 11.52 -21.37
C ASP C 120 -23.72 10.47 -20.43
N VAL C 121 -22.49 10.01 -20.66
CA VAL C 121 -21.88 9.06 -19.73
C VAL C 121 -21.46 9.76 -18.44
N TYR C 122 -20.91 10.96 -18.55
CA TYR C 122 -20.26 11.65 -17.43
C TYR C 122 -21.14 12.73 -16.82
N LYS C 123 -22.45 12.45 -16.67
CA LYS C 123 -23.41 13.44 -16.19
C LYS C 123 -23.12 13.94 -14.79
N ALA C 124 -22.50 13.11 -13.95
CA ALA C 124 -22.16 13.54 -12.59
C ALA C 124 -21.04 14.57 -12.60
N LYS C 125 -20.04 14.38 -13.45
CA LYS C 125 -18.89 15.27 -13.47
C LYS C 125 -19.21 16.59 -14.17
N PHE C 126 -19.98 16.54 -15.25
CA PHE C 126 -20.51 17.78 -15.83
C PHE C 126 -21.52 18.45 -14.92
N MET C 127 -22.20 17.69 -14.06
CA MET C 127 -23.01 18.31 -13.03
C MET C 127 -22.14 19.00 -11.99
N LYS C 128 -20.96 18.44 -11.71
CA LYS C 128 -20.02 19.08 -10.79
C LYS C 128 -19.48 20.38 -11.36
N LYS C 129 -19.13 20.39 -12.65
CA LYS C 129 -18.67 21.62 -13.29
C LYS C 129 -19.79 22.64 -13.41
N GLU C 130 -21.00 22.19 -13.70
CA GLU C 130 -22.14 23.09 -13.83
C GLU C 130 -22.52 23.71 -12.49
N ARG C 131 -22.38 22.96 -11.39
CA ARG C 131 -22.60 23.53 -10.07
C ARG C 131 -21.43 24.39 -9.62
N TRP C 132 -20.23 24.10 -10.13
CA TRP C 132 -19.05 24.89 -9.75
C TRP C 132 -19.01 26.24 -10.44
N ARG C 133 -19.50 26.33 -11.67
CA ARG C 133 -19.42 27.58 -12.40
C ARG C 133 -20.43 28.59 -11.88
N GLU C 134 -21.54 28.13 -11.30
CA GLU C 134 -22.66 28.98 -10.93
C GLU C 134 -22.70 29.29 -9.44
N THR C 135 -21.53 29.47 -8.82
CA THR C 135 -21.45 29.85 -7.41
C THR C 135 -20.70 31.15 -7.26
N LEU C 136 -20.89 31.81 -6.12
CA LEU C 136 -20.26 33.09 -5.84
C LEU C 136 -19.55 33.04 -4.49
N TRP C 137 -18.41 33.70 -4.39
CA TRP C 137 -17.56 33.70 -3.21
C TRP C 137 -17.51 35.10 -2.61
N GLY C 138 -16.68 35.27 -1.57
CA GLY C 138 -16.56 36.53 -0.90
C GLY C 138 -15.21 36.73 -0.24
N PRO C 139 -15.19 37.40 0.92
CA PRO C 139 -13.92 37.65 1.62
C PRO C 139 -13.54 36.50 2.53
N MET C 140 -12.30 36.55 3.02
CA MET C 140 -11.79 35.55 3.94
C MET C 140 -12.08 35.99 5.37
N ASN C 141 -11.67 35.17 6.34
CA ASN C 141 -11.95 35.50 7.73
C ASN C 141 -10.72 35.53 8.62
N PHE C 142 -9.75 34.63 8.39
CA PHE C 142 -8.52 34.49 9.17
C PHE C 142 -8.81 34.27 10.66
N GLU C 143 -9.45 33.14 10.94
CA GLU C 143 -9.88 32.82 12.28
C GLU C 143 -9.54 31.36 12.59
N LEU C 144 -9.48 31.04 13.89
CA LEU C 144 -9.27 29.67 14.32
C LEU C 144 -10.53 28.85 14.03
N VAL C 145 -10.33 27.67 13.42
CA VAL C 145 -11.45 26.81 13.03
C VAL C 145 -10.97 25.37 13.10
N GLY C 146 -11.91 24.44 13.28
CA GLY C 146 -11.59 23.04 13.38
C GLY C 146 -12.64 22.25 14.16
N LYS C 147 -12.95 21.06 13.69
CA LYS C 147 -13.99 20.23 14.32
C LYS C 147 -13.63 18.77 14.02
N GLN C 148 -14.46 17.84 14.51
CA GLN C 148 -14.14 16.42 14.46
C GLN C 148 -14.38 15.84 13.07
N ARG C 149 -14.24 14.52 12.96
CA ARG C 149 -14.39 13.81 11.70
C ARG C 149 -15.76 13.13 11.66
N ARG C 150 -16.44 13.24 10.52
CA ARG C 150 -17.79 12.73 10.37
C ARG C 150 -17.90 11.77 9.20
N VAL C 151 -19.06 11.17 9.06
CA VAL C 151 -19.42 10.34 7.91
C VAL C 151 -20.50 11.11 7.15
N VAL C 152 -20.12 11.71 6.02
CA VAL C 152 -20.99 12.62 5.30
C VAL C 152 -21.18 12.09 3.88
N GLU C 153 -22.44 12.11 3.42
CA GLU C 153 -22.74 11.86 2.01
C GLU C 153 -22.27 13.04 1.18
N THR C 154 -21.34 12.81 0.25
CA THR C 154 -20.78 13.89 -0.55
C THR C 154 -21.10 13.65 -2.02
N GLN C 155 -22.35 13.96 -2.42
CA GLN C 155 -22.83 14.17 -3.80
C GLN C 155 -24.28 14.63 -3.70
N PRO C 156 -24.71 15.60 -4.52
CA PRO C 156 -26.12 16.04 -4.47
C PRO C 156 -27.06 15.14 -5.29
N VAL C 157 -27.16 13.87 -4.89
CA VAL C 157 -28.05 12.93 -5.57
C VAL C 157 -29.47 13.08 -5.05
N GLU C 158 -30.43 12.47 -5.75
CA GLU C 158 -31.84 12.55 -5.41
C GLU C 158 -32.47 11.18 -5.16
N ILE C 159 -31.65 10.14 -4.97
CA ILE C 159 -32.15 8.77 -4.84
C ILE C 159 -31.68 8.19 -3.51
N LYS C 160 -30.38 8.34 -3.23
CA LYS C 160 -29.73 8.05 -1.95
C LYS C 160 -29.89 6.57 -1.54
N LEU C 161 -29.27 5.71 -2.33
CA LEU C 161 -29.16 4.30 -1.99
C LEU C 161 -27.86 4.06 -1.20
N ASN C 162 -27.77 2.87 -0.61
CA ASN C 162 -26.71 2.60 0.36
C ASN C 162 -25.84 1.42 -0.07
N GLN C 163 -25.42 1.43 -1.34
CA GLN C 163 -24.44 0.50 -1.93
C GLN C 163 -24.88 -0.97 -1.86
N LYS C 164 -26.17 -1.24 -1.65
CA LYS C 164 -26.66 -2.60 -1.56
C LYS C 164 -27.81 -2.80 -2.53
N GLU C 165 -28.63 -1.77 -2.68
CA GLU C 165 -29.64 -1.77 -3.74
C GLU C 165 -29.07 -1.42 -5.10
N ILE C 166 -27.80 -1.03 -5.17
CA ILE C 166 -27.18 -0.59 -6.41
C ILE C 166 -26.62 -1.76 -7.21
N LYS C 167 -25.88 -2.67 -6.56
CA LYS C 167 -25.40 -3.87 -7.24
C LYS C 167 -26.56 -4.78 -7.61
N GLU C 168 -27.48 -4.97 -6.67
CA GLU C 168 -28.72 -5.69 -6.95
C GLU C 168 -29.56 -4.97 -8.00
N LEU C 169 -29.53 -3.64 -8.00
CA LEU C 169 -30.30 -2.89 -8.99
C LEU C 169 -29.74 -3.07 -10.39
N THR C 170 -28.42 -3.03 -10.54
CA THR C 170 -27.82 -3.27 -11.85
C THR C 170 -27.95 -4.72 -12.28
N MET C 171 -28.07 -5.67 -11.33
CA MET C 171 -28.41 -7.03 -11.70
C MET C 171 -29.84 -7.13 -12.20
N TRP C 172 -30.77 -6.39 -11.58
CA TRP C 172 -32.15 -6.38 -12.00
C TRP C 172 -32.47 -5.29 -13.02
N VAL C 173 -31.45 -4.74 -13.70
CA VAL C 173 -31.67 -3.82 -14.81
C VAL C 173 -30.92 -4.30 -16.04
N LEU C 174 -29.62 -4.58 -15.88
CA LEU C 174 -28.80 -4.90 -17.04
C LEU C 174 -29.05 -6.31 -17.54
N PHE C 175 -28.81 -7.31 -16.71
CA PHE C 175 -28.85 -8.71 -17.13
C PHE C 175 -29.51 -9.51 -16.02
N GLU C 176 -30.79 -9.82 -16.19
CA GLU C 176 -31.60 -10.43 -15.16
C GLU C 176 -31.57 -11.96 -15.21
N ASP C 177 -30.83 -12.54 -16.14
CA ASP C 177 -30.83 -13.99 -16.30
C ASP C 177 -30.08 -14.70 -15.17
N GLU C 178 -29.13 -14.01 -14.55
CA GLU C 178 -28.36 -14.55 -13.43
C GLU C 178 -28.21 -13.49 -12.35
N ALA C 179 -29.30 -12.80 -12.04
CA ALA C 179 -29.21 -11.53 -11.32
C ALA C 179 -28.96 -11.73 -9.83
N ASN C 180 -29.92 -12.30 -9.12
CA ASN C 180 -29.88 -12.41 -7.66
C ASN C 180 -31.07 -13.27 -7.23
N LEU C 181 -30.99 -13.79 -6.01
CA LEU C 181 -32.18 -14.27 -5.34
C LEU C 181 -33.11 -13.09 -5.06
N ALA C 182 -34.40 -13.29 -5.30
CA ALA C 182 -35.36 -12.18 -5.29
C ALA C 182 -35.69 -11.73 -3.87
N SER C 183 -35.40 -10.47 -3.56
CA SER C 183 -35.54 -9.93 -2.21
C SER C 183 -36.81 -9.08 -2.09
N LYS C 184 -36.98 -8.46 -0.92
CA LYS C 184 -38.07 -7.52 -0.69
C LYS C 184 -37.71 -6.09 -1.01
N PHE C 185 -36.48 -5.82 -1.45
CA PHE C 185 -36.05 -4.47 -1.75
C PHE C 185 -36.45 -4.03 -3.15
N ILE C 186 -37.29 -4.79 -3.83
CA ILE C 186 -37.45 -4.68 -5.26
C ILE C 186 -38.56 -3.71 -5.65
N GLN C 187 -39.67 -3.67 -4.89
CA GLN C 187 -41.00 -3.21 -5.33
C GLN C 187 -41.02 -1.84 -6.03
N GLU C 188 -40.86 -0.76 -5.24
CA GLU C 188 -40.86 0.59 -5.81
C GLU C 188 -39.66 0.78 -6.70
N ASN C 189 -38.54 0.15 -6.33
CA ASN C 189 -37.37 0.13 -7.19
C ASN C 189 -37.60 -0.70 -8.46
N PHE C 190 -38.59 -1.60 -8.47
CA PHE C 190 -38.95 -2.32 -9.70
C PHE C 190 -39.78 -1.44 -10.62
N SER C 191 -40.61 -0.56 -10.05
CA SER C 191 -41.17 0.52 -10.86
C SER C 191 -40.05 1.38 -11.42
N LEU C 192 -39.03 1.65 -10.60
CA LEU C 192 -37.84 2.32 -11.10
C LEU C 192 -37.06 1.47 -12.10
N VAL C 193 -37.16 0.14 -12.02
CA VAL C 193 -36.58 -0.74 -13.04
C VAL C 193 -37.32 -0.57 -14.37
N LEU C 194 -38.64 -0.39 -14.30
CA LEU C 194 -39.39 -0.06 -15.51
C LEU C 194 -38.95 1.28 -16.11
N SER C 195 -38.70 2.28 -15.25
CA SER C 195 -38.23 3.56 -15.75
C SER C 195 -36.81 3.46 -16.31
N LEU C 196 -35.96 2.61 -15.74
CA LEU C 196 -34.60 2.46 -16.25
C LEU C 196 -34.56 1.60 -17.51
N ARG C 197 -35.46 0.62 -17.63
CA ARG C 197 -35.61 -0.16 -18.85
C ARG C 197 -36.31 0.61 -19.95
N GLU C 198 -36.92 1.75 -19.64
CA GLU C 198 -37.30 2.68 -20.69
C GLU C 198 -36.14 3.56 -21.15
N LEU C 199 -34.98 3.47 -20.51
CA LEU C 199 -33.81 4.27 -20.85
C LEU C 199 -32.67 3.46 -21.45
N TYR C 200 -32.25 2.38 -20.78
CA TYR C 200 -31.06 1.64 -21.18
C TYR C 200 -31.37 0.48 -22.12
N LYS C 201 -32.42 0.57 -22.93
CA LYS C 201 -32.74 -0.50 -23.85
C LYS C 201 -31.85 -0.45 -25.08
N GLY C 202 -31.98 0.59 -25.89
CA GLY C 202 -31.16 0.73 -27.08
C GLY C 202 -30.13 1.83 -27.01
N LYS C 203 -28.86 1.47 -26.78
CA LYS C 203 -27.75 2.40 -26.78
C LYS C 203 -26.52 1.72 -27.34
N ALA C 204 -25.58 2.52 -27.80
CA ALA C 204 -24.27 2.02 -28.19
C ALA C 204 -23.32 1.85 -27.01
N VAL C 205 -23.76 2.22 -25.81
CA VAL C 205 -22.91 2.13 -24.62
C VAL C 205 -22.80 0.68 -24.17
N ASN C 206 -21.57 0.22 -23.96
CA ASN C 206 -21.30 -1.12 -23.47
C ASN C 206 -21.81 -1.28 -22.04
N LYS C 207 -22.09 -2.53 -21.66
CA LYS C 207 -22.73 -2.82 -20.38
C LYS C 207 -21.83 -2.55 -19.18
N ASP C 208 -20.51 -2.61 -19.35
CA ASP C 208 -19.62 -2.24 -18.26
C ASP C 208 -19.63 -0.72 -18.06
N VAL C 209 -19.68 0.02 -19.16
CA VAL C 209 -19.77 1.48 -19.09
C VAL C 209 -21.16 1.90 -18.63
N ALA C 210 -22.19 1.12 -18.98
CA ALA C 210 -23.54 1.42 -18.52
C ALA C 210 -23.69 1.18 -17.02
N ALA C 211 -23.17 0.04 -16.54
CA ALA C 211 -23.14 -0.21 -15.11
C ALA C 211 -22.23 0.75 -14.36
N PHE C 212 -21.24 1.32 -15.05
CA PHE C 212 -20.43 2.38 -14.47
C PHE C 212 -21.25 3.67 -14.30
N MET C 213 -21.94 4.09 -15.37
CA MET C 213 -22.64 5.37 -15.34
C MET C 213 -23.94 5.33 -14.55
N ILE C 214 -24.48 4.15 -14.25
CA ILE C 214 -25.63 4.10 -13.35
C ILE C 214 -25.21 4.41 -11.93
N ALA C 215 -24.05 3.92 -11.50
CA ALA C 215 -23.62 4.00 -10.11
C ALA C 215 -23.10 5.39 -9.71
N HIS C 216 -23.18 6.40 -10.57
CA HIS C 216 -22.78 7.75 -10.20
C HIS C 216 -23.95 8.71 -10.07
N GLN C 217 -25.17 8.30 -10.42
CA GLN C 217 -26.35 9.11 -10.19
C GLN C 217 -27.21 8.57 -9.05
N PHE C 218 -26.85 7.42 -8.50
CA PHE C 218 -27.62 6.78 -7.44
C PHE C 218 -26.87 6.67 -6.12
N SER C 219 -25.57 6.93 -6.10
CA SER C 219 -24.73 6.61 -4.94
C SER C 219 -24.18 7.87 -4.29
N PRO C 220 -24.74 8.32 -3.16
CA PRO C 220 -24.09 9.38 -2.40
C PRO C 220 -22.83 8.86 -1.71
N GLU C 221 -21.67 9.33 -2.17
CA GLU C 221 -20.40 8.85 -1.63
C GLU C 221 -20.20 9.45 -0.24
N LYS C 222 -20.43 8.64 0.79
CA LYS C 222 -20.30 9.06 2.17
C LYS C 222 -18.93 8.65 2.68
N ARG C 223 -18.14 9.62 3.13
CA ARG C 223 -16.79 9.36 3.59
C ARG C 223 -16.61 9.93 4.99
N PHE C 224 -15.43 9.67 5.56
CA PHE C 224 -15.10 10.00 6.93
C PHE C 224 -14.11 11.17 6.89
N LEU C 225 -14.65 12.39 6.87
CA LEU C 225 -13.87 13.59 6.62
C LEU C 225 -14.07 14.61 7.74
N PRO C 226 -13.05 15.43 8.04
CA PRO C 226 -13.24 16.51 9.01
C PRO C 226 -14.11 17.63 8.46
N THR C 227 -15.30 17.81 9.02
CA THR C 227 -16.25 18.80 8.54
C THR C 227 -16.45 19.88 9.59
N PHE C 228 -16.94 21.03 9.14
CA PHE C 228 -17.26 22.14 10.04
C PHE C 228 -18.35 22.99 9.40
N GLY C 229 -19.12 23.66 10.26
CA GLY C 229 -20.25 24.44 9.80
C GLY C 229 -21.43 23.57 9.46
N PRO C 230 -22.20 23.96 8.44
CA PRO C 230 -23.33 23.14 8.00
C PRO C 230 -22.87 21.90 7.27
N ILE C 231 -23.76 20.91 7.23
CA ILE C 231 -23.41 19.57 6.74
C ILE C 231 -24.25 19.33 5.49
N ARG C 232 -24.50 20.39 4.71
CA ARG C 232 -25.20 20.23 3.45
C ARG C 232 -24.33 19.44 2.46
N PRO C 233 -24.93 18.51 1.71
CA PRO C 233 -24.13 17.69 0.78
C PRO C 233 -23.71 18.40 -0.50
N GLU C 234 -24.25 19.59 -0.78
CA GLU C 234 -23.84 20.33 -1.96
C GLU C 234 -22.47 20.96 -1.78
N ARG C 235 -22.13 21.36 -0.56
CA ARG C 235 -20.90 22.09 -0.27
C ARG C 235 -19.79 21.19 0.25
N MET C 236 -19.76 19.94 -0.21
CA MET C 236 -18.76 18.98 0.24
C MET C 236 -17.61 18.77 -0.74
N GLU C 237 -17.80 19.15 -2.01
CA GLU C 237 -16.63 19.44 -2.84
C GLU C 237 -16.08 20.82 -2.51
N LEU C 238 -16.91 21.67 -1.91
CA LEU C 238 -16.51 22.90 -1.24
C LEU C 238 -16.01 22.68 0.18
N LEU C 239 -15.58 21.48 0.54
CA LEU C 239 -15.00 21.29 1.87
C LEU C 239 -13.57 21.80 1.91
N HIS C 240 -12.72 21.34 0.99
CA HIS C 240 -11.33 21.72 0.99
C HIS C 240 -11.09 23.11 0.43
N CYS C 241 -12.04 23.66 -0.32
CA CYS C 241 -11.89 24.99 -0.89
C CYS C 241 -12.32 26.09 0.07
N LEU C 242 -13.24 25.79 0.99
CA LEU C 242 -13.81 26.82 1.84
C LEU C 242 -12.94 27.14 3.05
N GLY C 243 -12.33 26.13 3.65
CA GLY C 243 -11.57 26.38 4.86
C GLY C 243 -10.52 25.32 5.10
N GLY C 244 -9.47 25.74 5.80
CA GLY C 244 -8.41 24.85 6.23
C GLY C 244 -8.35 24.82 7.74
N ASP C 245 -7.15 24.99 8.30
CA ASP C 245 -6.99 25.02 9.75
C ASP C 245 -6.88 26.42 10.31
N PHE C 246 -6.29 27.36 9.57
CA PHE C 246 -6.04 28.71 10.07
C PHE C 246 -6.75 29.79 9.27
N TRP C 247 -7.68 29.42 8.39
CA TRP C 247 -8.33 30.40 7.52
C TRP C 247 -9.70 29.85 7.11
N LYS C 248 -10.55 30.77 6.65
CA LYS C 248 -11.91 30.42 6.25
C LYS C 248 -12.46 31.49 5.32
N ILE C 249 -13.07 31.04 4.22
CA ILE C 249 -13.70 31.93 3.25
C ILE C 249 -15.05 31.35 2.85
N GLU C 250 -16.13 32.03 3.24
CA GLU C 250 -17.48 31.63 2.84
C GLU C 250 -18.39 32.83 2.83
N ALA C 251 -18.98 33.12 1.67
CA ALA C 251 -20.02 34.14 1.54
C ALA C 251 -21.09 33.71 0.55
N VAL C 252 -21.38 32.41 0.47
CA VAL C 252 -22.28 31.87 -0.54
C VAL C 252 -23.70 32.29 -0.21
N THR C 253 -24.34 33.00 -1.14
CA THR C 253 -25.69 33.52 -0.91
C THR C 253 -26.75 32.46 -1.18
N ALA C 254 -26.78 31.96 -2.41
CA ALA C 254 -27.78 30.96 -2.80
C ALA C 254 -27.37 29.56 -2.36
#